data_9LF8
#
_entry.id   9LF8
#
_cell.length_a   177.378
_cell.length_b   177.378
_cell.length_c   90.100
_cell.angle_alpha   90.000
_cell.angle_beta   90.000
_cell.angle_gamma   90.000
#
_symmetry.space_group_name_H-M   'P 43'
#
loop_
_entity.id
_entity.type
_entity.pdbx_description
1 polymer 'mMM1-16 Fab light chain'
2 polymer 'Entry-fusion complex associated protein OPG095'
3 polymer 'mMM1-16 Fab heavy chain'
#
loop_
_entity_poly.entity_id
_entity_poly.type
_entity_poly.pdbx_seq_one_letter_code
_entity_poly.pdbx_strand_id
1 'polypeptide(L)'
;DIQMTQSPASLSASVGETVTITCRTSGNIHNYLAWYQQKQGRSPQLLVNNAKTLADGVPSRFSGSGSGTQYSLKINSLQP
EDIGSYYCQHFWITPYTFGGGTKLEIKRTVAAPSVFIFPPSDEQLKSGTASVVCLLNNFYPREAKVQWKVDNALQSGNSQ
ESVTEQDSKDSTYSLSSTLTLSKADYEKHKVYACEVTHQGLSSPVTKSFNRGECS
;
E,C,L,J
2 'polypeptide(L)'
;MGAAASIQTTVNTLSERISSKLEQEANASAQTKCDIEIGNFYIRQNHGCNITVKNMCSADADAQLDAVLSAATETYSGLT
PEQKAYVPAMFTAALNIQTSVNTVVRDFENYVKQTCNSSAVVDNKLKIQNVIIDECYGAPGSPTNLEFINTGSSKGNCAI
KALMQLTTKATTQIAPRQVAG
;
R,S,Q,T
3 'polypeptide(L)'
;QIQLQQSGAELARPGASVKLSCKASGYTFITYWIQWVKQRPGQGLEWIGAIYPGDGDTRYTQKFKAKATLTADKSSSTAY
MQLSTLTSEDSAVYFCAKGDTYPAAMDYWGQGTSVTVSSASTKGPSVFPLAPSSKSTSGGTAALGCLVKDYFPEPVTVSW
NSGALTSGVHTFPAVLQSSGLYSLSSVVTVPSSSLGTQTYICNVNHKPSNTKVDKRVEPKSCDKT
;
F,D,H,O
#
# COMPACT_ATOMS: atom_id res chain seq x y z
N ASP A 1 -25.66 8.59 -33.46
CA ASP A 1 -26.34 7.85 -32.39
C ASP A 1 -27.55 7.07 -32.92
N ILE A 2 -27.55 5.75 -32.68
CA ILE A 2 -28.61 4.90 -33.21
C ILE A 2 -29.86 5.01 -32.34
N GLN A 3 -30.99 5.24 -32.99
CA GLN A 3 -32.29 5.32 -32.34
C GLN A 3 -33.17 4.15 -32.78
N MET A 4 -34.05 3.73 -31.88
CA MET A 4 -34.77 2.46 -32.01
C MET A 4 -36.27 2.66 -31.77
N THR A 5 -37.03 2.57 -32.85
CA THR A 5 -38.48 2.59 -32.79
C THR A 5 -39.01 1.16 -32.81
N GLN A 6 -39.72 0.79 -31.75
CA GLN A 6 -40.28 -0.54 -31.61
C GLN A 6 -41.79 -0.42 -31.65
N SER A 7 -42.44 -1.28 -32.42
CA SER A 7 -43.88 -1.14 -32.64
C SER A 7 -44.52 -2.51 -32.73
N PRO A 8 -45.70 -2.69 -32.14
CA PRO A 8 -46.49 -1.69 -31.42
C PRO A 8 -46.04 -1.58 -29.96
N ALA A 9 -46.60 -0.69 -29.14
CA ALA A 9 -46.27 -0.71 -27.71
C ALA A 9 -47.19 -1.60 -26.91
N SER A 10 -48.31 -2.03 -27.50
CA SER A 10 -49.19 -3.00 -26.88
C SER A 10 -49.73 -3.94 -27.95
N LEU A 11 -50.02 -5.16 -27.55
CA LEU A 11 -50.66 -6.09 -28.46
C LEU A 11 -51.56 -6.98 -27.63
N SER A 12 -52.74 -7.26 -28.17
CA SER A 12 -53.58 -8.34 -27.68
C SER A 12 -53.75 -9.37 -28.78
N ALA A 13 -53.90 -10.61 -28.35
CA ALA A 13 -54.11 -11.68 -29.31
C ALA A 13 -54.60 -12.91 -28.55
N SER A 14 -55.24 -13.80 -29.31
CA SER A 14 -55.79 -15.04 -28.79
C SER A 14 -54.73 -16.12 -28.81
N VAL A 15 -54.87 -17.09 -27.89
CA VAL A 15 -53.96 -18.21 -27.88
C VAL A 15 -53.83 -18.76 -29.28
N GLY A 16 -52.59 -19.06 -29.69
CA GLY A 16 -52.33 -19.67 -30.96
C GLY A 16 -52.21 -18.72 -32.13
N GLU A 17 -52.69 -17.48 -31.99
CA GLU A 17 -52.49 -16.53 -33.07
C GLU A 17 -50.99 -16.23 -33.24
N THR A 18 -50.65 -15.67 -34.39
CA THR A 18 -49.27 -15.26 -34.57
C THR A 18 -49.15 -13.76 -34.36
N VAL A 19 -48.00 -13.37 -33.81
CA VAL A 19 -47.78 -12.05 -33.28
C VAL A 19 -46.43 -11.56 -33.79
N THR A 20 -46.36 -10.28 -34.17
CA THR A 20 -45.12 -9.71 -34.70
C THR A 20 -44.83 -8.39 -34.03
N ILE A 21 -43.56 -8.20 -33.64
CA ILE A 21 -43.08 -6.96 -33.07
C ILE A 21 -41.97 -6.47 -33.99
N THR A 22 -42.01 -5.20 -34.35
CA THR A 22 -41.02 -4.63 -35.25
C THR A 22 -40.15 -3.63 -34.49
N CYS A 23 -38.85 -3.65 -34.82
CA CYS A 23 -37.86 -2.69 -34.36
C CYS A 23 -37.30 -1.97 -35.59
N ARG A 24 -37.25 -0.64 -35.52
CA ARG A 24 -36.76 0.19 -36.62
C ARG A 24 -35.61 1.06 -36.14
N THR A 25 -34.52 1.07 -36.91
CA THR A 25 -33.29 1.79 -36.58
C THR A 25 -33.09 3.04 -37.43
N SER A 26 -32.43 4.04 -36.85
CA SER A 26 -32.05 5.22 -37.62
C SER A 26 -30.97 4.91 -38.65
N GLY A 27 -30.03 4.01 -38.34
CA GLY A 27 -29.02 3.59 -39.29
C GLY A 27 -29.11 2.10 -39.54
N ASN A 28 -28.34 1.64 -40.51
CA ASN A 28 -28.13 0.21 -40.65
C ASN A 28 -27.34 -0.30 -39.43
N ILE A 29 -27.79 -1.39 -38.83
CA ILE A 29 -27.10 -1.98 -37.69
C ILE A 29 -26.59 -3.39 -38.00
N HIS A 30 -26.67 -3.81 -39.26
CA HIS A 30 -26.00 -4.99 -39.76
C HIS A 30 -26.23 -6.21 -38.87
N ASN A 31 -27.44 -6.28 -38.33
CA ASN A 31 -27.95 -7.45 -37.63
C ASN A 31 -27.27 -7.66 -36.29
N TYR A 32 -26.72 -6.59 -35.74
CA TYR A 32 -26.22 -6.61 -34.36
C TYR A 32 -27.38 -6.18 -33.48
N LEU A 33 -28.24 -7.15 -33.18
CA LEU A 33 -29.50 -6.86 -32.52
C LEU A 33 -29.96 -8.04 -31.69
N ALA A 34 -30.39 -7.77 -30.46
CA ALA A 34 -30.94 -8.77 -29.55
C ALA A 34 -32.41 -8.47 -29.24
N TRP A 35 -33.18 -9.52 -28.96
CA TRP A 35 -34.51 -9.39 -28.37
C TRP A 35 -34.49 -9.98 -26.97
N TYR A 36 -35.19 -9.32 -26.06
CA TYR A 36 -35.31 -9.80 -24.69
C TYR A 36 -36.77 -9.94 -24.32
N GLN A 37 -37.04 -10.82 -23.38
CA GLN A 37 -38.37 -10.96 -22.84
C GLN A 37 -38.29 -10.66 -21.35
N GLN A 38 -39.26 -9.89 -20.83
CA GLN A 38 -39.26 -9.58 -19.40
C GLN A 38 -40.62 -9.93 -18.83
N LYS A 39 -40.61 -10.86 -17.88
CA LYS A 39 -41.82 -11.27 -17.20
C LYS A 39 -41.89 -10.53 -15.87
N GLN A 40 -43.09 -10.47 -15.31
CA GLN A 40 -43.37 -9.42 -14.36
C GLN A 40 -42.45 -9.54 -13.16
N GLY A 41 -41.71 -8.46 -12.91
CA GLY A 41 -40.79 -8.45 -11.80
C GLY A 41 -39.77 -9.56 -11.91
N ARG A 42 -39.09 -9.62 -13.05
CA ARG A 42 -37.99 -10.53 -13.28
C ARG A 42 -36.95 -9.79 -14.10
N SER A 43 -35.77 -10.39 -14.23
CA SER A 43 -34.77 -9.85 -15.12
C SER A 43 -35.15 -10.12 -16.58
N PRO A 44 -34.77 -9.23 -17.48
CA PRO A 44 -34.82 -9.57 -18.91
C PRO A 44 -34.08 -10.87 -19.16
N GLN A 45 -34.59 -11.64 -20.14
CA GLN A 45 -33.99 -12.88 -20.60
C GLN A 45 -33.77 -12.77 -22.10
N LEU A 46 -32.59 -13.16 -22.57
CA LEU A 46 -32.29 -13.11 -23.99
C LEU A 46 -33.12 -14.13 -24.76
N LEU A 47 -33.81 -13.67 -25.82
CA LEU A 47 -34.57 -14.56 -26.69
C LEU A 47 -33.87 -14.87 -28.00
N VAL A 48 -33.41 -13.84 -28.70
CA VAL A 48 -32.86 -13.97 -30.04
C VAL A 48 -31.60 -13.14 -30.06
N ASN A 49 -30.56 -13.66 -30.69
CA ASN A 49 -29.31 -12.97 -30.72
C ASN A 49 -28.87 -12.83 -32.16
N ASN A 50 -28.12 -11.77 -32.44
CA ASN A 50 -27.68 -11.47 -33.80
C ASN A 50 -28.84 -11.51 -34.78
N ALA A 51 -29.96 -10.90 -34.38
CA ALA A 51 -31.13 -10.72 -35.23
C ALA A 51 -31.93 -12.00 -35.43
N LYS A 52 -31.28 -13.12 -35.80
CA LYS A 52 -31.96 -14.35 -36.22
C LYS A 52 -31.74 -15.55 -35.32
N THR A 53 -30.70 -15.57 -34.49
CA THR A 53 -30.32 -16.78 -33.75
C THR A 53 -31.08 -16.89 -32.43
N LEU A 54 -31.80 -17.99 -32.27
CA LEU A 54 -32.52 -18.26 -31.05
C LEU A 54 -31.55 -18.62 -29.92
N ALA A 55 -31.91 -18.24 -28.70
CA ALA A 55 -31.05 -18.53 -27.55
C ALA A 55 -31.39 -19.89 -26.95
N ASP A 56 -30.59 -20.31 -25.98
CA ASP A 56 -30.73 -21.64 -25.40
C ASP A 56 -31.95 -21.74 -24.51
N GLY A 57 -32.73 -22.79 -24.70
CA GLY A 57 -33.96 -23.00 -23.96
C GLY A 57 -35.17 -22.28 -24.49
N VAL A 58 -35.06 -21.51 -25.58
CA VAL A 58 -36.15 -20.68 -26.08
C VAL A 58 -36.98 -21.48 -27.08
N PRO A 59 -38.30 -21.54 -26.89
CA PRO A 59 -39.12 -22.44 -27.71
C PRO A 59 -39.27 -22.01 -29.16
N SER A 60 -39.67 -22.98 -29.97
CA SER A 60 -39.55 -22.89 -31.42
C SER A 60 -40.49 -21.87 -32.04
N ARG A 61 -41.54 -21.45 -31.32
CA ARG A 61 -42.47 -20.45 -31.79
C ARG A 61 -41.89 -19.03 -31.82
N PHE A 62 -40.70 -18.81 -31.26
CA PHE A 62 -40.02 -17.54 -31.35
C PHE A 62 -39.12 -17.54 -32.59
N SER A 63 -39.22 -16.49 -33.38
CA SER A 63 -38.37 -16.33 -34.56
C SER A 63 -37.96 -14.88 -34.70
N GLY A 64 -36.79 -14.65 -35.27
CA GLY A 64 -36.31 -13.29 -35.54
C GLY A 64 -35.81 -13.15 -36.96
N SER A 65 -36.15 -12.02 -37.59
CA SER A 65 -35.83 -11.76 -38.99
C SER A 65 -35.43 -10.29 -39.13
N GLY A 66 -34.82 -9.93 -40.24
CA GLY A 66 -34.45 -8.53 -40.42
C GLY A 66 -33.17 -8.31 -41.23
N SER A 67 -33.06 -7.09 -41.76
CA SER A 67 -32.01 -6.73 -42.70
C SER A 67 -31.15 -5.62 -42.11
N GLY A 68 -31.36 -4.38 -42.51
CA GLY A 68 -30.46 -3.31 -42.14
C GLY A 68 -31.08 -2.38 -41.13
N THR A 69 -32.25 -1.84 -41.45
CA THR A 69 -32.96 -0.92 -40.57
C THR A 69 -34.26 -1.48 -40.01
N GLN A 70 -34.63 -2.72 -40.35
CA GLN A 70 -35.95 -3.27 -40.02
C GLN A 70 -35.79 -4.71 -39.56
N TYR A 71 -36.10 -4.94 -38.28
CA TYR A 71 -35.94 -6.25 -37.65
C TYR A 71 -37.26 -6.61 -37.00
N SER A 72 -37.55 -7.93 -36.89
CA SER A 72 -38.83 -8.38 -36.35
C SER A 72 -38.68 -9.62 -35.49
N LEU A 73 -39.38 -9.61 -34.34
CA LEU A 73 -39.58 -10.80 -33.51
C LEU A 73 -41.00 -11.30 -33.72
N LYS A 74 -41.12 -12.52 -34.23
CA LYS A 74 -42.41 -13.13 -34.53
C LYS A 74 -42.68 -14.26 -33.55
N ILE A 75 -43.92 -14.34 -33.08
CA ILE A 75 -44.36 -15.48 -32.26
C ILE A 75 -45.49 -16.15 -33.02
N ASN A 76 -45.18 -17.18 -33.82
CA ASN A 76 -46.29 -18.00 -34.27
C ASN A 76 -46.86 -18.70 -33.05
N SER A 77 -48.13 -19.03 -33.08
CA SER A 77 -48.74 -19.81 -31.99
C SER A 77 -48.59 -19.17 -30.60
N LEU A 78 -49.15 -17.99 -30.43
CA LEU A 78 -48.99 -17.27 -29.16
C LEU A 78 -49.49 -18.09 -27.96
N GLN A 79 -48.66 -18.19 -26.91
CA GLN A 79 -49.01 -18.91 -25.68
C GLN A 79 -49.22 -17.98 -24.47
N PRO A 80 -50.01 -18.42 -23.48
CA PRO A 80 -50.21 -17.56 -22.30
C PRO A 80 -48.96 -17.36 -21.47
N GLU A 81 -48.00 -18.30 -21.49
CA GLU A 81 -46.71 -18.08 -20.86
C GLU A 81 -45.92 -16.96 -21.51
N ASP A 82 -46.35 -16.46 -22.68
CA ASP A 82 -45.59 -15.44 -23.38
C ASP A 82 -45.94 -14.01 -22.93
N ILE A 83 -46.95 -13.86 -22.05
CA ILE A 83 -47.32 -12.56 -21.48
C ILE A 83 -46.10 -11.86 -20.90
N GLY A 84 -45.92 -10.59 -21.25
CA GLY A 84 -44.84 -9.82 -20.67
C GLY A 84 -44.45 -8.68 -21.58
N SER A 85 -43.31 -8.08 -21.27
CA SER A 85 -42.76 -7.03 -22.13
C SER A 85 -41.58 -7.59 -22.92
N TYR A 86 -41.46 -7.12 -24.17
CA TYR A 86 -40.40 -7.51 -25.09
C TYR A 86 -39.65 -6.25 -25.53
N TYR A 87 -38.33 -6.31 -25.49
CA TYR A 87 -37.48 -5.20 -25.89
C TYR A 87 -36.48 -5.64 -26.96
N CYS A 88 -36.17 -4.74 -27.88
CA CYS A 88 -35.00 -4.94 -28.72
C CYS A 88 -33.82 -4.13 -28.20
N GLN A 89 -32.64 -4.44 -28.73
CA GLN A 89 -31.40 -3.78 -28.34
C GLN A 89 -30.37 -3.95 -29.45
N HIS A 90 -29.80 -2.85 -29.89
CA HIS A 90 -28.75 -2.90 -30.90
C HIS A 90 -27.38 -2.90 -30.23
N PHE A 91 -26.41 -3.59 -30.84
CA PHE A 91 -25.02 -3.51 -30.42
C PHE A 91 -24.12 -3.25 -31.62
N TRP A 92 -24.59 -2.42 -32.54
CA TRP A 92 -23.82 -2.08 -33.73
C TRP A 92 -22.65 -1.18 -33.38
N ILE A 93 -22.85 -0.23 -32.48
CA ILE A 93 -21.81 0.70 -32.09
C ILE A 93 -22.18 1.34 -30.76
N THR A 94 -21.24 1.35 -29.82
CA THR A 94 -21.44 2.10 -28.60
C THR A 94 -21.79 3.55 -28.92
N PRO A 95 -22.75 4.15 -28.22
CA PRO A 95 -23.49 3.64 -27.07
C PRO A 95 -24.66 2.72 -27.47
N TYR A 96 -24.96 1.74 -26.62
CA TYR A 96 -26.04 0.82 -26.91
C TYR A 96 -27.35 1.43 -26.45
N THR A 97 -28.40 1.25 -27.25
CA THR A 97 -29.72 1.76 -26.90
C THR A 97 -30.71 0.61 -26.98
N PHE A 98 -31.82 0.74 -26.25
CA PHE A 98 -32.90 -0.24 -26.26
C PHE A 98 -34.07 0.24 -27.11
N GLY A 99 -35.10 -0.59 -27.20
CA GLY A 99 -36.38 -0.21 -27.73
C GLY A 99 -37.34 0.22 -26.63
N GLY A 100 -38.46 0.80 -27.05
CA GLY A 100 -39.42 1.29 -26.09
C GLY A 100 -40.12 0.18 -25.34
N GLY A 101 -40.32 -0.97 -25.98
CA GLY A 101 -40.94 -2.10 -25.35
C GLY A 101 -42.33 -2.40 -25.90
N THR A 102 -42.65 -3.69 -25.98
CA THR A 102 -43.97 -4.14 -26.36
C THR A 102 -44.56 -4.93 -25.20
N LYS A 103 -45.80 -4.60 -24.82
CA LYS A 103 -46.52 -5.31 -23.76
C LYS A 103 -47.50 -6.28 -24.43
N LEU A 104 -47.21 -7.57 -24.31
CA LEU A 104 -48.04 -8.62 -24.87
C LEU A 104 -49.11 -9.03 -23.85
N GLU A 105 -50.37 -9.06 -24.29
CA GLU A 105 -51.48 -9.55 -23.46
C GLU A 105 -52.34 -10.49 -24.29
N ILE A 106 -53.13 -11.32 -23.62
CA ILE A 106 -53.92 -12.34 -24.28
C ILE A 106 -55.41 -12.03 -24.20
N LYS A 107 -56.08 -12.07 -25.36
CA LYS A 107 -57.53 -12.10 -25.42
C LYS A 107 -58.03 -13.50 -25.07
N ARG A 108 -59.01 -13.58 -24.18
CA ARG A 108 -59.66 -14.84 -23.87
C ARG A 108 -61.15 -14.58 -23.65
N THR A 109 -61.87 -15.65 -23.30
CA THR A 109 -63.29 -15.53 -23.04
C THR A 109 -63.52 -14.79 -21.74
N VAL A 110 -64.70 -14.15 -21.66
CA VAL A 110 -65.11 -13.37 -20.50
C VAL A 110 -65.23 -14.29 -19.29
N ALA A 111 -64.72 -13.84 -18.14
CA ALA A 111 -64.71 -14.64 -16.92
C ALA A 111 -65.11 -13.76 -15.76
N ALA A 112 -66.03 -14.24 -14.95
CA ALA A 112 -66.58 -13.42 -13.87
C ALA A 112 -65.68 -13.47 -12.65
N PRO A 113 -65.62 -12.37 -11.88
CA PRO A 113 -64.87 -12.39 -10.63
C PRO A 113 -65.48 -13.36 -9.64
N SER A 114 -64.63 -14.01 -8.86
CA SER A 114 -65.03 -14.58 -7.59
C SER A 114 -64.72 -13.54 -6.52
N VAL A 115 -65.72 -13.21 -5.69
CA VAL A 115 -65.59 -12.14 -4.71
C VAL A 115 -65.52 -12.73 -3.30
N PHE A 116 -64.55 -12.25 -2.52
CA PHE A 116 -64.39 -12.60 -1.13
C PHE A 116 -64.18 -11.31 -0.37
N ILE A 117 -64.51 -11.32 0.92
CA ILE A 117 -64.39 -10.14 1.76
C ILE A 117 -63.76 -10.56 3.08
N PHE A 118 -62.98 -9.64 3.67
CA PHE A 118 -62.23 -9.95 4.86
C PHE A 118 -62.46 -8.88 5.92
N PRO A 119 -62.70 -9.28 7.16
CA PRO A 119 -62.93 -8.31 8.23
C PRO A 119 -61.62 -7.87 8.86
N PRO A 120 -61.49 -6.58 9.21
CA PRO A 120 -60.25 -6.10 9.84
C PRO A 120 -59.85 -7.02 10.97
N SER A 121 -58.71 -7.68 10.85
CA SER A 121 -58.28 -8.62 11.87
C SER A 121 -58.14 -7.91 13.22
N ASP A 122 -58.30 -8.70 14.28
CA ASP A 122 -58.27 -8.16 15.64
C ASP A 122 -56.97 -7.40 15.92
N GLU A 123 -55.83 -7.94 15.45
CA GLU A 123 -54.54 -7.32 15.72
C GLU A 123 -54.45 -5.92 15.14
N GLN A 124 -54.98 -5.74 13.92
CA GLN A 124 -55.01 -4.41 13.32
C GLN A 124 -55.90 -3.47 14.13
N LEU A 125 -57.05 -3.97 14.59
CA LEU A 125 -57.96 -3.17 15.41
C LEU A 125 -57.27 -2.71 16.69
N LYS A 126 -56.51 -3.61 17.34
CA LYS A 126 -55.72 -3.26 18.52
C LYS A 126 -54.79 -2.08 18.25
N SER A 127 -54.27 -1.96 17.03
CA SER A 127 -53.35 -0.89 16.65
C SER A 127 -54.07 0.34 16.08
N GLY A 128 -55.34 0.53 16.43
CA GLY A 128 -56.09 1.70 15.98
C GLY A 128 -56.18 1.83 14.47
N THR A 129 -56.22 0.71 13.74
CA THR A 129 -56.37 0.71 12.29
C THR A 129 -57.36 -0.37 11.90
N ALA A 130 -58.18 -0.09 10.90
CA ALA A 130 -59.20 -1.03 10.45
C ALA A 130 -59.20 -1.03 8.93
N SER A 131 -58.57 -2.05 8.34
CA SER A 131 -58.58 -2.26 6.90
C SER A 131 -59.52 -3.41 6.58
N VAL A 132 -60.44 -3.16 5.65
CA VAL A 132 -61.34 -4.19 5.16
C VAL A 132 -60.99 -4.43 3.69
N VAL A 133 -60.87 -5.70 3.33
CA VAL A 133 -60.28 -6.10 2.06
C VAL A 133 -61.32 -6.83 1.22
N CYS A 134 -61.43 -6.45 -0.05
CA CYS A 134 -62.30 -7.11 -1.01
C CYS A 134 -61.41 -7.68 -2.12
N LEU A 135 -61.57 -8.98 -2.42
CA LEU A 135 -60.76 -9.67 -3.42
C LEU A 135 -61.61 -10.18 -4.58
N LEU A 136 -61.28 -9.76 -5.81
CA LEU A 136 -61.85 -10.34 -7.01
C LEU A 136 -60.82 -11.28 -7.61
N ASN A 137 -61.11 -12.57 -7.64
CA ASN A 137 -60.15 -13.56 -8.08
C ASN A 137 -60.51 -14.06 -9.49
N ASN A 138 -59.59 -13.82 -10.45
CA ASN A 138 -59.60 -14.45 -11.78
C ASN A 138 -60.76 -14.07 -12.67
N PHE A 139 -60.77 -12.84 -13.17
CA PHE A 139 -61.75 -12.36 -14.13
C PHE A 139 -61.01 -11.99 -15.41
N TYR A 140 -61.68 -12.10 -16.57
CA TYR A 140 -60.80 -11.79 -17.69
C TYR A 140 -60.88 -10.31 -18.03
N PRO A 141 -62.00 -9.77 -18.57
CA PRO A 141 -61.94 -8.35 -18.96
C PRO A 141 -61.46 -7.59 -17.72
N ARG A 142 -60.35 -6.86 -17.87
CA ARG A 142 -59.67 -6.29 -16.71
C ARG A 142 -60.50 -5.19 -16.06
N GLU A 143 -61.34 -4.54 -16.85
CA GLU A 143 -62.29 -3.50 -16.42
C GLU A 143 -63.20 -4.00 -15.29
N ALA A 144 -63.09 -3.40 -14.10
CA ALA A 144 -63.85 -3.84 -12.95
C ALA A 144 -64.15 -2.64 -12.05
N LYS A 145 -65.22 -2.77 -11.25
CA LYS A 145 -65.65 -1.73 -10.34
C LYS A 145 -65.93 -2.35 -8.98
N VAL A 146 -65.22 -1.90 -7.96
CA VAL A 146 -65.53 -2.26 -6.58
C VAL A 146 -66.04 -1.01 -5.88
N GLN A 147 -67.30 -1.04 -5.44
CA GLN A 147 -67.90 0.03 -4.69
C GLN A 147 -67.98 -0.39 -3.23
N TRP A 148 -67.70 0.54 -2.33
CA TRP A 148 -67.71 0.26 -0.90
C TRP A 148 -68.96 0.85 -0.27
N LYS A 149 -69.67 0.04 0.52
CA LYS A 149 -70.91 0.45 1.19
C LYS A 149 -70.94 -0.20 2.58
N VAL A 150 -70.45 0.51 3.59
CA VAL A 150 -70.65 0.10 4.97
C VAL A 150 -71.81 0.93 5.50
N ASP A 151 -72.59 0.33 6.41
CA ASP A 151 -73.86 0.88 6.86
C ASP A 151 -74.69 1.39 5.68
N ASN A 152 -74.71 0.56 4.62
CA ASN A 152 -75.29 0.88 3.32
C ASN A 152 -75.04 2.32 2.88
N ALA A 153 -73.82 2.81 3.09
CA ALA A 153 -73.43 4.16 2.72
C ALA A 153 -72.25 4.08 1.76
N LEU A 154 -72.43 4.64 0.56
CA LEU A 154 -71.38 4.62 -0.47
C LEU A 154 -70.17 5.41 0.02
N GLN A 155 -69.14 4.70 0.46
CA GLN A 155 -67.92 5.33 0.92
C GLN A 155 -67.15 5.87 -0.28
N SER A 156 -66.30 6.88 -0.01
CA SER A 156 -65.59 7.57 -1.09
C SER A 156 -64.32 8.19 -0.55
N GLY A 157 -63.26 8.15 -1.35
CA GLY A 157 -61.98 8.69 -0.94
C GLY A 157 -61.30 7.97 0.21
N ASN A 158 -61.71 6.72 0.49
CA ASN A 158 -61.17 5.95 1.61
C ASN A 158 -60.74 4.55 1.20
N SER A 159 -60.76 4.24 -0.10
CA SER A 159 -60.42 2.93 -0.60
C SER A 159 -59.17 3.01 -1.48
N GLN A 160 -58.35 1.97 -1.41
CA GLN A 160 -57.24 1.82 -2.34
C GLN A 160 -57.34 0.44 -2.97
N GLU A 161 -57.00 0.36 -4.26
CA GLU A 161 -57.16 -0.87 -5.03
C GLU A 161 -55.90 -1.16 -5.83
N SER A 162 -55.78 -2.41 -6.27
CA SER A 162 -54.56 -2.95 -6.85
C SER A 162 -54.93 -4.14 -7.74
N VAL A 163 -54.45 -4.14 -8.99
CA VAL A 163 -54.67 -5.27 -9.89
C VAL A 163 -53.34 -5.99 -10.11
N THR A 164 -53.42 -7.26 -10.49
CA THR A 164 -52.25 -8.02 -10.92
C THR A 164 -52.14 -7.95 -12.43
N GLU A 165 -51.08 -8.54 -12.96
CA GLU A 165 -50.91 -8.80 -14.39
C GLU A 165 -51.56 -10.14 -14.74
N GLN A 166 -51.88 -10.32 -16.02
CA GLN A 166 -52.52 -11.55 -16.48
C GLN A 166 -51.80 -12.80 -15.95
N ASP A 167 -52.58 -13.76 -15.47
CA ASP A 167 -52.05 -15.04 -15.01
C ASP A 167 -51.72 -15.89 -16.21
N SER A 168 -50.50 -16.45 -16.26
CA SER A 168 -50.17 -17.30 -17.39
C SER A 168 -50.94 -18.61 -17.38
N LYS A 169 -51.43 -19.07 -16.25
CA LYS A 169 -52.13 -20.36 -16.23
C LYS A 169 -53.60 -20.22 -16.58
N ASP A 170 -54.21 -19.03 -16.41
CA ASP A 170 -55.60 -18.81 -16.78
C ASP A 170 -55.82 -17.67 -17.77
N SER A 171 -54.83 -16.81 -18.01
CA SER A 171 -55.02 -15.56 -18.73
C SER A 171 -55.96 -14.58 -18.02
N THR A 172 -56.17 -14.73 -16.70
CA THR A 172 -57.11 -13.87 -15.97
C THR A 172 -56.36 -12.82 -15.16
N TYR A 173 -57.13 -11.95 -14.49
CA TYR A 173 -56.61 -10.94 -13.59
C TYR A 173 -57.17 -11.16 -12.19
N SER A 174 -56.52 -10.54 -11.23
CA SER A 174 -57.01 -10.52 -9.86
C SER A 174 -56.97 -9.09 -9.35
N LEU A 175 -57.81 -8.80 -8.37
CA LEU A 175 -57.96 -7.44 -7.85
C LEU A 175 -58.11 -7.49 -6.34
N SER A 176 -57.55 -6.48 -5.67
CA SER A 176 -57.65 -6.32 -4.22
C SER A 176 -57.98 -4.87 -3.95
N SER A 177 -59.00 -4.64 -3.10
CA SER A 177 -59.34 -3.30 -2.65
C SER A 177 -59.38 -3.26 -1.13
N THR A 178 -58.88 -2.17 -0.58
CA THR A 178 -58.79 -1.97 0.85
C THR A 178 -59.61 -0.74 1.23
N LEU A 179 -60.31 -0.84 2.35
CA LEU A 179 -60.95 0.30 2.97
C LEU A 179 -60.34 0.47 4.36
N THR A 180 -59.84 1.68 4.64
CA THR A 180 -59.29 1.98 5.95
C THR A 180 -59.96 3.19 6.59
N ALA A 193 -69.60 -3.67 3.23
CA ALA A 193 -69.97 -4.35 1.98
C ALA A 193 -69.23 -3.80 0.76
N CYS A 194 -68.86 -4.68 -0.16
CA CYS A 194 -68.32 -4.29 -1.45
C CYS A 194 -69.22 -4.78 -2.58
N GLU A 195 -69.48 -3.88 -3.53
CA GLU A 195 -70.37 -4.12 -4.66
C GLU A 195 -69.52 -4.22 -5.92
N VAL A 196 -69.50 -5.41 -6.53
CA VAL A 196 -68.60 -5.73 -7.63
C VAL A 196 -69.36 -5.66 -8.94
N THR A 197 -68.86 -4.85 -9.88
CA THR A 197 -69.49 -4.67 -11.18
C THR A 197 -68.51 -5.08 -12.28
N HIS A 198 -68.93 -6.05 -13.10
CA HIS A 198 -68.08 -6.62 -14.12
C HIS A 198 -68.96 -7.21 -15.22
N GLN A 199 -68.46 -7.19 -16.46
CA GLN A 199 -69.24 -7.63 -17.61
C GLN A 199 -69.21 -9.15 -17.80
N GLY A 200 -69.15 -9.92 -16.70
CA GLY A 200 -69.31 -11.36 -16.77
C GLY A 200 -70.35 -11.79 -15.76
N LEU A 201 -70.80 -10.83 -14.96
CA LEU A 201 -71.92 -10.99 -14.04
C LEU A 201 -73.13 -10.20 -14.55
N SER A 202 -74.31 -10.62 -14.11
CA SER A 202 -75.53 -9.86 -14.42
C SER A 202 -75.74 -8.76 -13.37
N SER A 203 -76.29 -9.12 -12.20
CA SER A 203 -76.48 -8.13 -11.14
C SER A 203 -75.23 -8.04 -10.28
N PRO A 204 -74.70 -6.82 -10.05
CA PRO A 204 -73.45 -6.68 -9.29
C PRO A 204 -73.41 -7.46 -7.99
N VAL A 205 -72.56 -8.50 -7.95
CA VAL A 205 -72.45 -9.31 -6.75
C VAL A 205 -72.03 -8.43 -5.58
N THR A 206 -72.66 -8.63 -4.43
CA THR A 206 -72.36 -7.87 -3.23
C THR A 206 -72.10 -8.84 -2.08
N LYS A 207 -70.88 -8.79 -1.54
CA LYS A 207 -70.54 -9.54 -0.34
C LYS A 207 -70.33 -8.57 0.81
N SER A 208 -70.72 -8.98 2.01
CA SER A 208 -70.56 -8.13 3.21
C SER A 208 -70.39 -8.92 4.53
N ILE B 7 -1.17 -10.91 -61.65
CA ILE B 7 -2.14 -11.12 -60.58
C ILE B 7 -1.44 -11.15 -59.22
N GLN B 8 -0.65 -12.21 -58.98
CA GLN B 8 0.18 -12.24 -57.78
C GLN B 8 1.20 -11.10 -57.78
N THR B 9 1.67 -10.69 -58.96
CA THR B 9 2.54 -9.52 -59.05
C THR B 9 1.87 -8.30 -58.45
N THR B 10 0.58 -8.13 -58.72
CA THR B 10 -0.21 -7.10 -58.07
C THR B 10 -0.32 -7.31 -56.56
N VAL B 11 -0.50 -8.55 -56.13
CA VAL B 11 -0.63 -8.85 -54.71
C VAL B 11 0.65 -8.48 -53.97
N ASN B 12 1.81 -8.69 -54.62
CA ASN B 12 3.08 -8.36 -53.98
C ASN B 12 3.26 -6.87 -53.81
N THR B 13 2.93 -6.10 -54.85
CA THR B 13 2.94 -4.64 -54.72
C THR B 13 2.15 -4.21 -53.49
N LEU B 14 0.94 -4.77 -53.33
CA LEU B 14 0.08 -4.40 -52.22
C LEU B 14 0.76 -4.66 -50.88
N SER B 15 1.32 -5.86 -50.69
CA SER B 15 2.01 -6.16 -49.44
C SER B 15 3.23 -5.27 -49.25
N GLU B 16 3.96 -4.97 -50.33
CA GLU B 16 5.06 -4.02 -50.22
C GLU B 16 4.53 -2.65 -49.80
N ARG B 17 3.56 -2.13 -50.56
CA ARG B 17 3.04 -0.79 -50.28
C ARG B 17 2.41 -0.72 -48.89
N ILE B 18 1.75 -1.79 -48.44
CA ILE B 18 1.19 -1.74 -47.09
C ILE B 18 2.31 -1.69 -46.07
N SER B 19 3.37 -2.48 -46.28
CA SER B 19 4.48 -2.51 -45.31
C SER B 19 5.23 -1.20 -45.31
N SER B 20 5.42 -0.59 -46.48
CA SER B 20 6.09 0.71 -46.56
C SER B 20 5.23 1.81 -45.95
N LYS B 21 4.04 2.06 -46.54
CA LYS B 21 3.13 3.08 -46.00
C LYS B 21 2.92 2.93 -44.50
N LEU B 22 2.98 1.69 -43.99
CA LEU B 22 2.78 1.47 -42.56
C LEU B 22 4.01 1.88 -41.77
N GLU B 23 5.19 1.44 -42.18
CA GLU B 23 6.42 1.81 -41.48
C GLU B 23 6.65 3.32 -41.50
N GLN B 24 6.08 4.03 -42.49
CA GLN B 24 6.26 5.49 -42.62
C GLN B 24 5.24 6.26 -41.79
N GLU B 25 3.96 6.19 -42.18
CA GLU B 25 2.93 7.02 -41.53
C GLU B 25 2.60 6.50 -40.13
N ALA B 26 2.52 5.17 -39.96
CA ALA B 26 2.18 4.55 -38.69
C ALA B 26 3.41 4.16 -37.88
N ASN B 27 4.59 4.28 -38.46
CA ASN B 27 5.86 4.05 -37.77
C ASN B 27 5.82 2.71 -37.01
N ALA B 28 5.76 1.64 -37.79
CA ALA B 28 5.74 0.28 -37.28
C ALA B 28 6.96 -0.48 -37.80
N SER B 29 7.37 -1.48 -37.04
CA SER B 29 8.50 -2.32 -37.41
C SER B 29 8.14 -3.77 -37.14
N ALA B 30 8.87 -4.67 -37.79
CA ALA B 30 8.72 -6.09 -37.51
C ALA B 30 9.12 -6.47 -36.09
N GLN B 31 9.69 -5.55 -35.29
CA GLN B 31 10.07 -5.85 -33.92
C GLN B 31 9.21 -5.16 -32.88
N THR B 32 8.21 -4.40 -33.33
CA THR B 32 7.29 -3.72 -32.43
C THR B 32 6.35 -4.70 -31.75
N LYS B 33 6.05 -4.45 -30.48
CA LYS B 33 5.14 -5.32 -29.74
C LYS B 33 3.75 -5.33 -30.37
N CYS B 34 3.13 -6.50 -30.35
CA CYS B 34 1.80 -6.65 -30.94
C CYS B 34 0.78 -6.69 -29.81
N ASP B 35 -0.21 -5.80 -29.89
CA ASP B 35 -1.36 -5.93 -29.00
C ASP B 35 -2.22 -7.10 -29.42
N ILE B 36 -2.59 -7.14 -30.70
CA ILE B 36 -3.34 -8.25 -31.27
C ILE B 36 -2.40 -9.09 -32.12
N GLU B 37 -2.34 -10.37 -31.79
CA GLU B 37 -1.52 -11.31 -32.53
C GLU B 37 -2.40 -12.32 -33.22
N ILE B 38 -2.03 -12.65 -34.45
CA ILE B 38 -2.81 -13.57 -35.27
C ILE B 38 -2.58 -15.00 -34.80
N GLY B 39 -3.67 -15.74 -34.62
CA GLY B 39 -3.56 -17.08 -34.09
C GLY B 39 -3.37 -18.11 -35.19
N ASN B 40 -4.46 -18.41 -35.90
CA ASN B 40 -4.45 -19.36 -36.99
C ASN B 40 -5.04 -18.74 -38.24
N PHE B 41 -4.46 -19.08 -39.38
CA PHE B 41 -4.96 -18.69 -40.68
C PHE B 41 -5.44 -19.91 -41.44
N TYR B 42 -6.69 -19.88 -41.89
CA TYR B 42 -7.31 -20.99 -42.58
C TYR B 42 -7.82 -20.56 -43.95
N ILE B 43 -7.70 -21.47 -44.91
CA ILE B 43 -8.11 -21.32 -46.29
C ILE B 43 -9.32 -22.22 -46.59
N GLY B 48 -4.19 -24.24 -54.52
CA GLY B 48 -2.77 -23.97 -54.42
C GLY B 48 -2.30 -22.59 -53.91
N CYS B 49 -2.48 -22.34 -52.61
CA CYS B 49 -2.22 -21.03 -52.04
C CYS B 49 -1.33 -21.14 -50.81
N ASN B 50 -0.44 -20.16 -50.64
CA ASN B 50 0.58 -20.16 -49.60
C ASN B 50 0.37 -18.99 -48.64
N ILE B 51 -0.03 -19.32 -47.41
CA ILE B 51 -0.44 -18.33 -46.42
C ILE B 51 0.69 -18.11 -45.42
N THR B 52 1.06 -16.84 -45.21
CA THR B 52 2.05 -16.43 -44.21
C THR B 52 1.56 -15.15 -43.52
N VAL B 53 1.92 -14.99 -42.25
CA VAL B 53 1.53 -13.82 -41.48
C VAL B 53 2.79 -13.01 -41.15
N LYS B 54 2.75 -11.72 -41.44
CA LYS B 54 3.83 -10.79 -41.16
C LYS B 54 3.37 -9.79 -40.11
N ASN B 55 3.86 -9.91 -38.88
CA ASN B 55 3.64 -8.84 -37.89
C ASN B 55 4.36 -7.56 -38.31
N MET B 56 3.60 -6.50 -38.57
CA MET B 56 4.14 -5.16 -38.73
C MET B 56 3.40 -4.22 -37.78
N CYS B 57 3.55 -4.50 -36.49
CA CYS B 57 2.64 -4.00 -35.46
C CYS B 57 3.00 -2.60 -34.99
N SER B 58 2.00 -1.91 -34.47
CA SER B 58 2.19 -0.65 -33.79
C SER B 58 1.02 -0.51 -32.83
N ALA B 59 0.83 0.70 -32.27
CA ALA B 59 -0.19 0.92 -31.25
C ALA B 59 -1.19 2.02 -31.59
N ASP B 60 -1.19 2.58 -32.81
CA ASP B 60 -2.14 3.63 -33.15
C ASP B 60 -3.07 3.24 -34.30
N ALA B 61 -4.25 2.73 -33.97
CA ALA B 61 -5.11 2.06 -34.96
C ALA B 61 -5.46 2.97 -36.14
N ASP B 62 -5.94 4.18 -35.85
CA ASP B 62 -6.44 5.05 -36.93
C ASP B 62 -5.37 5.32 -37.96
N ALA B 63 -4.13 5.55 -37.52
CA ALA B 63 -3.02 5.74 -38.45
C ALA B 63 -2.79 4.51 -39.32
N GLN B 64 -2.85 3.32 -38.72
CA GLN B 64 -2.73 2.08 -39.50
C GLN B 64 -3.79 2.00 -40.59
N LEU B 65 -5.05 2.27 -40.25
CA LEU B 65 -6.13 2.18 -41.22
C LEU B 65 -5.93 3.16 -42.38
N ASP B 66 -5.41 4.34 -42.07
CA ASP B 66 -5.19 5.33 -43.12
C ASP B 66 -4.07 4.89 -44.06
N ALA B 67 -3.07 4.15 -43.55
CA ALA B 67 -1.96 3.73 -44.39
C ALA B 67 -2.34 2.55 -45.29
N VAL B 68 -3.09 1.59 -44.73
CA VAL B 68 -3.61 0.50 -45.53
C VAL B 68 -4.41 1.02 -46.71
N LEU B 69 -5.23 2.06 -46.50
CA LEU B 69 -6.07 2.58 -47.56
C LEU B 69 -5.27 3.35 -48.61
N SER B 70 -4.25 4.10 -48.19
CA SER B 70 -3.42 4.76 -49.19
C SER B 70 -2.61 3.75 -49.98
N ALA B 71 -2.23 2.63 -49.36
CA ALA B 71 -1.55 1.55 -50.08
C ALA B 71 -2.47 0.89 -51.10
N ALA B 72 -3.73 0.66 -50.73
CA ALA B 72 -4.68 0.05 -51.66
C ALA B 72 -5.09 1.04 -52.74
N THR B 73 -5.26 2.31 -52.38
CA THR B 73 -5.52 3.35 -53.36
C THR B 73 -4.40 3.40 -54.39
N GLU B 74 -3.15 3.51 -53.92
CA GLU B 74 -2.00 3.57 -54.84
C GLU B 74 -1.94 2.33 -55.72
N THR B 75 -2.07 1.16 -55.12
CA THR B 75 -2.03 -0.07 -55.90
C THR B 75 -3.15 -0.10 -56.94
N TYR B 76 -4.35 0.33 -56.55
CA TYR B 76 -5.45 0.35 -57.50
C TYR B 76 -5.18 1.34 -58.63
N SER B 77 -4.79 2.57 -58.29
CA SER B 77 -4.57 3.57 -59.33
C SER B 77 -3.47 3.12 -60.28
N GLY B 78 -2.39 2.54 -59.75
CA GLY B 78 -1.36 1.94 -60.58
C GLY B 78 -1.86 0.85 -61.52
N LEU B 79 -2.97 0.19 -61.18
CA LEU B 79 -3.49 -0.91 -61.98
C LEU B 79 -3.78 -0.47 -63.41
N THR B 80 -3.53 -1.36 -64.37
CA THR B 80 -3.77 -1.08 -65.78
C THR B 80 -5.27 -0.98 -66.07
N PRO B 81 -5.65 -0.37 -67.20
CA PRO B 81 -7.08 -0.32 -67.56
C PRO B 81 -7.75 -1.68 -67.54
N GLU B 82 -7.12 -2.71 -68.11
CA GLU B 82 -7.72 -4.04 -68.11
C GLU B 82 -7.84 -4.60 -66.69
N GLN B 83 -6.74 -4.55 -65.93
CA GLN B 83 -6.77 -5.05 -64.56
C GLN B 83 -7.85 -4.36 -63.74
N LYS B 84 -8.05 -3.05 -63.96
CA LYS B 84 -9.08 -2.32 -63.22
C LYS B 84 -10.46 -2.87 -63.55
N ALA B 85 -10.78 -2.98 -64.85
CA ALA B 85 -12.09 -3.47 -65.27
C ALA B 85 -12.48 -4.76 -64.58
N TYR B 86 -11.50 -5.56 -64.16
CA TYR B 86 -11.79 -6.82 -63.48
C TYR B 86 -12.15 -6.63 -62.01
N VAL B 87 -11.83 -5.48 -61.43
CA VAL B 87 -11.96 -5.28 -60.00
C VAL B 87 -13.43 -5.25 -59.55
N PRO B 88 -14.37 -4.61 -60.28
CA PRO B 88 -15.76 -4.57 -59.78
C PRO B 88 -16.33 -5.93 -59.42
N ALA B 89 -16.02 -6.98 -60.21
CA ALA B 89 -16.53 -8.31 -59.91
C ALA B 89 -16.07 -8.81 -58.54
N MET B 90 -14.85 -8.46 -58.11
CA MET B 90 -14.31 -8.98 -56.86
C MET B 90 -15.04 -8.41 -55.64
N PHE B 91 -15.50 -7.16 -55.73
CA PHE B 91 -16.22 -6.56 -54.61
C PHE B 91 -17.49 -7.33 -54.32
N THR B 92 -18.33 -7.50 -55.35
CA THR B 92 -19.56 -8.28 -55.20
C THR B 92 -19.27 -9.67 -54.64
N ALA B 93 -18.23 -10.32 -55.18
CA ALA B 93 -17.91 -11.67 -54.71
C ALA B 93 -17.40 -11.67 -53.27
N ALA B 94 -16.63 -10.65 -52.88
CA ALA B 94 -15.96 -10.67 -51.57
C ALA B 94 -16.71 -9.92 -50.49
N LEU B 95 -17.51 -8.92 -50.86
CA LEU B 95 -18.18 -8.07 -49.88
C LEU B 95 -19.68 -7.91 -50.12
N ASN B 96 -20.23 -8.60 -51.13
CA ASN B 96 -21.62 -8.46 -51.55
C ASN B 96 -21.98 -7.00 -51.75
N ILE B 97 -21.13 -6.31 -52.50
CA ILE B 97 -21.24 -4.87 -52.71
C ILE B 97 -20.86 -4.60 -54.16
N GLN B 98 -21.67 -3.79 -54.85
CA GLN B 98 -21.42 -3.45 -56.25
C GLN B 98 -20.76 -2.07 -56.33
N THR B 99 -20.06 -1.85 -57.44
CA THR B 99 -19.24 -0.65 -57.61
C THR B 99 -18.91 -0.50 -59.09
N SER B 100 -17.94 0.34 -59.40
CA SER B 100 -17.48 0.54 -60.76
C SER B 100 -16.08 1.14 -60.71
N VAL B 101 -15.38 1.07 -61.85
CA VAL B 101 -13.98 1.49 -61.92
C VAL B 101 -13.77 2.96 -61.56
N ASN B 102 -14.84 3.73 -61.40
CA ASN B 102 -14.71 5.13 -61.03
C ASN B 102 -15.19 5.41 -59.61
N THR B 103 -15.58 4.38 -58.87
CA THR B 103 -16.08 4.56 -57.51
C THR B 103 -15.56 3.49 -56.55
N VAL B 104 -14.81 2.50 -57.05
CA VAL B 104 -14.25 1.44 -56.20
C VAL B 104 -13.61 2.04 -54.96
N VAL B 105 -12.74 3.04 -55.15
CA VAL B 105 -11.98 3.57 -54.02
C VAL B 105 -12.91 4.09 -52.95
N ARG B 106 -13.76 5.08 -53.29
CA ARG B 106 -14.63 5.62 -52.26
C ARG B 106 -15.47 4.52 -51.61
N ASP B 107 -15.97 3.57 -52.41
CA ASP B 107 -16.80 2.49 -51.86
C ASP B 107 -16.01 1.61 -50.88
N PHE B 108 -14.79 1.25 -51.26
CA PHE B 108 -13.95 0.48 -50.35
C PHE B 108 -13.75 1.20 -49.02
N GLU B 109 -13.56 2.52 -49.04
CA GLU B 109 -13.32 3.25 -47.80
C GLU B 109 -14.57 3.44 -46.95
N ASN B 110 -15.77 3.50 -47.56
CA ASN B 110 -16.96 3.51 -46.70
C ASN B 110 -17.13 2.15 -46.06
N TYR B 111 -17.04 1.08 -46.87
CA TYR B 111 -17.12 -0.27 -46.32
C TYR B 111 -16.25 -0.39 -45.09
N VAL B 112 -14.99 0.04 -45.21
CA VAL B 112 -14.03 -0.09 -44.12
C VAL B 112 -14.41 0.81 -42.96
N LYS B 113 -14.68 2.09 -43.23
CA LYS B 113 -15.04 3.02 -42.17
C LYS B 113 -16.21 2.49 -41.37
N GLN B 114 -17.26 2.06 -42.07
CA GLN B 114 -18.42 1.46 -41.41
C GLN B 114 -18.02 0.21 -40.63
N THR B 115 -17.43 -0.78 -41.32
CA THR B 115 -17.13 -2.07 -40.70
C THR B 115 -16.09 -1.94 -39.60
N CYS B 116 -14.99 -1.26 -39.88
CA CYS B 116 -13.90 -1.31 -38.91
C CYS B 116 -14.11 -0.37 -37.74
N ASN B 117 -15.27 0.28 -37.66
CA ASN B 117 -15.63 1.07 -36.49
C ASN B 117 -16.87 0.53 -35.79
N SER B 118 -17.19 -0.73 -36.03
CA SER B 118 -18.26 -1.42 -35.35
C SER B 118 -17.81 -1.94 -34.00
N SER B 119 -18.75 -1.98 -33.06
CA SER B 119 -18.45 -2.45 -31.72
C SER B 119 -17.71 -3.78 -31.69
N ALA B 120 -17.99 -4.67 -32.64
CA ALA B 120 -17.30 -5.96 -32.71
C ALA B 120 -15.86 -5.84 -33.22
N VAL B 121 -15.50 -4.72 -33.82
CA VAL B 121 -14.12 -4.40 -34.13
C VAL B 121 -13.49 -3.64 -32.96
N VAL B 122 -13.93 -2.40 -32.73
CA VAL B 122 -13.18 -1.48 -31.88
C VAL B 122 -13.33 -1.77 -30.40
N ASP B 123 -14.40 -2.41 -29.95
CA ASP B 123 -14.55 -2.71 -28.53
C ASP B 123 -14.20 -4.15 -28.20
N ASN B 124 -13.62 -4.87 -29.15
CA ASN B 124 -13.29 -6.27 -28.95
C ASN B 124 -11.95 -6.38 -28.23
N LYS B 125 -11.98 -6.83 -26.98
CA LYS B 125 -10.78 -6.98 -26.17
C LYS B 125 -10.13 -8.37 -26.30
N LEU B 126 -10.30 -9.02 -27.45
CA LEU B 126 -9.72 -10.34 -27.68
C LEU B 126 -8.28 -10.19 -28.13
N LYS B 127 -7.35 -10.90 -27.47
CA LYS B 127 -5.93 -10.67 -27.75
C LYS B 127 -5.44 -11.44 -28.98
N ILE B 128 -5.89 -12.69 -29.15
CA ILE B 128 -5.48 -13.53 -30.28
C ILE B 128 -6.62 -13.57 -31.28
N GLN B 129 -6.33 -13.20 -32.53
CA GLN B 129 -7.35 -13.09 -33.57
C GLN B 129 -7.06 -14.14 -34.62
N ASN B 130 -8.12 -14.82 -35.06
CA ASN B 130 -8.01 -15.81 -36.12
C ASN B 130 -8.61 -15.22 -37.38
N VAL B 131 -8.00 -15.52 -38.52
CA VAL B 131 -8.49 -15.03 -39.79
C VAL B 131 -8.71 -16.23 -40.69
N ILE B 132 -9.90 -16.31 -41.26
CA ILE B 132 -10.32 -17.45 -42.06
C ILE B 132 -10.89 -16.93 -43.37
N ILE B 133 -10.52 -17.59 -44.47
CA ILE B 133 -10.94 -17.21 -45.81
C ILE B 133 -11.29 -18.49 -46.55
N ASP B 134 -12.38 -18.47 -47.34
CA ASP B 134 -12.86 -19.73 -47.92
C ASP B 134 -11.95 -20.23 -49.04
N GLU B 135 -11.87 -19.50 -50.15
CA GLU B 135 -11.26 -19.98 -51.39
C GLU B 135 -9.92 -19.31 -51.65
N CYS B 136 -9.09 -19.94 -52.49
CA CYS B 136 -7.82 -19.37 -52.94
C CYS B 136 -7.17 -20.30 -53.96
N TYR B 137 -6.64 -19.71 -55.04
CA TYR B 137 -5.93 -20.50 -56.06
C TYR B 137 -4.46 -20.06 -56.21
N PRO B 143 1.62 -20.93 -57.98
CA PRO B 143 1.47 -21.15 -56.53
C PRO B 143 1.46 -19.84 -55.73
N THR B 144 0.31 -19.17 -55.65
CA THR B 144 0.26 -17.81 -55.11
C THR B 144 0.61 -17.76 -53.62
N ASN B 145 1.51 -16.86 -53.25
CA ASN B 145 1.90 -16.63 -51.86
C ASN B 145 1.13 -15.42 -51.32
N LEU B 146 0.43 -15.63 -50.21
CA LEU B 146 -0.38 -14.59 -49.58
C LEU B 146 0.19 -14.23 -48.23
N GLU B 147 0.20 -12.94 -47.92
CA GLU B 147 0.81 -12.42 -46.71
C GLU B 147 -0.24 -11.62 -45.96
N PHE B 148 -0.52 -12.01 -44.72
CA PHE B 148 -1.37 -11.25 -43.82
C PHE B 148 -0.49 -10.35 -42.97
N ILE B 149 -0.62 -9.04 -43.14
CA ILE B 149 0.14 -8.11 -42.33
C ILE B 149 -0.65 -7.86 -41.05
N ASN B 150 -0.18 -8.43 -39.95
CA ASN B 150 -0.81 -8.13 -38.67
C ASN B 150 -0.45 -6.71 -38.28
N THR B 151 -1.45 -5.82 -38.29
CA THR B 151 -1.24 -4.42 -37.93
C THR B 151 -1.20 -4.20 -36.43
N GLY B 152 -1.72 -5.13 -35.63
CA GLY B 152 -1.72 -4.96 -34.19
C GLY B 152 -3.00 -4.36 -33.61
N SER B 153 -3.92 -3.91 -34.44
CA SER B 153 -5.21 -3.44 -33.95
C SER B 153 -6.33 -4.19 -34.66
N SER B 154 -7.46 -4.38 -33.96
CA SER B 154 -8.64 -4.93 -34.61
C SER B 154 -9.11 -4.05 -35.76
N LYS B 155 -9.12 -2.72 -35.55
CA LYS B 155 -9.41 -1.81 -36.65
C LYS B 155 -8.44 -2.00 -37.81
N GLY B 156 -7.13 -2.03 -37.53
CA GLY B 156 -6.15 -2.17 -38.60
C GLY B 156 -6.26 -3.51 -39.32
N ASN B 157 -6.29 -4.59 -38.56
CA ASN B 157 -6.42 -5.91 -39.15
C ASN B 157 -7.76 -6.09 -39.84
N CYS B 158 -8.78 -5.34 -39.40
CA CYS B 158 -10.07 -5.41 -40.06
C CYS B 158 -9.96 -4.99 -41.52
N ALA B 159 -9.19 -3.94 -41.82
CA ALA B 159 -9.01 -3.53 -43.21
C ALA B 159 -8.08 -4.48 -43.98
N ILE B 160 -7.08 -5.04 -43.30
CA ILE B 160 -6.22 -6.06 -43.90
C ILE B 160 -7.05 -7.26 -44.34
N LYS B 161 -7.98 -7.69 -43.49
CA LYS B 161 -8.90 -8.78 -43.83
C LYS B 161 -9.78 -8.40 -45.01
N ALA B 162 -10.21 -7.14 -45.09
CA ALA B 162 -11.05 -6.76 -46.22
C ALA B 162 -10.28 -6.87 -47.54
N LEU B 163 -9.00 -6.47 -47.55
CA LEU B 163 -8.18 -6.56 -48.76
C LEU B 163 -7.87 -8.01 -49.09
N MET B 164 -7.64 -8.83 -48.07
CA MET B 164 -7.37 -10.24 -48.28
C MET B 164 -8.57 -10.96 -48.88
N GLN B 165 -9.79 -10.53 -48.57
CA GLN B 165 -10.95 -11.11 -49.21
C GLN B 165 -10.98 -10.77 -50.70
N LEU B 166 -10.67 -9.52 -51.06
CA LEU B 166 -10.65 -9.11 -52.46
C LEU B 166 -9.54 -9.80 -53.23
N THR B 167 -8.39 -9.98 -52.58
CA THR B 167 -7.25 -10.61 -53.23
C THR B 167 -7.54 -12.06 -53.59
N THR B 168 -8.15 -12.80 -52.66
CA THR B 168 -8.40 -14.23 -52.88
C THR B 168 -9.42 -14.44 -54.00
N LYS B 169 -10.59 -13.79 -53.90
CA LYS B 169 -11.60 -13.90 -54.94
C LYS B 169 -11.11 -13.27 -56.23
N ALA B 170 -9.91 -12.70 -56.21
CA ALA B 170 -9.25 -12.31 -57.43
C ALA B 170 -8.50 -13.48 -58.03
N THR B 171 -7.86 -14.29 -57.19
CA THR B 171 -7.18 -15.49 -57.67
C THR B 171 -8.14 -16.53 -58.11
N THR B 172 -9.43 -16.29 -58.25
CA THR B 172 -10.34 -17.28 -58.79
C THR B 172 -10.56 -17.10 -60.30
N GLN B 173 -9.73 -16.27 -60.96
CA GLN B 173 -9.69 -16.17 -62.42
C GLN B 173 -8.34 -16.66 -62.96
N GLN C 1 -24.97 -22.34 -13.97
CA GLN C 1 -23.52 -22.24 -14.13
C GLN C 1 -23.07 -20.80 -13.91
N ILE C 2 -23.32 -19.91 -14.89
CA ILE C 2 -23.02 -18.49 -14.74
C ILE C 2 -24.08 -17.84 -13.86
N GLN C 3 -23.63 -17.15 -12.80
CA GLN C 3 -24.50 -16.46 -11.86
C GLN C 3 -23.99 -15.06 -11.66
N LEU C 4 -24.87 -14.08 -11.77
CA LEU C 4 -24.55 -12.70 -11.38
C LEU C 4 -25.37 -12.36 -10.14
N GLN C 5 -24.68 -12.21 -9.02
CA GLN C 5 -25.29 -11.76 -7.78
C GLN C 5 -25.20 -10.24 -7.68
N GLN C 6 -26.28 -9.61 -7.26
CA GLN C 6 -26.35 -8.16 -7.12
C GLN C 6 -26.61 -7.83 -5.66
N SER C 7 -26.20 -6.61 -5.29
CA SER C 7 -26.41 -6.11 -3.95
C SER C 7 -27.91 -5.99 -3.64
N GLY C 8 -28.27 -6.14 -2.36
CA GLY C 8 -29.66 -6.14 -1.94
C GLY C 8 -30.28 -4.75 -2.01
N ALA C 9 -31.60 -4.73 -1.78
CA ALA C 9 -32.41 -3.51 -1.84
C ALA C 9 -31.89 -2.43 -0.91
N GLU C 10 -31.71 -1.22 -1.44
CA GLU C 10 -31.11 -0.11 -0.70
C GLU C 10 -32.07 1.06 -0.62
N LEU C 11 -32.01 1.80 0.49
CA LEU C 11 -32.63 3.09 0.64
C LEU C 11 -31.53 4.15 0.56
N ALA C 12 -31.61 5.04 -0.42
CA ALA C 12 -30.60 6.07 -0.60
C ALA C 12 -31.15 7.42 -0.15
N ARG C 13 -30.22 8.36 0.20
CA ARG C 13 -30.78 9.66 0.52
C ARG C 13 -30.65 10.60 -0.67
N PRO C 14 -31.57 11.57 -0.80
CA PRO C 14 -31.50 12.47 -1.96
C PRO C 14 -30.20 13.25 -1.94
N GLY C 15 -29.62 13.47 -3.14
CA GLY C 15 -28.39 14.21 -3.28
C GLY C 15 -27.14 13.56 -2.74
N ALA C 16 -27.25 12.40 -2.09
CA ALA C 16 -26.11 11.63 -1.65
C ALA C 16 -25.70 10.61 -2.71
N SER C 17 -25.15 9.45 -2.28
CA SER C 17 -24.42 8.51 -3.12
C SER C 17 -24.73 7.07 -2.69
N VAL C 18 -24.70 6.16 -3.67
CA VAL C 18 -24.91 4.73 -3.41
C VAL C 18 -24.02 3.93 -4.35
N LYS C 19 -23.52 2.79 -3.86
CA LYS C 19 -22.60 1.96 -4.62
C LYS C 19 -23.21 0.56 -4.79
N LEU C 20 -23.33 0.12 -6.04
CA LEU C 20 -23.96 -1.16 -6.36
C LEU C 20 -22.92 -2.17 -6.82
N SER C 21 -23.02 -3.40 -6.28
CA SER C 21 -22.03 -4.45 -6.50
C SER C 21 -22.64 -5.63 -7.28
N CYS C 22 -21.87 -6.13 -8.26
CA CYS C 22 -22.29 -7.24 -9.11
C CYS C 22 -21.22 -8.33 -9.09
N LYS C 23 -21.46 -9.38 -8.30
CA LYS C 23 -20.52 -10.46 -8.13
C LYS C 23 -20.74 -11.52 -9.22
N ALA C 24 -19.74 -11.68 -10.11
CA ALA C 24 -19.74 -12.71 -11.15
C ALA C 24 -19.22 -14.04 -10.64
N SER C 25 -19.77 -15.12 -11.21
CA SER C 25 -19.43 -16.48 -10.78
C SER C 25 -19.75 -17.46 -11.92
N GLY C 26 -18.80 -18.32 -12.23
CA GLY C 26 -19.01 -19.38 -13.20
C GLY C 26 -18.34 -19.17 -14.53
N TYR C 27 -17.42 -18.22 -14.65
CA TYR C 27 -16.75 -17.94 -15.90
C TYR C 27 -15.52 -17.11 -15.60
N THR C 28 -14.75 -16.81 -16.63
CA THR C 28 -13.58 -15.94 -16.45
C THR C 28 -14.04 -14.48 -16.46
N PHE C 29 -14.23 -13.91 -15.27
CA PHE C 29 -14.76 -12.56 -15.09
C PHE C 29 -13.89 -11.53 -15.79
N ILE C 30 -12.65 -11.89 -16.12
CA ILE C 30 -11.69 -10.92 -16.64
C ILE C 30 -11.67 -10.87 -18.16
N THR C 31 -12.40 -11.77 -18.83
CA THR C 31 -12.40 -11.82 -20.28
C THR C 31 -13.71 -11.35 -20.93
N TYR C 32 -14.75 -11.05 -20.13
CA TYR C 32 -16.05 -10.66 -20.67
C TYR C 32 -16.53 -9.32 -20.09
N TRP C 33 -17.02 -8.44 -20.97
CA TRP C 33 -17.55 -7.15 -20.55
C TRP C 33 -18.78 -7.31 -19.66
N ILE C 34 -18.94 -6.39 -18.71
CA ILE C 34 -20.13 -6.33 -17.87
C ILE C 34 -20.92 -5.09 -18.29
N GLN C 35 -22.25 -5.19 -18.27
CA GLN C 35 -23.11 -4.08 -18.67
C GLN C 35 -24.13 -3.78 -17.58
N TRP C 36 -24.61 -2.54 -17.58
CA TRP C 36 -25.52 -2.05 -16.57
C TRP C 36 -26.71 -1.38 -17.25
N VAL C 37 -27.90 -1.76 -16.81
CA VAL C 37 -29.14 -1.26 -17.38
C VAL C 37 -30.01 -0.76 -16.22
N LYS C 38 -30.72 0.34 -16.47
CA LYS C 38 -31.61 0.94 -15.49
C LYS C 38 -33.06 0.85 -15.98
N GLN C 39 -33.96 0.53 -15.07
CA GLN C 39 -35.39 0.52 -15.38
C GLN C 39 -36.12 1.30 -14.30
N ARG C 40 -36.62 2.48 -14.65
CA ARG C 40 -37.48 3.22 -13.73
C ARG C 40 -38.80 2.47 -13.58
N PRO C 41 -39.46 2.57 -12.43
CA PRO C 41 -40.62 1.71 -12.17
C PRO C 41 -41.71 1.90 -13.21
N GLY C 42 -42.16 0.79 -13.79
CA GLY C 42 -43.15 0.85 -14.85
C GLY C 42 -42.66 1.51 -16.12
N GLN C 43 -41.35 1.50 -16.38
CA GLN C 43 -40.83 2.11 -17.59
C GLN C 43 -39.95 1.11 -18.34
N GLY C 44 -39.32 1.56 -19.43
CA GLY C 44 -38.50 0.69 -20.25
C GLY C 44 -37.05 0.58 -19.80
N LEU C 45 -36.22 0.05 -20.70
CA LEU C 45 -34.84 -0.32 -20.37
C LEU C 45 -33.88 0.77 -20.80
N GLU C 46 -32.96 1.13 -19.91
CA GLU C 46 -31.96 2.15 -20.17
C GLU C 46 -30.55 1.55 -20.11
N TRP C 47 -29.78 1.72 -21.18
CA TRP C 47 -28.40 1.29 -21.19
C TRP C 47 -27.53 2.34 -20.50
N ILE C 48 -26.96 1.98 -19.36
CA ILE C 48 -26.08 2.91 -18.66
C ILE C 48 -24.69 2.90 -19.30
N GLY C 49 -24.04 1.75 -19.24
CA GLY C 49 -22.76 1.57 -19.91
C GLY C 49 -22.19 0.21 -19.58
N ALA C 50 -20.90 0.06 -19.86
CA ALA C 50 -20.24 -1.23 -19.72
C ALA C 50 -18.79 -1.04 -19.32
N ILE C 51 -18.28 -1.96 -18.49
CA ILE C 51 -16.88 -2.02 -18.10
C ILE C 51 -16.24 -3.34 -18.55
N TYR C 52 -14.94 -3.28 -18.93
CA TYR C 52 -14.17 -4.48 -19.26
C TYR C 52 -13.27 -4.83 -18.09
N PRO C 53 -13.65 -5.78 -17.23
CA PRO C 53 -12.92 -5.96 -15.96
C PRO C 53 -11.41 -6.12 -16.06
N GLY C 54 -10.89 -6.71 -17.14
CA GLY C 54 -9.46 -6.84 -17.30
C GLY C 54 -8.79 -5.48 -17.48
N ASP C 55 -8.79 -4.98 -18.71
CA ASP C 55 -8.39 -3.62 -19.03
C ASP C 55 -8.87 -2.61 -17.99
N GLY C 56 -10.13 -2.73 -17.56
CA GLY C 56 -10.81 -1.68 -16.83
C GLY C 56 -11.48 -0.67 -17.72
N ASP C 57 -11.52 -0.91 -19.03
CA ASP C 57 -12.08 0.03 -20.00
C ASP C 57 -13.58 0.20 -19.77
N THR C 58 -14.06 1.41 -20.03
CA THR C 58 -15.49 1.69 -19.88
C THR C 58 -16.02 2.37 -21.13
N ARG C 59 -17.32 2.13 -21.39
CA ARG C 59 -18.15 2.89 -22.32
C ARG C 59 -19.38 3.37 -21.56
N TYR C 60 -19.89 4.54 -21.92
CA TYR C 60 -20.99 5.15 -21.17
C TYR C 60 -22.00 5.75 -22.13
N THR C 61 -23.27 5.79 -21.70
CA THR C 61 -24.24 6.69 -22.32
C THR C 61 -24.02 8.10 -21.78
N GLN C 62 -24.19 9.11 -22.64
CA GLN C 62 -23.92 10.48 -22.23
C GLN C 62 -24.68 10.87 -20.95
N LYS C 63 -26.02 10.76 -20.98
CA LYS C 63 -26.86 11.04 -19.82
C LYS C 63 -26.25 10.58 -18.48
N PHE C 64 -25.72 9.36 -18.41
CA PHE C 64 -25.22 8.82 -17.14
C PHE C 64 -23.74 9.08 -16.89
N LYS C 65 -23.06 9.73 -17.83
CA LYS C 65 -21.62 9.97 -17.67
C LYS C 65 -21.33 10.82 -16.45
N ALA C 66 -22.31 11.55 -15.95
CA ALA C 66 -22.14 12.33 -14.74
C ALA C 66 -22.65 11.60 -13.49
N LYS C 67 -23.52 10.61 -13.68
CA LYS C 67 -24.26 10.02 -12.57
C LYS C 67 -23.66 8.73 -12.07
N ALA C 68 -22.98 7.99 -12.94
CA ALA C 68 -22.60 6.61 -12.69
C ALA C 68 -21.14 6.38 -13.05
N THR C 69 -20.41 5.73 -12.14
CA THR C 69 -19.01 5.38 -12.33
C THR C 69 -18.86 3.88 -12.21
N LEU C 70 -18.40 3.24 -13.29
CA LEU C 70 -18.25 1.79 -13.37
C LEU C 70 -16.83 1.39 -13.00
N THR C 71 -16.71 0.45 -12.06
CA THR C 71 -15.42 -0.09 -11.69
C THR C 71 -15.55 -1.60 -11.56
N ALA C 72 -14.41 -2.28 -11.41
CA ALA C 72 -14.39 -3.72 -11.27
C ALA C 72 -13.19 -4.14 -10.42
N ASP C 73 -13.40 -5.13 -9.56
CA ASP C 73 -12.33 -5.77 -8.82
C ASP C 73 -12.11 -7.18 -9.37
N LYS C 74 -10.98 -7.40 -10.06
CA LYS C 74 -10.68 -8.73 -10.60
C LYS C 74 -10.45 -9.76 -9.52
N SER C 75 -9.90 -9.33 -8.39
CA SER C 75 -9.61 -10.24 -7.30
C SER C 75 -10.88 -10.83 -6.70
N SER C 76 -11.96 -10.05 -6.67
CA SER C 76 -13.21 -10.49 -6.11
C SER C 76 -14.22 -10.96 -7.16
N SER C 77 -14.00 -10.65 -8.43
CA SER C 77 -14.97 -10.89 -9.50
C SER C 77 -16.27 -10.14 -9.22
N THR C 78 -16.13 -8.89 -8.79
CA THR C 78 -17.27 -8.03 -8.50
C THR C 78 -17.13 -6.76 -9.33
N ALA C 79 -18.20 -6.44 -10.05
CA ALA C 79 -18.32 -5.17 -10.74
C ALA C 79 -19.09 -4.19 -9.86
N TYR C 80 -18.78 -2.90 -10.03
CA TYR C 80 -19.30 -1.86 -9.17
C TYR C 80 -19.87 -0.74 -10.01
N MET C 81 -21.06 -0.28 -9.63
CA MET C 81 -21.64 0.93 -10.19
C MET C 81 -21.92 1.90 -9.07
N GLN C 82 -21.41 3.11 -9.24
CA GLN C 82 -21.53 4.14 -8.23
C GLN C 82 -22.45 5.24 -8.71
N LEU C 83 -23.48 5.52 -7.93
CA LEU C 83 -24.48 6.53 -8.29
C LEU C 83 -24.31 7.74 -7.37
N SER C 84 -24.16 8.91 -7.99
CA SER C 84 -23.96 10.16 -7.25
C SER C 84 -25.19 11.05 -7.42
N THR C 85 -25.25 12.10 -6.59
CA THR C 85 -26.22 13.20 -6.74
C THR C 85 -27.62 12.63 -6.99
N LEU C 86 -28.08 11.86 -6.02
CA LEU C 86 -29.27 11.02 -6.21
C LEU C 86 -30.52 11.86 -6.21
N THR C 87 -31.12 12.02 -7.39
CA THR C 87 -32.41 12.67 -7.54
C THR C 87 -33.52 11.62 -7.35
N SER C 88 -34.75 11.99 -7.67
CA SER C 88 -35.83 11.00 -7.64
C SER C 88 -35.82 10.13 -8.89
N GLU C 89 -35.30 10.65 -10.01
CA GLU C 89 -35.23 9.88 -11.25
C GLU C 89 -34.22 8.73 -11.16
N ASP C 90 -33.42 8.69 -10.10
CA ASP C 90 -32.55 7.56 -9.87
C ASP C 90 -33.22 6.48 -9.08
N SER C 91 -34.44 6.72 -8.62
CA SER C 91 -35.25 5.66 -8.02
C SER C 91 -35.68 4.71 -9.12
N ALA C 92 -35.09 3.51 -9.14
CA ALA C 92 -35.22 2.60 -10.27
C ALA C 92 -34.67 1.23 -9.86
N VAL C 93 -34.70 0.29 -10.80
CA VAL C 93 -34.03 -0.99 -10.65
C VAL C 93 -32.84 -1.03 -11.60
N TYR C 94 -31.69 -1.45 -11.07
CA TYR C 94 -30.46 -1.47 -11.83
C TYR C 94 -30.01 -2.91 -12.00
N PHE C 95 -29.73 -3.29 -13.24
CA PHE C 95 -29.34 -4.65 -13.60
C PHE C 95 -27.91 -4.65 -14.10
N CYS C 96 -27.12 -5.62 -13.66
CA CYS C 96 -25.89 -5.97 -14.36
C CYS C 96 -26.09 -7.24 -15.17
N ALA C 97 -25.29 -7.39 -16.23
CA ALA C 97 -25.45 -8.48 -17.17
C ALA C 97 -24.16 -8.75 -17.96
N LYS C 98 -23.82 -10.03 -18.07
CA LYS C 98 -22.61 -10.42 -18.78
C LYS C 98 -22.74 -10.22 -20.29
N GLY C 99 -21.70 -9.66 -20.91
CA GLY C 99 -21.60 -9.54 -22.34
C GLY C 99 -20.59 -10.52 -22.93
N ASP C 100 -19.94 -10.11 -24.02
CA ASP C 100 -18.95 -10.92 -24.72
C ASP C 100 -17.57 -10.26 -24.65
N THR C 101 -16.63 -10.69 -25.51
CA THR C 101 -15.35 -9.99 -25.60
C THR C 101 -15.54 -8.58 -26.17
N TYR C 102 -16.59 -8.37 -26.94
CA TYR C 102 -17.11 -7.01 -27.05
C TYR C 102 -18.46 -6.96 -26.36
N PRO C 103 -18.92 -5.76 -25.94
CA PRO C 103 -20.11 -5.71 -25.06
C PRO C 103 -21.26 -6.55 -25.58
N ALA C 104 -21.76 -6.23 -26.77
CA ALA C 104 -22.69 -7.12 -27.48
C ALA C 104 -23.96 -7.30 -26.64
N ALA C 105 -24.64 -8.43 -26.80
CA ALA C 105 -25.87 -8.73 -26.09
C ALA C 105 -25.60 -9.27 -24.70
N MET C 106 -26.59 -9.10 -23.81
CA MET C 106 -26.52 -9.49 -22.41
C MET C 106 -27.26 -10.80 -22.27
N ASP C 107 -26.50 -11.89 -22.19
CA ASP C 107 -27.08 -13.22 -22.20
C ASP C 107 -27.46 -13.71 -20.81
N TYR C 108 -26.64 -13.42 -19.80
CA TYR C 108 -26.95 -13.75 -18.42
C TYR C 108 -27.18 -12.44 -17.68
N TRP C 109 -28.20 -12.40 -16.83
CA TRP C 109 -28.61 -11.15 -16.20
C TRP C 109 -28.64 -11.31 -14.68
N GLY C 110 -28.15 -10.29 -13.96
CA GLY C 110 -28.30 -10.27 -12.53
C GLY C 110 -29.76 -10.07 -12.12
N GLN C 111 -30.02 -10.27 -10.84
CA GLN C 111 -31.40 -10.22 -10.36
C GLN C 111 -31.92 -8.80 -10.27
N GLY C 112 -31.04 -7.80 -10.12
CA GLY C 112 -31.46 -6.42 -10.01
C GLY C 112 -31.45 -5.87 -8.59
N THR C 113 -31.04 -4.62 -8.44
CA THR C 113 -31.13 -3.91 -7.17
C THR C 113 -32.20 -2.82 -7.27
N SER C 114 -33.13 -2.84 -6.33
CA SER C 114 -34.13 -1.78 -6.22
C SER C 114 -33.53 -0.65 -5.39
N VAL C 115 -33.38 0.53 -5.99
CA VAL C 115 -32.91 1.70 -5.26
C VAL C 115 -34.04 2.71 -5.18
N THR C 116 -34.45 3.00 -3.95
CA THR C 116 -35.37 4.08 -3.61
C THR C 116 -34.56 5.19 -2.94
N VAL C 117 -34.52 6.37 -3.57
CA VAL C 117 -33.89 7.56 -2.98
C VAL C 117 -34.97 8.41 -2.32
N SER C 118 -34.82 8.66 -1.02
CA SER C 118 -35.87 9.29 -0.23
C SER C 118 -35.27 9.80 1.09
N SER C 119 -35.90 10.85 1.63
CA SER C 119 -35.54 11.34 2.96
C SER C 119 -36.17 10.52 4.08
N ALA C 120 -37.25 9.80 3.79
CA ALA C 120 -37.99 9.10 4.82
C ALA C 120 -37.19 7.95 5.41
N SER C 121 -37.73 7.38 6.48
CA SER C 121 -37.02 6.38 7.26
C SER C 121 -37.54 4.98 6.95
N THR C 122 -36.65 4.01 7.08
CA THR C 122 -37.02 2.62 6.92
C THR C 122 -38.00 2.21 8.02
N LYS C 123 -39.01 1.40 7.65
CA LYS C 123 -40.04 0.91 8.55
C LYS C 123 -40.38 -0.53 8.15
N GLY C 124 -40.36 -1.45 9.12
CA GLY C 124 -40.66 -2.85 8.85
C GLY C 124 -42.15 -3.16 8.74
N PRO C 125 -42.49 -4.20 7.99
CA PRO C 125 -43.90 -4.51 7.76
C PRO C 125 -44.57 -5.15 8.98
N SER C 126 -45.85 -4.82 9.15
CA SER C 126 -46.74 -5.55 10.03
C SER C 126 -47.60 -6.48 9.18
N VAL C 127 -47.53 -7.78 9.46
CA VAL C 127 -48.21 -8.79 8.67
C VAL C 127 -49.45 -9.27 9.43
N PHE C 128 -50.65 -8.75 9.02
CA PHE C 128 -52.00 -9.04 9.50
C PHE C 128 -52.64 -10.13 8.64
N PRO C 129 -53.23 -11.17 9.23
CA PRO C 129 -53.78 -12.27 8.41
C PRO C 129 -55.18 -11.95 7.91
N LEU C 130 -55.67 -12.81 7.00
CA LEU C 130 -57.00 -12.67 6.40
C LEU C 130 -57.69 -14.03 6.40
N ALA C 131 -58.79 -14.16 7.16
CA ALA C 131 -59.64 -15.37 7.30
C ALA C 131 -59.01 -16.73 6.94
N THR C 141 -63.50 -23.89 -3.15
CA THR C 141 -62.26 -23.23 -2.78
C THR C 141 -62.53 -21.94 -2.02
N ALA C 142 -61.71 -21.66 -1.01
CA ALA C 142 -61.86 -20.48 -0.19
C ALA C 142 -60.58 -19.65 -0.21
N ALA C 143 -60.72 -18.35 0.01
CA ALA C 143 -59.60 -17.43 -0.05
C ALA C 143 -59.14 -17.07 1.35
N LEU C 144 -57.83 -17.18 1.60
CA LEU C 144 -57.16 -16.68 2.79
C LEU C 144 -56.04 -15.75 2.37
N GLY C 145 -55.44 -15.05 3.33
CA GLY C 145 -54.43 -14.10 2.88
C GLY C 145 -53.65 -13.45 4.00
N CYS C 146 -52.70 -12.61 3.58
CA CYS C 146 -51.83 -11.84 4.45
C CYS C 146 -51.90 -10.38 4.05
N LEU C 147 -52.02 -9.50 5.03
CA LEU C 147 -51.94 -8.06 4.80
C LEU C 147 -50.58 -7.56 5.28
N VAL C 148 -49.83 -6.93 4.38
CA VAL C 148 -48.51 -6.38 4.68
C VAL C 148 -48.64 -4.86 4.69
N LYS C 149 -48.81 -4.31 5.90
CA LYS C 149 -49.20 -2.92 6.08
C LYS C 149 -48.06 -2.10 6.67
N ASP C 150 -47.95 -0.86 6.19
CA ASP C 150 -47.00 0.13 6.68
C ASP C 150 -45.57 -0.40 6.60
N TYR C 151 -44.95 -0.23 5.44
CA TYR C 151 -43.55 -0.60 5.30
C TYR C 151 -42.95 0.37 4.30
N PHE C 152 -41.64 0.60 4.44
CA PHE C 152 -40.91 1.50 3.57
C PHE C 152 -39.43 1.19 3.74
N PRO C 153 -38.64 1.23 2.66
CA PRO C 153 -39.09 1.38 1.27
C PRO C 153 -39.60 0.07 0.77
N GLU C 154 -39.80 0.01 -0.55
CA GLU C 154 -40.00 -1.24 -1.24
C GLU C 154 -38.66 -1.96 -1.44
N PRO C 155 -38.68 -3.28 -1.62
CA PRO C 155 -39.87 -4.14 -1.70
C PRO C 155 -39.97 -5.15 -0.59
N VAL C 156 -41.14 -5.74 -0.44
CA VAL C 156 -41.35 -6.87 0.45
C VAL C 156 -41.57 -8.09 -0.43
N THR C 157 -41.08 -9.23 0.01
CA THR C 157 -41.34 -10.49 -0.67
C THR C 157 -42.31 -11.27 0.20
N VAL C 158 -43.24 -11.97 -0.43
CA VAL C 158 -44.16 -12.85 0.26
C VAL C 158 -44.02 -14.24 -0.35
N SER C 159 -43.92 -15.25 0.50
CA SER C 159 -44.05 -16.62 0.09
C SER C 159 -45.06 -17.28 1.00
N TRP C 160 -45.57 -18.44 0.59
CA TRP C 160 -46.48 -19.23 1.41
C TRP C 160 -45.85 -20.58 1.68
N ASN C 161 -45.90 -21.01 2.94
CA ASN C 161 -45.35 -22.29 3.40
C ASN C 161 -43.94 -22.50 2.86
N SER C 162 -43.08 -21.51 3.11
CA SER C 162 -41.66 -21.51 2.68
C SER C 162 -41.50 -21.89 1.21
N GLY C 163 -42.46 -21.52 0.38
CA GLY C 163 -42.40 -21.82 -1.04
C GLY C 163 -43.14 -23.08 -1.46
N ALA C 164 -43.66 -23.85 -0.50
CA ALA C 164 -44.47 -25.00 -0.86
C ALA C 164 -45.67 -24.56 -1.70
N LEU C 165 -46.42 -23.58 -1.21
CA LEU C 165 -47.63 -23.11 -1.86
C LEU C 165 -47.28 -22.13 -2.97
N THR C 166 -47.48 -22.55 -4.21
CA THR C 166 -47.35 -21.70 -5.39
C THR C 166 -48.66 -21.50 -6.11
N SER C 167 -49.45 -22.57 -6.29
CA SER C 167 -50.69 -22.47 -7.04
C SER C 167 -51.75 -21.71 -6.27
N GLY C 168 -52.48 -20.83 -6.97
CA GLY C 168 -53.51 -20.03 -6.36
C GLY C 168 -53.03 -18.78 -5.66
N VAL C 169 -51.73 -18.48 -5.70
CA VAL C 169 -51.18 -17.32 -5.01
C VAL C 169 -51.28 -16.12 -5.93
N HIS C 170 -51.68 -14.99 -5.35
CA HIS C 170 -51.72 -13.71 -6.04
C HIS C 170 -51.18 -12.70 -5.02
N THR C 171 -49.90 -12.36 -5.13
CA THR C 171 -49.34 -11.22 -4.42
C THR C 171 -49.55 -9.95 -5.22
N PHE C 172 -50.16 -8.96 -4.60
CA PHE C 172 -50.59 -7.81 -5.37
C PHE C 172 -49.52 -6.73 -5.45
N PRO C 173 -49.56 -5.89 -6.48
CA PRO C 173 -48.76 -4.66 -6.46
C PRO C 173 -49.10 -3.79 -5.25
N ALA C 174 -48.07 -3.35 -4.55
CA ALA C 174 -48.23 -2.55 -3.36
C ALA C 174 -48.87 -1.21 -3.70
N VAL C 175 -49.47 -0.58 -2.69
CA VAL C 175 -50.08 0.74 -2.82
C VAL C 175 -49.45 1.68 -1.81
N LEU C 176 -49.31 2.94 -2.22
CA LEU C 176 -48.70 3.97 -1.39
C LEU C 176 -49.81 4.65 -0.60
N GLN C 177 -50.06 4.18 0.62
CA GLN C 177 -50.98 4.88 1.52
C GLN C 177 -50.53 6.33 1.71
N SER C 178 -51.50 7.22 1.96
CA SER C 178 -51.22 8.65 1.91
C SER C 178 -50.13 9.06 2.88
N SER C 179 -49.95 8.28 3.96
CA SER C 179 -48.87 8.52 4.91
C SER C 179 -47.50 8.52 4.26
N GLY C 180 -47.36 7.88 3.10
CA GLY C 180 -46.08 7.66 2.48
C GLY C 180 -45.50 6.30 2.76
N LEU C 181 -46.19 5.48 3.55
CA LEU C 181 -45.88 4.08 3.78
C LEU C 181 -46.59 3.20 2.77
N TYR C 182 -46.08 1.98 2.58
CA TYR C 182 -46.57 1.07 1.56
C TYR C 182 -47.41 -0.04 2.18
N SER C 183 -48.31 -0.57 1.37
CA SER C 183 -49.12 -1.71 1.79
C SER C 183 -49.36 -2.62 0.60
N LEU C 184 -49.35 -3.94 0.84
CA LEU C 184 -49.80 -4.91 -0.15
C LEU C 184 -50.46 -6.08 0.57
N SER C 185 -51.32 -6.79 -0.15
CA SER C 185 -51.92 -8.02 0.33
C SER C 185 -51.52 -9.16 -0.60
N SER C 186 -51.37 -10.35 -0.02
CA SER C 186 -51.14 -11.59 -0.74
C SER C 186 -52.19 -12.60 -0.26
N VAL C 187 -52.86 -13.24 -1.22
CA VAL C 187 -53.89 -14.22 -0.93
C VAL C 187 -53.60 -15.50 -1.72
N VAL C 188 -54.20 -16.60 -1.27
CA VAL C 188 -54.23 -17.85 -2.02
C VAL C 188 -55.58 -18.52 -1.79
N THR C 189 -56.10 -19.15 -2.84
CA THR C 189 -57.37 -19.89 -2.76
C THR C 189 -57.12 -21.40 -2.73
N VAL C 190 -57.88 -22.09 -1.87
CA VAL C 190 -57.70 -23.52 -1.64
C VAL C 190 -58.95 -24.17 -1.03
N ILE C 201 -49.80 -20.43 6.86
CA ILE C 201 -48.78 -19.51 7.36
C ILE C 201 -47.94 -18.91 6.20
N CYS C 202 -47.76 -17.58 6.21
CA CYS C 202 -47.16 -16.86 5.08
C CYS C 202 -45.88 -16.19 5.54
N ASN C 203 -44.86 -16.21 4.66
CA ASN C 203 -43.50 -15.75 4.99
C ASN C 203 -43.19 -14.44 4.27
N VAL C 204 -43.24 -13.35 5.02
CA VAL C 204 -42.95 -12.01 4.52
C VAL C 204 -41.50 -11.65 4.83
N ASN C 205 -40.80 -11.12 3.82
CA ASN C 205 -39.40 -10.72 3.93
C ASN C 205 -39.26 -9.26 3.51
N HIS C 206 -38.53 -8.48 4.29
CA HIS C 206 -38.30 -7.08 3.99
C HIS C 206 -36.82 -6.79 4.22
N LYS C 207 -35.99 -7.05 3.21
CA LYS C 207 -34.55 -6.81 3.34
C LYS C 207 -34.19 -5.41 3.85
N PRO C 208 -34.82 -4.31 3.39
CA PRO C 208 -34.37 -2.97 3.84
C PRO C 208 -34.56 -2.70 5.32
N SER C 209 -35.30 -3.54 6.04
CA SER C 209 -35.40 -3.52 7.49
C SER C 209 -35.06 -4.88 8.10
N ASN C 210 -34.50 -5.79 7.32
CA ASN C 210 -34.07 -7.12 7.76
C ASN C 210 -35.14 -7.80 8.62
N THR C 211 -36.33 -7.89 8.05
CA THR C 211 -37.50 -8.47 8.70
C THR C 211 -37.88 -9.77 8.00
N LYS C 212 -38.22 -10.80 8.78
CA LYS C 212 -38.53 -12.10 8.21
C LYS C 212 -39.77 -12.73 8.87
N VAL C 213 -40.85 -11.95 9.01
CA VAL C 213 -42.06 -12.46 9.67
C VAL C 213 -42.67 -13.60 8.87
N ASP C 214 -43.02 -14.68 9.59
CA ASP C 214 -43.71 -15.83 9.00
C ASP C 214 -44.96 -16.07 9.84
N LYS C 215 -46.02 -15.31 9.56
CA LYS C 215 -47.33 -15.55 10.17
C LYS C 215 -47.90 -16.83 9.53
N ASP D 1 6.31 36.56 5.32
CA ASP D 1 7.24 35.52 4.86
C ASP D 1 6.46 34.28 4.37
N ILE D 2 5.85 34.44 3.20
CA ILE D 2 4.90 33.47 2.67
C ILE D 2 5.63 32.26 2.12
N GLN D 3 5.17 31.06 2.49
CA GLN D 3 5.65 29.82 1.91
C GLN D 3 4.70 29.38 0.79
N MET D 4 5.24 28.83 -0.29
CA MET D 4 4.42 28.40 -1.41
C MET D 4 4.74 26.96 -1.79
N THR D 5 3.71 26.13 -1.98
CA THR D 5 3.87 24.77 -2.48
C THR D 5 3.01 24.62 -3.71
N GLN D 6 3.64 24.26 -4.82
CA GLN D 6 2.93 24.00 -6.07
C GLN D 6 2.83 22.49 -6.28
N SER D 7 1.62 22.01 -6.59
CA SER D 7 1.38 20.59 -6.82
C SER D 7 0.67 20.39 -8.14
N PRO D 8 0.94 19.30 -8.85
CA PRO D 8 1.91 18.24 -8.54
C PRO D 8 3.27 18.55 -9.14
N ALA D 9 4.24 17.66 -8.96
CA ALA D 9 5.57 17.88 -9.53
C ALA D 9 5.60 17.56 -11.01
N SER D 10 4.80 16.59 -11.43
CA SER D 10 4.63 16.30 -12.84
C SER D 10 3.20 15.84 -13.03
N LEU D 11 2.67 16.13 -14.22
CA LEU D 11 1.38 15.58 -14.58
C LEU D 11 1.42 15.34 -16.07
N SER D 12 0.79 14.25 -16.46
CA SER D 12 0.94 13.66 -17.78
C SER D 12 -0.44 13.20 -18.21
N ALA D 13 -0.95 13.75 -19.31
CA ALA D 13 -2.34 13.55 -19.67
C ALA D 13 -2.48 13.43 -21.18
N SER D 14 -3.62 12.90 -21.62
CA SER D 14 -3.88 12.70 -23.05
C SER D 14 -4.30 14.01 -23.74
N VAL D 15 -4.07 14.09 -25.05
CA VAL D 15 -4.49 15.29 -25.76
C VAL D 15 -5.99 15.50 -25.56
N GLY D 16 -6.36 16.75 -25.24
CA GLY D 16 -7.72 17.17 -25.08
C GLY D 16 -8.23 17.15 -23.66
N GLU D 17 -7.55 16.46 -22.75
CA GLU D 17 -8.02 16.35 -21.38
C GLU D 17 -7.80 17.65 -20.60
N THR D 18 -8.50 17.79 -19.48
CA THR D 18 -8.29 18.88 -18.56
C THR D 18 -7.20 18.49 -17.55
N VAL D 19 -6.26 19.39 -17.28
CA VAL D 19 -5.30 19.17 -16.21
C VAL D 19 -5.34 20.37 -15.28
N THR D 20 -4.80 20.18 -14.08
CA THR D 20 -4.80 21.24 -13.08
C THR D 20 -3.49 21.27 -12.31
N ILE D 21 -2.94 22.46 -12.17
CA ILE D 21 -1.82 22.72 -11.29
C ILE D 21 -2.35 23.57 -10.15
N THR D 22 -1.96 23.22 -8.92
CA THR D 22 -2.42 23.93 -7.74
C THR D 22 -1.25 24.47 -6.96
N CYS D 23 -1.44 25.70 -6.47
CA CYS D 23 -0.46 26.44 -5.73
C CYS D 23 -1.08 26.79 -4.38
N ARG D 24 -0.52 26.23 -3.30
CA ARG D 24 -0.99 26.47 -1.96
C ARG D 24 -0.04 27.42 -1.25
N THR D 25 -0.60 28.34 -0.44
CA THR D 25 0.19 29.37 0.23
C THR D 25 -0.10 29.44 1.73
N SER D 26 0.91 29.80 2.52
CA SER D 26 0.78 29.81 3.98
C SER D 26 -0.06 30.97 4.51
N GLY D 27 -0.33 31.99 3.71
CA GLY D 27 -1.23 33.06 4.13
C GLY D 27 -2.03 33.57 2.95
N ASN D 28 -3.15 34.21 3.26
CA ASN D 28 -3.98 34.82 2.22
C ASN D 28 -3.15 35.84 1.42
N ILE D 29 -2.99 35.59 0.11
CA ILE D 29 -2.26 36.51 -0.77
C ILE D 29 -3.21 37.33 -1.65
N HIS D 30 -4.51 37.19 -1.44
CA HIS D 30 -5.54 38.09 -2.00
C HIS D 30 -5.35 38.30 -3.52
N ASN D 31 -5.07 37.21 -4.22
CA ASN D 31 -5.07 37.11 -5.67
C ASN D 31 -3.87 37.78 -6.30
N TYR D 32 -2.91 38.23 -5.51
CA TYR D 32 -1.64 38.73 -6.00
C TYR D 32 -0.74 37.56 -6.38
N LEU D 33 -1.12 36.87 -7.44
CA LEU D 33 -0.43 35.68 -7.88
C LEU D 33 -0.34 35.64 -9.40
N ALA D 34 0.71 35.02 -9.92
CA ALA D 34 0.84 34.89 -11.35
C ALA D 34 1.34 33.49 -11.70
N TRP D 35 1.04 33.08 -12.93
CA TRP D 35 1.41 31.79 -13.50
C TRP D 35 2.28 32.01 -14.73
N TYR D 36 3.45 31.35 -14.77
CA TYR D 36 4.39 31.44 -15.89
C TYR D 36 4.54 30.09 -16.57
N GLN D 37 4.89 30.12 -17.85
CA GLN D 37 5.22 28.91 -18.58
C GLN D 37 6.65 29.03 -19.04
N GLN D 38 7.39 27.94 -19.01
CA GLN D 38 8.75 27.93 -19.52
C GLN D 38 8.95 26.63 -20.27
N LYS D 39 9.56 26.75 -21.44
CA LYS D 39 9.87 25.56 -22.27
C LYS D 39 11.37 25.38 -22.31
N GLN D 40 11.85 24.23 -22.77
CA GLN D 40 13.30 23.90 -22.71
C GLN D 40 14.19 25.05 -23.18
N GLY D 41 15.08 25.52 -22.31
CA GLY D 41 16.06 26.55 -22.69
C GLY D 41 15.41 27.81 -23.23
N ARG D 42 14.28 28.20 -22.66
CA ARG D 42 13.65 29.48 -23.06
C ARG D 42 13.45 30.32 -21.80
N SER D 43 13.00 31.55 -21.98
CA SER D 43 12.74 32.43 -20.83
C SER D 43 11.28 32.25 -20.41
N PRO D 44 10.97 32.30 -19.11
CA PRO D 44 9.60 32.20 -18.65
C PRO D 44 8.67 33.21 -19.33
N GLN D 45 7.45 32.78 -19.66
CA GLN D 45 6.44 33.64 -20.32
C GLN D 45 5.19 33.70 -19.45
N LEU D 46 4.71 34.90 -19.14
CA LEU D 46 3.54 35.06 -18.24
C LEU D 46 2.27 34.55 -18.92
N LEU D 47 1.51 33.72 -18.21
CA LEU D 47 0.23 33.24 -18.72
C LEU D 47 -0.96 33.87 -18.04
N VAL D 48 -0.85 34.10 -16.74
CA VAL D 48 -1.96 34.59 -15.94
C VAL D 48 -1.42 35.59 -14.94
N ASN D 49 -2.07 36.75 -14.87
CA ASN D 49 -1.71 37.76 -13.89
C ASN D 49 -2.89 37.99 -12.96
N ASN D 50 -2.58 38.39 -11.72
CA ASN D 50 -3.56 38.70 -10.68
C ASN D 50 -4.59 37.57 -10.55
N ALA D 51 -4.07 36.33 -10.50
CA ALA D 51 -4.84 35.12 -10.25
C ALA D 51 -5.73 34.70 -11.43
N LYS D 52 -6.53 35.60 -12.00
CA LYS D 52 -7.54 35.18 -12.97
C LYS D 52 -7.44 35.82 -14.36
N THR D 53 -6.59 36.83 -14.54
CA THR D 53 -6.50 37.57 -15.81
C THR D 53 -5.56 36.87 -16.78
N LEU D 54 -6.09 36.47 -17.93
CA LEU D 54 -5.26 35.88 -18.97
C LEU D 54 -4.42 36.94 -19.67
N ALA D 55 -3.17 36.58 -19.97
CA ALA D 55 -2.23 37.45 -20.64
C ALA D 55 -2.46 37.41 -22.15
N ASP D 56 -1.72 38.21 -22.90
CA ASP D 56 -2.02 38.38 -24.32
C ASP D 56 -1.36 37.29 -25.14
N GLY D 57 -2.15 36.69 -26.04
CA GLY D 57 -1.68 35.58 -26.83
C GLY D 57 -1.86 34.23 -26.18
N VAL D 58 -2.24 34.21 -24.92
CA VAL D 58 -2.49 32.92 -24.27
C VAL D 58 -3.80 32.36 -24.82
N PRO D 59 -3.83 31.12 -25.28
CA PRO D 59 -5.07 30.52 -25.77
C PRO D 59 -6.09 30.36 -24.65
N SER D 60 -7.35 30.20 -25.04
CA SER D 60 -8.42 30.18 -24.04
C SER D 60 -8.54 28.84 -23.32
N ARG D 61 -7.74 27.83 -23.67
CA ARG D 61 -7.77 26.63 -22.83
C ARG D 61 -7.16 26.92 -21.47
N PHE D 62 -6.34 27.96 -21.36
CA PHE D 62 -5.79 28.34 -20.07
C PHE D 62 -6.84 29.13 -19.30
N SER D 63 -6.85 28.91 -17.99
CA SER D 63 -7.77 29.60 -17.10
C SER D 63 -7.09 29.70 -15.76
N GLY D 64 -7.47 30.71 -14.99
CA GLY D 64 -6.88 30.94 -13.68
C GLY D 64 -7.99 31.13 -12.67
N SER D 65 -7.85 30.48 -11.53
CA SER D 65 -8.89 30.50 -10.49
C SER D 65 -8.25 30.45 -9.12
N GLY D 66 -9.02 30.87 -8.12
CA GLY D 66 -8.57 30.65 -6.77
C GLY D 66 -8.92 31.76 -5.81
N SER D 67 -8.68 31.51 -4.53
CA SER D 67 -8.91 32.55 -3.56
C SER D 67 -8.16 32.18 -2.29
N GLY D 68 -7.49 33.17 -1.72
CA GLY D 68 -7.00 33.06 -0.37
C GLY D 68 -5.70 32.32 -0.28
N THR D 69 -5.76 31.03 0.01
CA THR D 69 -4.54 30.26 0.18
C THR D 69 -4.35 29.21 -0.90
N GLN D 70 -5.32 29.08 -1.81
CA GLN D 70 -5.30 28.07 -2.87
C GLN D 70 -5.60 28.68 -4.23
N TYR D 71 -4.71 28.43 -5.19
CA TYR D 71 -4.78 28.98 -6.53
C TYR D 71 -4.57 27.88 -7.55
N SER D 72 -5.30 27.95 -8.65
CA SER D 72 -5.22 26.90 -9.64
C SER D 72 -5.11 27.47 -11.04
N LEU D 73 -4.17 26.93 -11.80
CA LEU D 73 -4.09 27.07 -13.24
C LEU D 73 -4.66 25.80 -13.90
N LYS D 74 -5.63 25.97 -14.80
CA LYS D 74 -6.28 24.88 -15.49
C LYS D 74 -6.05 25.00 -17.00
N ILE D 75 -5.89 23.85 -17.66
CA ILE D 75 -5.90 23.75 -19.11
C ILE D 75 -7.09 22.88 -19.54
N ASN D 76 -8.02 23.48 -20.28
CA ASN D 76 -9.26 22.83 -20.67
C ASN D 76 -9.03 21.66 -21.62
N SER D 77 -8.32 21.91 -22.72
CA SER D 77 -8.06 20.96 -23.79
C SER D 77 -6.56 20.85 -23.96
N LEU D 78 -5.93 19.95 -23.20
CA LEU D 78 -4.48 19.82 -23.26
C LEU D 78 -4.00 19.58 -24.70
N GLN D 79 -3.06 20.42 -25.15
CA GLN D 79 -2.43 20.32 -26.44
C GLN D 79 -0.94 20.08 -26.28
N PRO D 80 -0.33 19.29 -27.17
CA PRO D 80 1.13 19.06 -27.10
C PRO D 80 1.97 20.32 -27.09
N GLU D 81 1.44 21.44 -27.53
CA GLU D 81 2.20 22.68 -27.43
C GLU D 81 2.30 23.17 -26.00
N ASP D 82 1.58 22.56 -25.07
CA ASP D 82 1.66 22.99 -23.69
C ASP D 82 2.72 22.22 -22.90
N ILE D 83 3.40 21.25 -23.52
CA ILE D 83 4.55 20.61 -22.89
C ILE D 83 5.50 21.70 -22.36
N GLY D 84 6.00 21.51 -21.16
CA GLY D 84 6.90 22.47 -20.55
C GLY D 84 6.74 22.46 -19.04
N SER D 85 7.43 23.39 -18.38
CA SER D 85 7.27 23.55 -16.95
C SER D 85 6.43 24.79 -16.68
N TYR D 86 5.70 24.77 -15.56
CA TYR D 86 4.88 25.91 -15.17
C TYR D 86 5.24 26.33 -13.77
N TYR D 87 5.10 27.63 -13.48
CA TYR D 87 5.46 28.16 -12.17
C TYR D 87 4.42 29.16 -11.70
N CYS D 88 4.12 29.12 -10.40
CA CYS D 88 3.41 30.20 -9.73
C CYS D 88 4.41 31.09 -9.00
N GLN D 89 3.95 32.30 -8.68
CA GLN D 89 4.73 33.38 -8.08
C GLN D 89 3.76 34.30 -7.38
N HIS D 90 4.07 34.67 -6.15
CA HIS D 90 3.26 35.65 -5.45
C HIS D 90 3.97 36.99 -5.45
N PHE D 91 3.17 38.06 -5.34
CA PHE D 91 3.68 39.41 -5.18
C PHE D 91 2.85 40.14 -4.16
N TRP D 92 2.62 39.45 -3.03
CA TRP D 92 1.82 39.95 -1.93
C TRP D 92 2.64 40.72 -0.90
N ILE D 93 3.87 40.29 -0.68
CA ILE D 93 4.71 40.93 0.31
C ILE D 93 6.14 40.53 -0.02
N THR D 94 7.02 41.52 -0.23
CA THR D 94 8.41 41.19 -0.44
C THR D 94 8.99 40.51 0.80
N PRO D 95 9.94 39.60 0.63
CA PRO D 95 10.45 39.02 -0.64
C PRO D 95 9.40 38.12 -1.33
N TYR D 96 9.26 38.26 -2.64
CA TYR D 96 8.40 37.39 -3.41
C TYR D 96 8.99 35.97 -3.43
N THR D 97 8.18 35.00 -3.84
CA THR D 97 8.77 33.69 -4.07
C THR D 97 8.04 32.93 -5.17
N PHE D 98 8.77 32.00 -5.79
CA PHE D 98 8.23 31.11 -6.82
C PHE D 98 7.89 29.74 -6.24
N GLY D 99 6.87 29.10 -6.83
CA GLY D 99 6.65 27.68 -6.60
C GLY D 99 7.79 26.84 -7.17
N GLY D 100 7.71 25.53 -6.91
CA GLY D 100 8.77 24.60 -7.28
C GLY D 100 8.72 24.17 -8.72
N GLY D 101 7.55 24.24 -9.36
CA GLY D 101 7.46 23.86 -10.75
C GLY D 101 6.64 22.62 -11.02
N THR D 102 6.12 22.51 -12.25
CA THR D 102 5.39 21.33 -12.71
C THR D 102 5.89 21.01 -14.10
N LYS D 103 6.46 19.82 -14.28
CA LYS D 103 6.74 19.30 -15.62
C LYS D 103 5.44 18.76 -16.21
N LEU D 104 5.01 19.34 -17.34
CA LEU D 104 3.82 18.88 -18.04
C LEU D 104 4.24 18.08 -19.28
N GLU D 105 3.76 16.86 -19.34
CA GLU D 105 4.06 15.89 -20.37
C GLU D 105 2.75 15.46 -21.02
N ILE D 106 2.84 14.90 -22.22
CA ILE D 106 1.68 14.40 -22.95
C ILE D 106 1.70 12.88 -22.94
N LYS D 107 0.59 12.26 -22.52
CA LYS D 107 0.44 10.82 -22.65
C LYS D 107 -0.09 10.50 -24.04
N ARG D 108 0.58 9.55 -24.69
CA ARG D 108 0.15 9.11 -26.00
C ARG D 108 0.43 7.61 -26.10
N THR D 109 0.28 7.07 -27.29
CA THR D 109 0.43 5.65 -27.48
C THR D 109 1.92 5.28 -27.48
N VAL D 110 2.21 4.04 -27.11
CA VAL D 110 3.57 3.53 -27.21
C VAL D 110 4.01 3.56 -28.67
N ALA D 111 5.20 4.09 -28.91
CA ALA D 111 5.84 4.08 -30.22
C ALA D 111 7.28 3.64 -30.03
N ALA D 112 7.71 2.64 -30.81
CA ALA D 112 9.07 2.14 -30.68
C ALA D 112 10.06 3.07 -31.38
N PRO D 113 11.27 3.21 -30.85
CA PRO D 113 12.24 4.12 -31.45
C PRO D 113 12.67 3.68 -32.86
N SER D 114 12.80 4.66 -33.74
CA SER D 114 13.61 4.53 -34.94
C SER D 114 15.09 4.63 -34.56
N VAL D 115 15.93 3.74 -35.11
CA VAL D 115 17.30 3.58 -34.61
C VAL D 115 18.33 3.75 -35.72
N PHE D 116 19.28 4.66 -35.51
CA PHE D 116 20.36 4.93 -36.45
C PHE D 116 21.70 4.96 -35.73
N ILE D 117 22.77 4.64 -36.47
CA ILE D 117 24.12 4.61 -35.91
C ILE D 117 25.06 5.30 -36.89
N PHE D 118 26.11 5.92 -36.34
CA PHE D 118 27.03 6.75 -37.11
C PHE D 118 28.47 6.34 -36.85
N PRO D 119 29.23 5.96 -37.89
CA PRO D 119 30.63 5.67 -37.67
C PRO D 119 31.41 6.96 -37.49
N PRO D 120 32.49 6.93 -36.72
CA PRO D 120 33.35 8.11 -36.61
C PRO D 120 33.64 8.72 -37.97
N SER D 121 33.56 10.05 -38.04
CA SER D 121 33.94 10.75 -39.27
C SER D 121 35.45 10.65 -39.46
N ASP D 122 35.88 10.55 -40.73
CA ASP D 122 37.33 10.46 -40.96
C ASP D 122 38.02 11.77 -40.58
N GLU D 123 37.26 12.87 -40.44
CA GLU D 123 37.82 14.13 -39.95
C GLU D 123 38.15 14.05 -38.47
N GLN D 124 37.31 13.38 -37.68
CA GLN D 124 37.67 13.17 -36.28
C GLN D 124 38.81 12.16 -36.16
N LEU D 125 38.94 11.27 -37.15
CA LEU D 125 39.96 10.23 -37.14
C LEU D 125 41.35 10.75 -37.47
N LYS D 126 41.45 11.98 -37.97
CA LYS D 126 42.72 12.68 -38.08
C LYS D 126 43.14 13.33 -36.77
N SER D 127 42.47 13.00 -35.66
CA SER D 127 42.70 13.64 -34.38
C SER D 127 42.97 12.62 -33.27
N GLY D 128 43.08 11.34 -33.60
CA GLY D 128 43.41 10.31 -32.62
C GLY D 128 42.30 9.96 -31.65
N THR D 129 41.10 10.47 -31.87
CA THR D 129 39.91 10.12 -31.11
C THR D 129 38.88 9.50 -32.05
N ALA D 130 38.05 8.60 -31.51
CA ALA D 130 36.95 8.01 -32.25
C ALA D 130 35.70 7.96 -31.39
N SER D 131 34.60 8.49 -31.93
CA SER D 131 33.30 8.40 -31.28
C SER D 131 32.26 7.88 -32.27
N VAL D 132 31.45 6.94 -31.80
CA VAL D 132 30.36 6.38 -32.60
C VAL D 132 29.05 6.75 -31.91
N VAL D 133 28.06 7.17 -32.70
CA VAL D 133 26.85 7.80 -32.19
C VAL D 133 25.63 6.98 -32.58
N CYS D 134 24.83 6.59 -31.59
CA CYS D 134 23.60 5.83 -31.76
C CYS D 134 22.42 6.75 -31.46
N LEU D 135 21.58 6.99 -32.47
CA LEU D 135 20.41 7.85 -32.31
C LEU D 135 19.15 7.00 -32.15
N LEU D 136 18.42 7.23 -31.06
CA LEU D 136 17.07 6.70 -30.84
C LEU D 136 16.05 7.80 -31.11
N ASN D 137 15.23 7.64 -32.13
CA ASN D 137 14.40 8.73 -32.66
C ASN D 137 12.93 8.47 -32.44
N ASN D 138 12.23 9.47 -31.85
CA ASN D 138 10.77 9.55 -31.79
C ASN D 138 10.11 8.30 -31.19
N PHE D 139 10.11 8.20 -29.87
CA PHE D 139 9.59 7.03 -29.19
C PHE D 139 8.82 7.49 -27.96
N TYR D 140 8.02 6.57 -27.43
CA TYR D 140 7.22 6.83 -26.22
C TYR D 140 6.86 5.46 -25.68
N PRO D 141 7.05 5.17 -24.38
CA PRO D 141 7.50 6.18 -23.43
C PRO D 141 9.01 6.48 -23.43
N ARG D 142 9.46 7.38 -22.56
CA ARG D 142 10.88 7.82 -22.52
C ARG D 142 11.82 6.68 -22.14
N GLU D 143 11.41 5.86 -21.18
CA GLU D 143 12.28 4.77 -20.70
C GLU D 143 12.84 3.99 -21.89
N ALA D 144 14.16 4.03 -22.09
CA ALA D 144 14.81 3.28 -23.17
C ALA D 144 16.24 2.95 -22.74
N LYS D 145 16.75 1.79 -23.16
CA LYS D 145 18.11 1.37 -22.74
C LYS D 145 18.94 0.99 -23.96
N VAL D 146 20.19 1.44 -24.00
CA VAL D 146 21.07 1.11 -25.13
C VAL D 146 22.23 0.27 -24.59
N GLN D 147 22.68 -0.66 -25.42
CA GLN D 147 23.79 -1.54 -25.07
C GLN D 147 24.79 -1.47 -26.21
N TRP D 148 26.03 -1.12 -25.88
CA TRP D 148 27.07 -1.05 -26.90
C TRP D 148 27.83 -2.37 -26.94
N LYS D 149 28.21 -2.78 -28.15
CA LYS D 149 28.87 -4.05 -28.37
C LYS D 149 29.95 -3.83 -29.43
N VAL D 150 31.20 -4.11 -29.07
CA VAL D 150 32.34 -3.91 -29.97
C VAL D 150 32.95 -5.28 -30.28
N ASP D 151 33.01 -5.62 -31.57
CA ASP D 151 33.37 -6.95 -32.04
C ASP D 151 32.64 -7.99 -31.20
N ASN D 152 31.36 -7.72 -30.89
CA ASN D 152 30.45 -8.56 -30.11
C ASN D 152 30.81 -8.60 -28.62
N ALA D 153 31.67 -7.70 -28.17
CA ALA D 153 31.99 -7.57 -26.75
C ALA D 153 31.24 -6.38 -26.16
N LEU D 154 30.49 -6.64 -25.09
CA LEU D 154 29.74 -5.59 -24.39
C LEU D 154 30.70 -4.60 -23.75
N GLN D 155 30.51 -3.31 -24.05
CA GLN D 155 31.29 -2.24 -23.45
C GLN D 155 30.61 -1.71 -22.20
N SER D 156 31.28 -0.77 -21.53
CA SER D 156 30.77 -0.16 -20.32
C SER D 156 31.65 1.03 -19.98
N GLY D 157 31.07 2.03 -19.32
CA GLY D 157 31.80 3.21 -18.89
C GLY D 157 32.55 3.95 -19.98
N ASN D 158 32.21 3.72 -21.24
CA ASN D 158 32.82 4.42 -22.37
C ASN D 158 31.78 5.17 -23.21
N SER D 159 30.59 5.41 -22.66
CA SER D 159 29.48 6.00 -23.39
C SER D 159 28.69 6.91 -22.46
N GLN D 160 28.01 7.88 -23.06
CA GLN D 160 27.14 8.82 -22.36
C GLN D 160 25.89 9.06 -23.20
N GLU D 161 24.79 9.30 -22.51
CA GLU D 161 23.45 9.32 -23.08
C GLU D 161 22.83 10.68 -22.87
N SER D 162 21.96 11.08 -23.79
CA SER D 162 21.21 12.32 -23.62
C SER D 162 19.82 12.17 -24.22
N VAL D 163 18.85 12.86 -23.61
CA VAL D 163 17.45 12.78 -24.03
C VAL D 163 16.85 14.17 -24.20
N THR D 164 16.26 14.42 -25.36
CA THR D 164 15.52 15.65 -25.59
C THR D 164 14.28 15.70 -24.73
N GLU D 165 13.71 16.89 -24.62
CA GLU D 165 12.39 17.05 -24.04
C GLU D 165 11.34 16.50 -24.99
N GLN D 166 10.12 16.34 -24.48
CA GLN D 166 9.05 15.83 -25.31
C GLN D 166 8.72 16.84 -26.40
N ASP D 167 8.81 16.38 -27.65
CA ASP D 167 8.53 17.18 -28.83
C ASP D 167 7.03 17.46 -28.99
N SER D 168 6.67 18.70 -29.32
CA SER D 168 5.25 18.98 -29.53
C SER D 168 4.75 18.57 -30.90
N LYS D 169 5.61 18.13 -31.82
CA LYS D 169 5.10 17.72 -33.12
C LYS D 169 4.56 16.30 -33.12
N ASP D 170 5.07 15.40 -32.24
CA ASP D 170 4.49 14.06 -32.11
C ASP D 170 4.48 13.55 -30.67
N SER D 171 4.81 14.40 -29.69
CA SER D 171 4.81 14.00 -28.28
C SER D 171 5.78 12.83 -28.01
N THR D 172 6.87 12.76 -28.77
CA THR D 172 7.84 11.70 -28.57
C THR D 172 9.11 12.24 -27.94
N TYR D 173 10.00 11.30 -27.65
CA TYR D 173 11.32 11.54 -27.10
C TYR D 173 12.36 11.04 -28.08
N SER D 174 13.55 11.63 -28.02
CA SER D 174 14.70 11.18 -28.77
C SER D 174 15.89 11.06 -27.83
N LEU D 175 16.77 10.10 -28.10
CA LEU D 175 17.91 9.87 -27.23
C LEU D 175 19.15 9.67 -28.09
N SER D 176 20.27 10.25 -27.65
CA SER D 176 21.54 10.04 -28.32
C SER D 176 22.52 9.45 -27.34
N SER D 177 23.17 8.37 -27.75
CA SER D 177 24.28 7.76 -27.02
C SER D 177 25.51 7.83 -27.89
N THR D 178 26.63 8.27 -27.33
CA THR D 178 27.89 8.27 -28.05
C THR D 178 28.91 7.41 -27.30
N LEU D 179 29.50 6.45 -28.02
CA LEU D 179 30.59 5.64 -27.49
C LEU D 179 31.91 6.27 -27.88
N THR D 180 32.77 6.51 -26.88
CA THR D 180 34.07 7.14 -27.08
C THR D 180 35.20 6.16 -26.78
N LEU D 181 36.19 6.13 -27.69
CA LEU D 181 37.31 5.23 -27.59
C LEU D 181 38.53 5.87 -28.25
N SER D 182 39.68 5.23 -28.09
CA SER D 182 40.92 5.67 -28.71
C SER D 182 40.95 5.30 -30.20
N LYS D 183 41.72 6.05 -30.99
CA LYS D 183 41.75 5.80 -32.42
C LYS D 183 42.35 4.45 -32.74
N ALA D 184 43.35 4.03 -31.94
CA ALA D 184 43.89 2.69 -32.11
C ALA D 184 42.88 1.63 -31.72
N ASP D 185 42.21 1.82 -30.57
CA ASP D 185 41.10 0.95 -30.17
C ASP D 185 40.10 0.78 -31.30
N TYR D 186 39.76 1.89 -31.95
CA TYR D 186 38.79 1.86 -33.04
C TYR D 186 39.34 1.09 -34.23
N GLU D 187 40.58 1.36 -34.62
CA GLU D 187 41.15 0.71 -35.79
C GLU D 187 41.60 -0.72 -35.53
N LYS D 188 41.52 -1.21 -34.29
CA LYS D 188 41.93 -2.56 -33.94
C LYS D 188 40.78 -3.57 -34.05
N HIS D 189 39.53 -3.13 -33.93
CA HIS D 189 38.34 -3.95 -34.12
C HIS D 189 37.68 -3.63 -35.45
N LYS D 190 36.53 -4.30 -35.71
CA LYS D 190 35.76 -4.13 -36.96
C LYS D 190 34.24 -4.14 -36.79
N VAL D 191 33.69 -4.87 -35.83
CA VAL D 191 32.24 -5.03 -35.67
C VAL D 191 31.76 -4.10 -34.56
N TYR D 192 30.86 -3.17 -34.91
CA TYR D 192 30.38 -2.14 -33.99
C TYR D 192 28.86 -2.08 -34.05
N ALA D 193 28.20 -2.24 -32.90
CA ALA D 193 26.75 -2.23 -32.87
C ALA D 193 26.23 -1.57 -31.60
N CYS D 194 25.06 -0.93 -31.73
CA CYS D 194 24.23 -0.57 -30.58
C CYS D 194 22.94 -1.38 -30.60
N GLU D 195 22.44 -1.68 -29.40
CA GLU D 195 21.32 -2.58 -29.19
C GLU D 195 20.37 -1.93 -28.20
N VAL D 196 19.14 -1.70 -28.66
CA VAL D 196 18.13 -0.89 -27.97
C VAL D 196 17.03 -1.81 -27.48
N THR D 197 16.47 -1.46 -26.31
CA THR D 197 15.29 -2.14 -25.78
C THR D 197 14.27 -1.10 -25.32
N HIS D 198 13.00 -1.47 -25.42
CA HIS D 198 11.94 -0.49 -25.24
C HIS D 198 10.60 -1.20 -25.07
N GLN D 199 9.75 -0.60 -24.22
CA GLN D 199 8.40 -1.08 -23.93
C GLN D 199 7.59 -1.46 -25.16
N GLY D 200 7.87 -0.83 -26.30
CA GLY D 200 7.16 -1.13 -27.52
C GLY D 200 7.96 -1.95 -28.50
N LEU D 201 9.08 -2.50 -28.07
CA LEU D 201 9.81 -3.49 -28.83
C LEU D 201 9.57 -4.83 -28.18
N SER D 202 9.28 -5.84 -28.98
CA SER D 202 9.14 -7.20 -28.44
C SER D 202 10.52 -7.84 -28.28
N SER D 203 11.31 -7.86 -29.37
CA SER D 203 12.72 -8.26 -29.22
C SER D 203 13.62 -7.03 -29.28
N PRO D 204 14.84 -7.13 -28.76
CA PRO D 204 15.77 -6.01 -28.86
C PRO D 204 16.19 -5.75 -30.29
N VAL D 205 16.42 -4.47 -30.60
CA VAL D 205 16.78 -4.02 -31.95
C VAL D 205 18.26 -3.67 -31.97
N THR D 206 18.95 -4.06 -33.05
CA THR D 206 20.38 -3.87 -33.18
C THR D 206 20.68 -3.19 -34.51
N LYS D 207 21.42 -2.08 -34.46
CA LYS D 207 21.94 -1.46 -35.66
C LYS D 207 23.46 -1.46 -35.57
N SER D 208 24.13 -1.77 -36.68
CA SER D 208 25.56 -2.06 -36.66
C SER D 208 26.23 -1.61 -37.96
N PHE D 209 27.53 -1.34 -37.86
CA PHE D 209 28.38 -1.08 -39.01
C PHE D 209 29.69 -1.85 -38.86
N ASN D 210 30.36 -2.08 -39.99
CA ASN D 210 31.68 -2.70 -40.03
C ASN D 210 32.70 -1.69 -40.55
N ARG D 211 33.80 -1.54 -39.81
CA ARG D 211 34.80 -0.53 -40.14
C ARG D 211 35.26 -0.68 -41.60
N GLY D 212 35.40 0.45 -42.28
CA GLY D 212 35.72 0.45 -43.69
C GLY D 212 34.55 0.06 -44.58
N GLN E 1 7.67 46.02 -28.78
CA GLN E 1 8.20 47.29 -28.29
C GLN E 1 9.03 47.12 -27.01
N ILE E 2 8.43 46.60 -25.94
CA ILE E 2 9.15 46.41 -24.69
C ILE E 2 10.07 45.21 -24.84
N GLN E 3 11.39 45.42 -24.62
CA GLN E 3 12.42 44.43 -24.90
C GLN E 3 13.58 44.62 -23.94
N LEU E 4 13.97 43.54 -23.28
CA LEU E 4 15.08 43.57 -22.33
C LEU E 4 16.25 42.77 -22.89
N GLN E 5 17.41 43.39 -22.99
CA GLN E 5 18.58 42.72 -23.52
C GLN E 5 19.59 42.51 -22.40
N GLN E 6 19.99 41.26 -22.19
CA GLN E 6 20.93 40.92 -21.14
C GLN E 6 22.31 40.65 -21.74
N SER E 7 23.34 40.87 -20.90
CA SER E 7 24.73 40.70 -21.31
C SER E 7 25.00 39.27 -21.82
N GLY E 8 26.19 39.09 -22.40
CA GLY E 8 26.57 37.78 -22.91
C GLY E 8 27.06 36.81 -21.82
N ALA E 9 26.96 35.51 -22.18
CA ALA E 9 27.44 34.39 -21.37
C ALA E 9 28.79 34.69 -20.73
N GLU E 10 28.87 34.41 -19.43
CA GLU E 10 29.98 34.86 -18.61
C GLU E 10 30.57 33.65 -17.89
N LEU E 11 31.86 33.41 -18.11
CA LEU E 11 32.64 32.48 -17.31
C LEU E 11 33.45 33.30 -16.33
N ALA E 12 33.51 32.83 -15.09
CA ALA E 12 34.12 33.61 -14.03
C ALA E 12 34.76 32.68 -13.02
N ARG E 13 35.91 33.13 -12.46
CA ARG E 13 36.72 32.25 -11.64
C ARG E 13 36.14 32.12 -10.24
N PRO E 14 36.38 30.98 -9.57
CA PRO E 14 35.88 30.80 -8.21
C PRO E 14 36.34 31.90 -7.28
N GLY E 15 35.43 32.39 -6.45
CA GLY E 15 35.73 33.49 -5.57
C GLY E 15 35.74 34.86 -6.21
N ALA E 16 35.74 34.97 -7.54
CA ALA E 16 35.79 36.25 -8.23
C ALA E 16 34.45 36.97 -8.23
N SER E 17 34.20 37.80 -9.26
CA SER E 17 32.96 38.55 -9.36
C SER E 17 32.55 38.71 -10.82
N VAL E 18 31.25 38.97 -11.01
CA VAL E 18 30.69 39.28 -12.32
C VAL E 18 29.66 40.39 -12.17
N LYS E 19 29.63 41.28 -13.15
CA LYS E 19 28.56 42.25 -13.28
C LYS E 19 27.75 41.84 -14.49
N LEU E 20 26.44 41.69 -14.28
CA LEU E 20 25.49 41.33 -15.32
C LEU E 20 24.68 42.55 -15.68
N SER E 21 24.33 42.67 -16.95
CA SER E 21 23.66 43.86 -17.44
C SER E 21 22.27 43.51 -17.94
N CYS E 22 21.42 44.53 -17.98
CA CYS E 22 20.05 44.38 -18.44
C CYS E 22 19.61 45.74 -18.96
N LYS E 23 19.44 45.85 -20.28
CA LYS E 23 19.19 47.12 -20.95
C LYS E 23 17.75 47.15 -21.47
N ALA E 24 16.94 48.04 -20.89
CA ALA E 24 15.54 48.21 -21.26
C ALA E 24 15.37 48.97 -22.58
N SER E 25 14.17 48.88 -23.14
CA SER E 25 13.79 49.60 -24.35
C SER E 25 12.28 49.49 -24.51
N GLY E 26 11.65 50.58 -24.96
CA GLY E 26 10.23 50.56 -25.27
C GLY E 26 9.31 50.96 -24.13
N TYR E 27 9.85 51.45 -23.01
CA TYR E 27 9.03 51.88 -21.89
C TYR E 27 9.83 52.90 -21.08
N THR E 28 9.20 53.50 -20.07
CA THR E 28 9.87 54.52 -19.26
C THR E 28 10.63 53.84 -18.13
N PHE E 29 11.90 53.54 -18.41
CA PHE E 29 12.78 52.78 -17.53
C PHE E 29 12.64 53.17 -16.05
N ILE E 30 12.41 54.45 -15.74
CA ILE E 30 12.55 54.85 -14.34
C ILE E 30 11.28 54.62 -13.52
N THR E 31 10.12 54.43 -14.15
CA THR E 31 8.82 54.34 -13.48
C THR E 31 8.47 52.93 -13.02
N TYR E 32 9.16 51.91 -13.54
CA TYR E 32 8.84 50.51 -13.32
C TYR E 32 10.02 49.81 -12.65
N TRP E 33 9.73 48.85 -11.78
CA TRP E 33 10.80 48.08 -11.17
C TRP E 33 11.41 47.10 -12.19
N ILE E 34 12.64 46.69 -11.91
CA ILE E 34 13.28 45.56 -12.58
C ILE E 34 13.40 44.43 -11.55
N GLN E 35 13.14 43.18 -11.99
CA GLN E 35 13.28 42.02 -11.12
C GLN E 35 14.31 41.05 -11.67
N TRP E 36 15.07 40.42 -10.78
CA TRP E 36 16.13 39.50 -11.16
C TRP E 36 15.89 38.11 -10.57
N VAL E 37 16.11 37.08 -11.38
CA VAL E 37 15.69 35.72 -11.03
C VAL E 37 16.82 34.76 -11.37
N LYS E 38 17.15 33.88 -10.44
CA LYS E 38 18.18 32.86 -10.60
C LYS E 38 17.52 31.53 -10.97
N GLN E 39 18.22 30.74 -11.78
CA GLN E 39 17.73 29.41 -12.13
C GLN E 39 18.92 28.52 -12.40
N ARG E 40 19.24 27.64 -11.46
CA ARG E 40 20.35 26.69 -11.62
C ARG E 40 19.97 25.64 -12.65
N PRO E 41 20.98 25.04 -13.34
CA PRO E 41 20.67 24.07 -14.41
C PRO E 41 19.76 22.94 -13.93
N GLY E 42 18.56 22.85 -14.51
CA GLY E 42 17.60 21.83 -14.16
C GLY E 42 16.65 22.18 -13.03
N GLN E 43 16.94 23.22 -12.24
CA GLN E 43 16.09 23.52 -11.10
C GLN E 43 15.05 24.57 -11.45
N GLY E 44 14.44 25.16 -10.43
CA GLY E 44 13.34 26.09 -10.61
C GLY E 44 13.78 27.54 -10.41
N LEU E 45 12.78 28.42 -10.34
CA LEU E 45 13.02 29.87 -10.42
C LEU E 45 13.16 30.44 -9.02
N GLU E 46 14.33 31.03 -8.72
CA GLU E 46 14.58 31.71 -7.45
C GLU E 46 14.57 33.22 -7.65
N TRP E 47 13.77 33.92 -6.85
CA TRP E 47 13.69 35.38 -6.88
C TRP E 47 14.86 35.99 -6.11
N ILE E 48 15.73 36.73 -6.80
CA ILE E 48 16.87 37.42 -6.16
C ILE E 48 16.42 38.72 -5.49
N GLY E 49 15.89 39.65 -6.29
CA GLY E 49 15.31 40.87 -5.76
C GLY E 49 14.85 41.78 -6.87
N ALA E 50 14.46 43.00 -6.50
CA ALA E 50 14.01 44.00 -7.46
C ALA E 50 14.72 45.33 -7.24
N ILE E 51 14.61 46.21 -8.24
CA ILE E 51 15.17 47.56 -8.13
C ILE E 51 14.23 48.54 -8.85
N TYR E 52 14.13 49.76 -8.31
CA TYR E 52 13.38 50.85 -8.93
C TYR E 52 14.36 51.87 -9.51
N PRO E 53 14.62 51.88 -10.83
CA PRO E 53 15.66 52.76 -11.35
C PRO E 53 15.37 54.23 -11.06
N GLY E 54 14.09 54.59 -10.92
CA GLY E 54 13.70 55.92 -10.49
C GLY E 54 14.55 56.45 -9.34
N ASP E 55 14.54 55.74 -8.22
CA ASP E 55 15.25 56.18 -7.02
C ASP E 55 16.27 55.19 -6.49
N GLY E 56 16.45 54.03 -7.13
CA GLY E 56 17.40 53.03 -6.67
C GLY E 56 16.99 52.22 -5.46
N ASP E 57 15.72 52.32 -5.03
CA ASP E 57 15.22 51.49 -3.93
C ASP E 57 15.36 50.00 -4.28
N THR E 58 15.59 49.18 -3.26
CA THR E 58 15.81 47.77 -3.46
C THR E 58 15.04 46.92 -2.47
N ARG E 59 14.73 45.70 -2.92
CA ARG E 59 14.29 44.59 -2.09
C ARG E 59 15.16 43.37 -2.40
N TYR E 60 15.41 42.55 -1.38
CA TYR E 60 16.23 41.35 -1.58
C TYR E 60 15.63 40.17 -0.82
N THR E 61 15.97 38.98 -1.30
CA THR E 61 15.91 37.76 -0.50
C THR E 61 17.15 37.71 0.37
N GLN E 62 16.97 37.42 1.67
CA GLN E 62 18.10 37.46 2.58
C GLN E 62 19.25 36.60 2.07
N LYS E 63 18.94 35.45 1.47
CA LYS E 63 19.97 34.55 0.93
C LYS E 63 20.94 35.30 0.00
N PHE E 64 20.47 36.30 -0.74
CA PHE E 64 21.30 36.97 -1.74
C PHE E 64 21.83 38.32 -1.27
N LYS E 65 21.43 38.78 -0.07
CA LYS E 65 21.78 40.13 0.38
C LYS E 65 23.28 40.36 0.38
N ALA E 66 24.07 39.32 0.67
CA ALA E 66 25.51 39.41 0.43
C ALA E 66 25.84 39.28 -1.06
N LYS E 67 25.62 38.08 -1.64
CA LYS E 67 26.19 37.71 -2.93
C LYS E 67 25.88 38.71 -4.04
N ALA E 68 24.71 39.37 -4.01
CA ALA E 68 24.23 40.11 -5.17
C ALA E 68 23.94 41.57 -4.84
N THR E 69 24.39 42.45 -5.72
CA THR E 69 24.16 43.89 -5.60
C THR E 69 23.40 44.36 -6.82
N LEU E 70 22.31 45.08 -6.59
CA LEU E 70 21.40 45.52 -7.64
C LEU E 70 21.58 47.01 -7.86
N THR E 71 22.00 47.39 -9.07
CA THR E 71 22.17 48.79 -9.45
C THR E 71 21.46 49.04 -10.79
N ALA E 72 21.14 50.32 -11.04
CA ALA E 72 20.55 50.71 -12.31
C ALA E 72 20.97 52.13 -12.66
N ASP E 73 21.40 52.35 -13.91
CA ASP E 73 21.82 53.65 -14.43
C ASP E 73 20.67 54.25 -15.23
N LYS E 74 20.05 55.32 -14.68
CA LYS E 74 18.89 55.92 -15.34
C LYS E 74 19.20 56.38 -16.76
N SER E 75 20.44 56.82 -17.00
CA SER E 75 20.80 57.42 -18.27
C SER E 75 20.85 56.39 -19.39
N SER E 76 21.60 55.30 -19.18
CA SER E 76 21.70 54.26 -20.19
C SER E 76 20.45 53.38 -20.26
N SER E 77 19.51 53.51 -19.33
CA SER E 77 18.33 52.64 -19.24
C SER E 77 18.75 51.18 -19.06
N THR E 78 19.68 50.95 -18.14
CA THR E 78 20.35 49.68 -18.00
C THR E 78 20.44 49.30 -16.54
N ALA E 79 19.95 48.10 -16.22
CA ALA E 79 20.03 47.52 -14.88
C ALA E 79 21.23 46.59 -14.79
N TYR E 80 21.83 46.57 -13.61
CA TYR E 80 23.06 45.84 -13.38
C TYR E 80 22.89 44.98 -12.14
N MET E 81 23.54 43.83 -12.16
CA MET E 81 23.62 43.00 -10.97
C MET E 81 25.04 42.50 -10.82
N GLN E 82 25.54 42.59 -9.61
CA GLN E 82 26.89 42.19 -9.27
C GLN E 82 26.78 40.98 -8.35
N LEU E 83 27.40 39.88 -8.73
CA LEU E 83 27.50 38.70 -7.89
C LEU E 83 28.95 38.59 -7.45
N SER E 84 29.18 38.64 -6.15
CA SER E 84 30.52 38.56 -5.59
C SER E 84 30.80 37.16 -5.04
N THR E 85 32.09 36.90 -4.79
CA THR E 85 32.57 35.65 -4.19
C THR E 85 31.82 34.45 -4.77
N LEU E 86 32.02 34.25 -6.06
CA LEU E 86 31.27 33.21 -6.77
C LEU E 86 31.67 31.84 -6.28
N THR E 87 30.69 30.93 -6.25
CA THR E 87 30.89 29.51 -5.94
C THR E 87 30.19 28.68 -6.99
N SER E 88 30.29 27.35 -6.83
CA SER E 88 29.61 26.40 -7.72
C SER E 88 28.11 26.59 -7.71
N GLU E 89 27.52 26.80 -6.52
CA GLU E 89 26.08 27.02 -6.42
C GLU E 89 25.62 28.28 -7.15
N ASP E 90 26.53 29.12 -7.64
CA ASP E 90 26.15 30.34 -8.33
C ASP E 90 26.15 30.21 -9.84
N SER E 91 26.76 29.16 -10.38
CA SER E 91 26.50 28.78 -11.76
C SER E 91 25.00 28.64 -11.98
N ALA E 92 24.49 29.42 -12.92
CA ALA E 92 23.06 29.49 -13.17
C ALA E 92 22.84 30.40 -14.37
N VAL E 93 21.62 30.40 -14.86
CA VAL E 93 21.15 31.38 -15.82
C VAL E 93 20.33 32.40 -15.06
N TYR E 94 20.76 33.66 -15.07
CA TYR E 94 20.09 34.75 -14.37
C TYR E 94 19.22 35.54 -15.34
N PHE E 95 17.99 35.81 -14.96
CA PHE E 95 17.06 36.55 -15.80
C PHE E 95 16.81 37.93 -15.19
N CYS E 96 16.46 38.89 -16.05
CA CYS E 96 15.87 40.14 -15.60
C CYS E 96 14.49 40.35 -16.24
N ALA E 97 13.64 41.09 -15.53
CA ALA E 97 12.27 41.24 -15.95
C ALA E 97 11.70 42.59 -15.50
N LYS E 98 10.77 43.09 -16.31
CA LYS E 98 10.09 44.35 -16.04
C LYS E 98 8.87 44.09 -15.18
N GLY E 99 8.79 44.79 -14.07
CA GLY E 99 7.66 44.70 -13.19
C GLY E 99 6.69 45.82 -13.44
N ASP E 100 6.09 46.31 -12.35
CA ASP E 100 5.16 47.42 -12.40
C ASP E 100 5.62 48.54 -11.47
N THR E 101 4.70 49.44 -11.10
CA THR E 101 5.07 50.53 -10.21
C THR E 101 5.29 50.06 -8.79
N TYR E 102 4.71 48.92 -8.41
CA TYR E 102 5.28 48.04 -7.40
C TYR E 102 5.85 46.84 -8.14
N PRO E 103 6.75 46.05 -7.53
CA PRO E 103 7.46 45.04 -8.35
C PRO E 103 6.50 44.06 -9.03
N ALA E 104 5.54 43.47 -8.30
CA ALA E 104 4.36 42.81 -8.88
C ALA E 104 4.76 41.60 -9.74
N ALA E 105 3.98 41.31 -10.78
CA ALA E 105 4.29 40.20 -11.67
C ALA E 105 5.42 40.61 -12.60
N MET E 106 5.73 39.78 -13.58
CA MET E 106 6.83 40.05 -14.52
C MET E 106 6.35 39.69 -15.93
N ASP E 107 5.89 40.71 -16.68
CA ASP E 107 5.33 40.46 -18.01
C ASP E 107 6.39 40.37 -19.07
N TYR E 108 7.55 40.97 -18.86
CA TYR E 108 8.56 41.05 -19.91
C TYR E 108 9.89 40.58 -19.35
N TRP E 109 10.51 39.61 -20.03
CA TRP E 109 11.64 38.86 -19.49
C TRP E 109 12.84 38.99 -20.43
N GLY E 110 14.03 39.15 -19.86
CA GLY E 110 15.24 39.08 -20.65
C GLY E 110 15.48 37.68 -21.16
N GLN E 111 16.43 37.56 -22.08
CA GLN E 111 16.73 36.24 -22.63
C GLN E 111 17.57 35.39 -21.67
N GLY E 112 18.13 36.00 -20.63
CA GLY E 112 18.94 35.26 -19.69
C GLY E 112 20.43 35.36 -19.98
N THR E 113 21.22 35.38 -18.91
CA THR E 113 22.68 35.30 -18.98
C THR E 113 23.14 34.07 -18.20
N SER E 114 23.84 33.17 -18.87
CA SER E 114 24.36 31.95 -18.27
C SER E 114 25.75 32.16 -17.65
N VAL E 115 25.88 31.98 -16.33
CA VAL E 115 27.16 32.18 -15.66
C VAL E 115 27.71 30.85 -15.19
N THR E 116 28.92 30.52 -15.60
CA THR E 116 29.61 29.32 -15.14
C THR E 116 30.78 29.72 -14.25
N VAL E 117 30.77 29.25 -13.01
CA VAL E 117 31.87 29.48 -12.07
C VAL E 117 32.81 28.27 -12.11
N SER E 118 34.06 28.51 -12.51
CA SER E 118 35.01 27.43 -12.75
C SER E 118 36.39 28.03 -13.00
N SER E 119 37.41 27.35 -12.50
CA SER E 119 38.78 27.79 -12.73
C SER E 119 39.32 27.35 -14.09
N ALA E 120 38.60 26.54 -14.84
CA ALA E 120 39.03 26.13 -16.17
C ALA E 120 38.91 27.29 -17.16
N SER E 121 39.39 27.05 -18.37
CA SER E 121 39.49 28.09 -19.38
C SER E 121 38.53 27.79 -20.53
N THR E 122 38.37 28.80 -21.39
CA THR E 122 37.43 28.76 -22.50
C THR E 122 38.04 28.02 -23.69
N LYS E 123 37.49 26.85 -24.01
CA LYS E 123 37.87 26.10 -25.21
C LYS E 123 36.71 26.08 -26.20
N GLY E 124 37.00 26.40 -27.45
CA GLY E 124 36.01 26.38 -28.50
C GLY E 124 35.74 24.98 -29.00
N PRO E 125 34.57 24.75 -29.59
CA PRO E 125 34.20 23.39 -29.98
C PRO E 125 34.85 22.95 -31.29
N SER E 126 35.13 21.66 -31.36
CA SER E 126 35.37 20.98 -32.63
C SER E 126 34.05 20.39 -33.13
N VAL E 127 33.85 20.43 -34.45
CA VAL E 127 32.57 20.05 -35.07
C VAL E 127 32.80 19.02 -36.18
N PHE E 128 32.37 17.79 -35.93
CA PHE E 128 32.45 16.71 -36.91
C PHE E 128 31.07 16.36 -37.46
N PRO E 129 31.00 15.97 -38.73
CA PRO E 129 29.70 15.57 -39.30
C PRO E 129 29.35 14.12 -38.96
N LEU E 130 28.04 13.89 -38.83
CA LEU E 130 27.47 12.54 -38.76
C LEU E 130 26.76 12.38 -40.08
N ALA E 131 27.37 11.60 -40.96
CA ALA E 131 26.86 11.50 -42.30
C ALA E 131 25.79 10.43 -42.36
N PRO E 132 24.83 10.56 -43.27
CA PRO E 132 23.81 9.52 -43.43
C PRO E 132 24.32 8.33 -44.22
N SER E 133 23.87 7.14 -43.82
CA SER E 133 24.13 5.88 -44.52
C SER E 133 23.04 5.57 -45.55
N GLY E 139 14.15 3.38 -43.19
CA GLY E 139 13.13 3.40 -44.22
C GLY E 139 13.29 4.58 -45.17
N GLY E 140 12.18 5.19 -45.57
CA GLY E 140 12.20 6.36 -46.43
C GLY E 140 12.67 7.60 -45.71
N THR E 141 13.22 7.41 -44.51
CA THR E 141 13.68 8.51 -43.67
C THR E 141 15.19 8.40 -43.47
N ALA E 142 15.87 9.54 -43.49
CA ALA E 142 17.31 9.60 -43.36
C ALA E 142 17.72 10.52 -42.22
N ALA E 143 18.68 10.07 -41.43
CA ALA E 143 19.24 10.88 -40.35
C ALA E 143 20.63 11.34 -40.73
N LEU E 144 20.97 12.55 -40.26
CA LEU E 144 22.30 13.12 -40.35
C LEU E 144 22.45 14.06 -39.17
N GLY E 145 23.69 14.37 -38.80
CA GLY E 145 23.88 15.21 -37.63
C GLY E 145 25.23 15.89 -37.57
N CYS E 146 25.45 16.61 -36.46
CA CYS E 146 26.72 17.26 -36.15
C CYS E 146 27.11 16.88 -34.75
N LEU E 147 28.37 16.49 -34.58
CA LEU E 147 28.97 16.22 -33.28
C LEU E 147 29.76 17.47 -32.89
N VAL E 148 29.37 18.10 -31.80
CA VAL E 148 30.02 19.29 -31.31
C VAL E 148 30.71 18.88 -30.02
N LYS E 149 32.03 18.81 -30.03
CA LYS E 149 32.76 18.15 -28.97
C LYS E 149 33.85 19.07 -28.42
N ASP E 150 34.19 18.87 -27.14
CA ASP E 150 35.33 19.51 -26.51
C ASP E 150 35.18 21.04 -26.50
N TYR E 151 34.20 21.51 -25.73
CA TYR E 151 34.04 22.95 -25.58
C TYR E 151 33.81 23.28 -24.10
N PHE E 152 34.04 24.54 -23.77
CA PHE E 152 33.86 25.05 -22.41
C PHE E 152 33.88 26.58 -22.40
N PRO E 153 33.04 27.22 -21.60
CA PRO E 153 31.95 26.65 -20.80
C PRO E 153 30.73 26.51 -21.70
N GLU E 154 29.61 26.39 -21.13
CA GLU E 154 28.36 26.38 -21.85
C GLU E 154 27.78 27.78 -21.90
N PRO E 155 26.97 28.14 -22.90
CA PRO E 155 26.33 27.28 -23.91
C PRO E 155 26.91 27.32 -25.30
N VAL E 156 26.52 26.32 -26.07
CA VAL E 156 26.69 26.34 -27.51
C VAL E 156 25.30 26.47 -28.13
N THR E 157 25.26 26.85 -29.40
CA THR E 157 24.01 26.90 -30.16
C THR E 157 24.18 26.11 -31.44
N VAL E 158 23.12 25.47 -31.90
CA VAL E 158 23.16 24.78 -33.17
C VAL E 158 21.89 25.12 -33.94
N SER E 159 22.04 25.64 -35.16
CA SER E 159 20.96 25.75 -36.11
C SER E 159 21.36 25.00 -37.36
N TRP E 160 20.37 24.66 -38.19
CA TRP E 160 20.61 24.00 -39.46
C TRP E 160 20.08 24.86 -40.58
N ASN E 161 20.87 24.98 -41.66
CA ASN E 161 20.53 25.80 -42.83
C ASN E 161 20.10 27.20 -42.39
N SER E 162 20.88 27.76 -41.45
CA SER E 162 20.70 29.11 -40.93
C SER E 162 19.27 29.38 -40.48
N GLY E 163 18.68 28.42 -39.80
CA GLY E 163 17.33 28.57 -39.30
C GLY E 163 16.24 28.16 -40.25
N ALA E 164 16.56 27.85 -41.51
CA ALA E 164 15.53 27.35 -42.43
C ALA E 164 15.06 25.97 -41.98
N LEU E 165 15.96 25.00 -42.00
CA LEU E 165 15.69 23.63 -41.52
C LEU E 165 15.50 23.67 -40.01
N THR E 166 14.24 23.65 -39.56
CA THR E 166 13.92 23.47 -38.16
C THR E 166 13.16 22.19 -37.90
N SER E 167 12.50 21.66 -38.91
CA SER E 167 11.62 20.52 -38.73
C SER E 167 12.43 19.24 -38.80
N GLY E 168 12.12 18.30 -37.90
CA GLY E 168 12.90 17.08 -37.79
C GLY E 168 14.21 17.23 -37.07
N VAL E 169 14.47 18.40 -36.44
CA VAL E 169 15.74 18.70 -35.78
C VAL E 169 15.61 18.32 -34.31
N HIS E 170 16.62 17.59 -33.80
CA HIS E 170 16.75 17.33 -32.37
C HIS E 170 18.15 17.72 -31.92
N THR E 171 18.26 18.81 -31.20
CA THR E 171 19.52 19.21 -30.60
C THR E 171 19.52 18.70 -29.17
N PHE E 172 20.34 17.69 -28.90
CA PHE E 172 20.31 17.02 -27.61
C PHE E 172 20.95 17.88 -26.53
N PRO E 173 20.65 17.61 -25.27
CA PRO E 173 21.39 18.26 -24.18
C PRO E 173 22.85 17.85 -24.24
N ALA E 174 23.69 18.68 -23.63
CA ALA E 174 25.12 18.48 -23.64
C ALA E 174 25.53 17.64 -22.44
N VAL E 175 26.47 16.73 -22.65
CA VAL E 175 27.00 15.90 -21.56
C VAL E 175 28.34 16.48 -21.15
N LEU E 176 28.64 16.40 -19.85
CA LEU E 176 29.97 16.75 -19.32
C LEU E 176 30.85 15.51 -19.39
N GLN E 177 31.82 15.50 -20.31
CA GLN E 177 32.72 14.36 -20.48
C GLN E 177 33.70 14.23 -19.30
N SER E 178 34.41 13.11 -19.29
CA SER E 178 35.39 12.85 -18.23
C SER E 178 36.55 13.85 -18.28
N SER E 179 36.91 14.30 -19.49
CA SER E 179 37.90 15.34 -19.70
C SER E 179 37.48 16.67 -19.08
N GLY E 180 36.28 16.75 -18.52
CA GLY E 180 35.78 18.02 -18.02
C GLY E 180 35.29 18.99 -19.08
N LEU E 181 35.30 18.60 -20.35
CA LEU E 181 34.72 19.35 -21.45
C LEU E 181 33.34 18.80 -21.82
N TYR E 182 32.51 19.66 -22.41
CA TYR E 182 31.15 19.33 -22.79
C TYR E 182 31.09 18.77 -24.21
N SER E 183 30.12 17.88 -24.43
CA SER E 183 29.87 17.41 -25.79
C SER E 183 28.38 17.41 -26.05
N LEU E 184 28.03 17.74 -27.30
CA LEU E 184 26.66 18.02 -27.74
C LEU E 184 26.44 17.40 -29.11
N SER E 185 25.22 16.95 -29.35
CA SER E 185 24.88 16.40 -30.65
C SER E 185 23.59 17.03 -31.12
N SER E 186 23.53 17.32 -32.40
CA SER E 186 22.32 17.78 -33.04
C SER E 186 22.13 16.91 -34.26
N VAL E 187 20.89 16.53 -34.53
CA VAL E 187 20.56 15.69 -35.67
C VAL E 187 19.28 16.18 -36.32
N VAL E 188 19.11 15.83 -37.59
CA VAL E 188 17.87 16.12 -38.27
C VAL E 188 17.46 14.91 -39.10
N THR E 189 16.20 14.53 -39.00
CA THR E 189 15.63 13.51 -39.88
C THR E 189 15.03 14.20 -41.10
N VAL E 190 15.30 13.63 -42.27
CA VAL E 190 14.86 14.25 -43.52
C VAL E 190 14.29 13.15 -44.42
N PRO E 191 13.61 13.51 -45.50
CA PRO E 191 13.29 12.51 -46.53
C PRO E 191 14.56 11.96 -47.15
N SER E 192 14.63 10.63 -47.27
CA SER E 192 15.81 10.00 -47.85
C SER E 192 16.00 10.43 -49.30
N SER E 193 14.90 10.72 -50.00
CA SER E 193 14.99 11.19 -51.37
C SER E 193 15.68 12.54 -51.43
N SER E 194 15.25 13.49 -50.59
CA SER E 194 15.76 14.85 -50.75
C SER E 194 17.23 15.01 -50.27
N LEU E 195 17.90 13.90 -49.95
CA LEU E 195 19.28 13.95 -49.50
C LEU E 195 20.18 14.64 -50.53
N GLY E 196 20.19 14.11 -51.77
CA GLY E 196 21.08 14.63 -52.79
C GLY E 196 20.75 16.02 -53.32
N THR E 197 19.58 16.56 -53.00
CA THR E 197 19.15 17.84 -53.57
C THR E 197 19.17 18.99 -52.58
N GLN E 198 19.35 18.71 -51.28
CA GLN E 198 19.49 19.76 -50.28
C GLN E 198 20.86 19.65 -49.64
N THR E 199 21.52 20.79 -49.47
CA THR E 199 22.74 20.85 -48.69
C THR E 199 22.37 21.18 -47.25
N TYR E 200 22.84 20.36 -46.34
CA TYR E 200 22.57 20.55 -44.93
C TYR E 200 23.87 20.98 -44.27
N ILE E 201 23.89 22.19 -43.74
CA ILE E 201 24.99 22.67 -42.92
C ILE E 201 24.43 22.97 -41.54
N CYS E 202 25.23 22.67 -40.51
CA CYS E 202 24.87 23.00 -39.14
C CYS E 202 25.66 24.23 -38.69
N ASN E 203 24.95 25.26 -38.27
CA ASN E 203 25.57 26.51 -37.86
C ASN E 203 25.77 26.45 -36.35
N VAL E 204 27.01 26.25 -35.94
CA VAL E 204 27.39 26.10 -34.53
C VAL E 204 28.05 27.40 -34.06
N ASN E 205 27.60 27.90 -32.91
CA ASN E 205 28.15 29.14 -32.38
C ASN E 205 28.34 29.06 -30.87
N HIS E 206 29.55 29.39 -30.41
CA HIS E 206 29.99 29.27 -29.03
C HIS E 206 30.48 30.67 -28.65
N LYS E 207 29.58 31.46 -28.07
CA LYS E 207 29.91 32.84 -27.73
C LYS E 207 31.02 32.96 -26.70
N PRO E 208 31.11 32.12 -25.66
CA PRO E 208 32.28 32.21 -24.76
C PRO E 208 33.64 32.21 -25.46
N SER E 209 33.78 31.55 -26.61
CA SER E 209 35.05 31.53 -27.35
C SER E 209 34.96 32.21 -28.71
N ASN E 210 33.84 32.87 -29.02
CA ASN E 210 33.64 33.54 -30.30
C ASN E 210 33.93 32.58 -31.46
N THR E 211 33.49 31.34 -31.32
CA THR E 211 33.75 30.30 -32.30
C THR E 211 32.46 30.02 -33.07
N LYS E 212 32.34 30.61 -34.24
CA LYS E 212 31.27 30.28 -35.16
C LYS E 212 31.86 29.34 -36.21
N VAL E 213 31.13 28.27 -36.51
CA VAL E 213 31.56 27.27 -37.49
C VAL E 213 30.33 26.75 -38.23
N ASP E 214 30.49 26.51 -39.55
CA ASP E 214 29.40 26.03 -40.40
C ASP E 214 29.87 24.76 -41.10
N LYS E 215 29.78 23.63 -40.40
CA LYS E 215 30.21 22.35 -40.94
C LYS E 215 29.11 21.77 -41.84
N ARG E 216 29.44 21.60 -43.13
CA ARG E 216 28.54 20.96 -44.07
C ARG E 216 28.55 19.45 -43.86
N VAL E 217 27.36 18.85 -44.00
CA VAL E 217 27.21 17.41 -43.89
C VAL E 217 26.64 16.92 -45.22
N GLU E 218 27.34 15.98 -45.82
CA GLU E 218 26.92 15.38 -47.09
C GLU E 218 27.12 13.88 -46.97
N PRO E 219 26.49 13.10 -47.85
CA PRO E 219 26.69 11.65 -47.94
C PRO E 219 28.16 11.22 -48.03
N VAL F 11 -19.06 61.84 12.65
CA VAL F 11 -18.49 61.76 11.31
C VAL F 11 -17.42 62.83 11.12
N ASN F 12 -17.77 64.10 11.31
CA ASN F 12 -16.75 65.12 11.47
C ASN F 12 -15.94 64.90 12.74
N THR F 13 -16.52 64.18 13.71
CA THR F 13 -15.77 63.76 14.90
C THR F 13 -14.60 62.87 14.50
N LEU F 14 -14.85 61.95 13.55
CA LEU F 14 -13.77 61.15 13.00
C LEU F 14 -12.76 62.02 12.25
N SER F 15 -13.27 62.89 11.36
CA SER F 15 -12.36 63.71 10.56
C SER F 15 -11.38 64.50 11.42
N GLU F 16 -11.85 65.03 12.57
CA GLU F 16 -10.98 65.75 13.49
C GLU F 16 -10.09 64.79 14.29
N ARG F 17 -10.66 63.67 14.76
CA ARG F 17 -9.92 62.72 15.58
C ARG F 17 -8.71 62.16 14.84
N ILE F 18 -8.89 61.83 13.56
CA ILE F 18 -7.78 61.40 12.72
C ILE F 18 -6.68 62.46 12.73
N SER F 19 -7.04 63.71 12.38
CA SER F 19 -6.08 64.81 12.42
C SER F 19 -5.41 64.92 13.77
N SER F 20 -6.19 64.94 14.86
CA SER F 20 -5.63 65.00 16.19
C SER F 20 -4.68 63.82 16.44
N LYS F 21 -5.12 62.60 16.12
CA LYS F 21 -4.31 61.41 16.41
C LYS F 21 -3.06 61.36 15.53
N LEU F 22 -3.20 61.77 14.27
CA LEU F 22 -2.04 61.96 13.41
C LEU F 22 -1.04 62.93 14.02
N GLU F 23 -1.52 63.91 14.78
CA GLU F 23 -0.64 64.90 15.40
C GLU F 23 0.09 64.31 16.60
N GLN F 24 -0.63 63.62 17.50
CA GLN F 24 0.04 63.08 18.69
C GLN F 24 0.92 61.88 18.37
N GLU F 25 0.43 60.93 17.58
CA GLU F 25 1.15 59.68 17.34
C GLU F 25 2.13 59.76 16.18
N ALA F 26 1.84 60.57 15.16
CA ALA F 26 2.71 60.69 13.99
C ALA F 26 3.34 62.07 13.83
N ASN F 27 2.86 63.08 14.55
CA ASN F 27 3.39 64.45 14.49
C ASN F 27 3.28 64.99 13.05
N ALA F 28 2.03 65.17 12.65
CA ALA F 28 1.69 65.57 11.30
C ALA F 28 1.23 67.03 11.30
N SER F 29 1.40 67.69 10.15
CA SER F 29 1.03 69.09 9.96
C SER F 29 0.77 69.36 8.48
N ALA F 30 0.07 70.46 8.21
CA ALA F 30 -0.24 70.87 6.84
C ALA F 30 0.96 71.45 6.11
N GLN F 31 2.04 71.77 6.83
CA GLN F 31 3.27 72.26 6.22
C GLN F 31 4.30 71.16 5.99
N THR F 32 3.99 69.93 6.41
CA THR F 32 4.88 68.80 6.17
C THR F 32 4.83 68.41 4.69
N LYS F 33 6.00 68.12 4.14
CA LYS F 33 6.11 67.64 2.77
C LYS F 33 5.37 66.31 2.66
N CYS F 34 4.56 66.16 1.62
CA CYS F 34 3.89 64.90 1.34
C CYS F 34 4.62 64.20 0.20
N ASP F 35 5.11 62.98 0.47
CA ASP F 35 5.81 62.22 -0.56
C ASP F 35 4.84 61.74 -1.64
N ILE F 36 3.66 61.25 -1.25
CA ILE F 36 2.60 60.96 -2.20
C ILE F 36 1.55 62.08 -2.09
N GLU F 37 1.14 62.60 -3.23
CA GLU F 37 0.13 63.63 -3.36
C GLU F 37 -1.11 63.04 -4.03
N ILE F 38 -2.28 63.55 -3.64
CA ILE F 38 -3.54 63.12 -4.24
C ILE F 38 -3.75 63.90 -5.52
N GLY F 39 -4.25 63.23 -6.56
CA GLY F 39 -4.52 63.88 -7.84
C GLY F 39 -6.00 64.00 -8.16
N VAL F 53 -9.50 67.50 -0.39
CA VAL F 53 -8.45 66.77 0.32
C VAL F 53 -7.61 67.72 1.17
N LYS F 54 -7.34 67.33 2.41
CA LYS F 54 -6.58 68.12 3.38
C LYS F 54 -5.23 67.44 3.62
N ASN F 55 -4.15 68.04 3.12
CA ASN F 55 -2.82 67.41 3.08
C ASN F 55 -2.12 67.48 4.45
N MET F 56 -2.54 66.62 5.38
CA MET F 56 -1.91 66.57 6.71
C MET F 56 -0.93 65.41 6.80
N CYS F 57 0.30 65.64 6.33
CA CYS F 57 1.29 64.61 6.06
C CYS F 57 2.32 64.49 7.18
N SER F 58 3.21 63.48 7.04
CA SER F 58 4.18 63.08 8.05
C SER F 58 5.08 61.96 7.53
N ALA F 59 5.95 61.41 8.39
CA ALA F 59 6.97 60.43 8.00
C ALA F 59 6.62 59.00 8.37
N ASP F 60 6.32 58.72 9.64
CA ASP F 60 6.06 57.36 10.10
C ASP F 60 4.76 56.84 9.48
N ALA F 61 4.88 56.02 8.44
CA ALA F 61 3.69 55.37 7.91
C ALA F 61 3.10 54.42 8.94
N ASP F 62 3.95 53.66 9.65
CA ASP F 62 3.46 52.74 10.67
C ASP F 62 2.51 53.44 11.64
N ALA F 63 2.91 54.60 12.16
CA ALA F 63 2.10 55.34 13.11
C ALA F 63 0.95 56.09 12.45
N GLN F 64 1.05 56.40 11.16
CA GLN F 64 -0.10 56.94 10.46
C GLN F 64 -1.23 55.93 10.44
N LEU F 65 -0.88 54.65 10.25
CA LEU F 65 -1.88 53.59 10.30
C LEU F 65 -2.41 53.36 11.72
N ASP F 66 -1.53 53.38 12.73
CA ASP F 66 -1.99 53.19 14.11
C ASP F 66 -2.87 54.34 14.58
N ALA F 67 -2.71 55.53 13.99
CA ALA F 67 -3.52 56.68 14.40
C ALA F 67 -4.91 56.64 13.77
N VAL F 68 -5.00 56.22 12.51
CA VAL F 68 -6.29 56.09 11.85
C VAL F 68 -7.04 54.87 12.40
N LEU F 69 -6.33 53.89 12.95
CA LEU F 69 -6.98 52.76 13.61
C LEU F 69 -7.53 53.17 14.98
N SER F 70 -6.69 53.81 15.80
CA SER F 70 -7.13 54.24 17.13
C SER F 70 -8.24 55.27 17.06
N ALA F 71 -8.26 56.10 16.01
CA ALA F 71 -9.36 57.05 15.82
C ALA F 71 -10.67 56.32 15.54
N ALA F 72 -10.64 55.36 14.61
CA ALA F 72 -11.84 54.60 14.26
C ALA F 72 -12.32 53.76 15.43
N THR F 73 -11.40 53.09 16.13
CA THR F 73 -11.71 52.36 17.35
C THR F 73 -12.55 53.20 18.30
N GLU F 74 -12.17 54.47 18.49
CA GLU F 74 -12.82 55.32 19.47
C GLU F 74 -14.14 55.89 18.95
N THR F 75 -14.18 56.37 17.70
CA THR F 75 -15.41 56.93 17.16
C THR F 75 -16.52 55.88 17.07
N TYR F 76 -16.17 54.60 17.01
CA TYR F 76 -17.18 53.53 16.98
C TYR F 76 -17.63 53.16 18.39
N SER F 77 -16.71 53.09 19.35
CA SER F 77 -17.09 52.81 20.72
C SER F 77 -17.95 53.93 21.30
N GLY F 78 -17.78 55.16 20.79
CA GLY F 78 -18.62 56.28 21.12
C GLY F 78 -19.94 56.33 20.41
N LEU F 79 -20.29 55.28 19.67
CA LEU F 79 -21.57 55.21 18.97
C LEU F 79 -22.62 54.62 19.89
N THR F 80 -23.90 55.00 19.67
CA THR F 80 -24.95 54.37 20.48
C THR F 80 -25.31 53.00 19.90
N PRO F 81 -25.62 52.02 20.75
CA PRO F 81 -25.93 50.66 20.24
C PRO F 81 -26.92 50.62 19.09
N GLU F 82 -28.04 51.35 19.18
CA GLU F 82 -28.98 51.39 18.06
C GLU F 82 -28.34 51.88 16.77
N GLN F 83 -27.22 52.60 16.87
CA GLN F 83 -26.47 53.06 15.69
C GLN F 83 -25.41 52.05 15.26
N LYS F 84 -24.86 51.28 16.20
CA LYS F 84 -23.86 50.27 15.86
C LYS F 84 -24.43 49.15 14.99
N ALA F 85 -25.75 48.88 15.06
CA ALA F 85 -26.33 47.84 14.20
C ALA F 85 -26.13 48.15 12.73
N TYR F 86 -25.92 49.41 12.38
CA TYR F 86 -25.79 49.81 10.98
C TYR F 86 -24.40 49.53 10.44
N VAL F 87 -23.41 49.50 11.32
CA VAL F 87 -22.00 49.44 10.92
C VAL F 87 -21.64 48.13 10.21
N PRO F 88 -22.13 46.95 10.63
CA PRO F 88 -21.80 45.73 9.88
C PRO F 88 -22.30 45.75 8.43
N ALA F 89 -23.54 46.20 8.20
CA ALA F 89 -24.08 46.30 6.85
C ALA F 89 -23.18 47.08 5.89
N MET F 90 -22.48 48.09 6.39
CA MET F 90 -21.62 48.91 5.54
C MET F 90 -20.28 48.26 5.27
N PHE F 91 -19.75 47.49 6.23
CA PHE F 91 -18.54 46.68 6.01
C PHE F 91 -18.70 45.77 4.81
N THR F 92 -19.66 44.86 4.88
CA THR F 92 -20.02 44.02 3.75
C THR F 92 -20.39 44.82 2.50
N ALA F 93 -20.87 46.05 2.66
CA ALA F 93 -21.24 46.85 1.50
C ALA F 93 -20.03 47.30 0.70
N ALA F 94 -18.97 47.78 1.37
CA ALA F 94 -17.80 48.36 0.73
C ALA F 94 -16.54 47.52 0.84
N LEU F 95 -16.33 46.83 1.96
CA LEU F 95 -15.17 45.97 2.10
C LEU F 95 -15.45 44.53 1.71
N ASN F 96 -16.73 44.13 1.71
CA ASN F 96 -17.16 42.77 1.38
C ASN F 96 -16.53 41.74 2.34
N ILE F 97 -16.84 41.91 3.62
CA ILE F 97 -16.52 40.90 4.63
C ILE F 97 -17.59 40.98 5.71
N GLN F 98 -18.17 39.84 6.05
CA GLN F 98 -19.28 39.82 6.99
C GLN F 98 -18.76 39.94 8.40
N THR F 99 -19.44 40.74 9.20
CA THR F 99 -19.00 41.06 10.53
C THR F 99 -20.22 41.24 11.41
N SER F 100 -19.96 41.44 12.69
CA SER F 100 -20.97 41.70 13.70
C SER F 100 -20.62 43.00 14.42
N VAL F 101 -21.50 43.42 15.34
CA VAL F 101 -21.25 44.63 16.11
C VAL F 101 -20.12 44.42 17.12
N ASN F 102 -19.82 43.18 17.50
CA ASN F 102 -18.75 42.86 18.45
C ASN F 102 -17.49 42.35 17.78
N THR F 103 -17.37 42.44 16.46
CA THR F 103 -16.14 42.07 15.78
C THR F 103 -15.66 43.12 14.79
N VAL F 104 -16.47 44.15 14.51
CA VAL F 104 -16.11 45.18 13.53
C VAL F 104 -14.77 45.81 13.85
N VAL F 105 -14.49 46.04 15.13
CA VAL F 105 -13.21 46.60 15.54
C VAL F 105 -12.07 45.73 15.03
N ARG F 106 -12.11 44.43 15.35
CA ARG F 106 -11.02 43.56 14.93
C ARG F 106 -11.06 43.31 13.44
N ASP F 107 -12.27 43.31 12.85
CA ASP F 107 -12.39 43.13 11.41
C ASP F 107 -11.70 44.25 10.66
N PHE F 108 -11.92 45.50 11.10
CA PHE F 108 -11.27 46.64 10.48
C PHE F 108 -9.79 46.71 10.83
N GLU F 109 -9.43 46.32 12.06
CA GLU F 109 -8.02 46.26 12.43
C GLU F 109 -7.28 45.30 11.53
N ASN F 110 -7.82 44.09 11.35
CA ASN F 110 -7.20 43.07 10.52
C ASN F 110 -7.18 43.49 9.05
N TYR F 111 -8.31 43.96 8.52
CA TYR F 111 -8.37 44.38 7.12
C TYR F 111 -7.27 45.39 6.79
N VAL F 112 -7.19 46.48 7.57
CA VAL F 112 -6.28 47.57 7.28
C VAL F 112 -4.83 47.11 7.47
N LYS F 113 -4.54 46.39 8.56
CA LYS F 113 -3.19 45.89 8.76
C LYS F 113 -2.80 44.92 7.66
N GLN F 114 -3.75 44.14 7.14
CA GLN F 114 -3.47 43.23 6.04
C GLN F 114 -3.34 43.97 4.71
N THR F 115 -4.34 44.76 4.34
CA THR F 115 -4.36 45.43 3.04
C THR F 115 -3.27 46.50 2.91
N CYS F 116 -3.00 47.23 3.99
CA CYS F 116 -2.12 48.39 3.90
C CYS F 116 -0.65 48.04 4.11
N ASN F 117 -0.32 46.76 4.23
CA ASN F 117 1.07 46.31 4.23
C ASN F 117 1.42 45.50 3.00
N SER F 118 0.49 45.35 2.07
CA SER F 118 0.74 44.54 0.89
C SER F 118 1.75 45.23 -0.03
N SER F 119 2.40 44.43 -0.87
CA SER F 119 3.40 44.97 -1.76
C SER F 119 2.85 46.08 -2.64
N ALA F 120 1.57 45.99 -3.02
CA ALA F 120 0.99 46.97 -3.93
C ALA F 120 0.71 48.31 -3.25
N VAL F 121 0.99 48.40 -1.96
CA VAL F 121 0.81 49.63 -1.23
C VAL F 121 2.18 50.18 -0.82
N VAL F 122 2.87 49.49 0.10
CA VAL F 122 4.12 49.98 0.66
C VAL F 122 5.26 50.00 -0.36
N ASP F 123 5.21 49.21 -1.43
CA ASP F 123 6.30 49.20 -2.39
C ASP F 123 5.95 49.85 -3.72
N ASN F 124 4.78 50.50 -3.79
CA ASN F 124 4.40 51.20 -5.01
C ASN F 124 5.03 52.59 -5.01
N LYS F 125 5.80 52.87 -6.05
CA LYS F 125 6.57 54.09 -6.22
C LYS F 125 5.80 55.20 -6.91
N LEU F 126 4.48 55.04 -7.09
CA LEU F 126 3.69 56.15 -7.59
C LEU F 126 3.63 57.26 -6.54
N LYS F 127 3.78 58.50 -7.00
CA LYS F 127 3.72 59.64 -6.10
C LYS F 127 2.48 60.51 -6.34
N ILE F 128 1.77 60.30 -7.45
CA ILE F 128 0.46 60.90 -7.71
C ILE F 128 -0.57 59.76 -7.74
N GLN F 129 -1.49 59.76 -6.79
CA GLN F 129 -2.53 58.74 -6.75
C GLN F 129 -3.91 59.40 -6.67
N ASN F 130 -4.96 58.59 -6.80
CA ASN F 130 -6.33 59.13 -6.96
C ASN F 130 -7.39 58.48 -6.04
N PHE F 148 -11.39 63.77 2.98
CA PHE F 148 -10.26 62.87 2.72
C PHE F 148 -8.91 63.48 3.11
N ILE F 149 -8.26 62.93 4.13
CA ILE F 149 -6.95 63.39 4.60
C ILE F 149 -5.85 62.58 3.92
N ASN F 150 -4.99 63.26 3.15
CA ASN F 150 -3.77 62.65 2.62
C ASN F 150 -2.74 62.61 3.74
N THR F 151 -2.19 61.42 4.01
CA THR F 151 -1.18 61.25 5.06
C THR F 151 0.24 61.27 4.53
N GLY F 152 0.42 61.42 3.20
CA GLY F 152 1.72 61.48 2.60
C GLY F 152 2.35 60.13 2.30
N SER F 153 1.73 59.02 2.73
CA SER F 153 2.24 57.68 2.51
C SER F 153 1.18 56.80 1.87
N SER F 154 1.63 55.84 1.05
CA SER F 154 0.71 54.85 0.49
C SER F 154 0.00 54.09 1.59
N LYS F 155 0.76 53.69 2.63
CA LYS F 155 0.20 52.91 3.73
C LYS F 155 -0.91 53.69 4.44
N GLY F 156 -0.63 54.93 4.83
CA GLY F 156 -1.63 55.72 5.54
C GLY F 156 -2.85 56.00 4.69
N ASN F 157 -2.63 56.44 3.45
CA ASN F 157 -3.73 56.72 2.54
C ASN F 157 -4.55 55.47 2.25
N CYS F 158 -3.92 54.29 2.32
CA CYS F 158 -4.66 53.04 2.19
C CYS F 158 -5.77 52.97 3.24
N ALA F 159 -5.45 53.21 4.50
CA ALA F 159 -6.47 53.13 5.56
C ALA F 159 -7.44 54.31 5.54
N ILE F 160 -7.10 55.40 4.85
CA ILE F 160 -8.06 56.49 4.68
C ILE F 160 -9.13 56.10 3.67
N LYS F 161 -8.69 55.74 2.45
CA LYS F 161 -9.61 55.24 1.42
C LYS F 161 -10.52 54.15 1.98
N ALA F 162 -9.93 53.19 2.71
CA ALA F 162 -10.73 52.14 3.35
C ALA F 162 -11.80 52.74 4.25
N LEU F 163 -11.39 53.60 5.18
CA LEU F 163 -12.35 54.23 6.07
C LEU F 163 -13.30 55.15 5.32
N MET F 164 -12.88 55.68 4.17
CA MET F 164 -13.75 56.53 3.33
C MET F 164 -14.82 55.71 2.63
N GLN F 165 -14.52 54.48 2.26
CA GLN F 165 -15.51 53.62 1.63
C GLN F 165 -16.57 53.19 2.64
N LEU F 166 -16.19 53.01 3.90
CA LEU F 166 -17.12 52.65 4.96
C LEU F 166 -18.20 53.70 5.21
N THR F 167 -18.07 54.90 4.63
CA THR F 167 -19.09 55.92 4.81
C THR F 167 -20.32 55.63 3.95
N THR F 168 -20.11 55.55 2.63
CA THR F 168 -21.19 55.30 1.65
C THR F 168 -22.07 54.10 1.98
N ASP G 1 12.42 -44.94 34.46
CA ASP G 1 12.30 -43.65 33.79
C ASP G 1 12.61 -42.46 34.69
N ILE G 2 13.36 -41.50 34.14
CA ILE G 2 13.48 -40.21 34.78
C ILE G 2 12.09 -39.62 35.00
N GLN G 3 11.75 -39.37 36.26
CA GLN G 3 10.54 -38.66 36.61
C GLN G 3 10.85 -37.20 36.89
N MET G 4 9.99 -36.31 36.37
CA MET G 4 10.23 -34.89 36.50
C MET G 4 9.11 -34.25 37.32
N THR G 5 9.48 -33.53 38.37
CA THR G 5 8.52 -32.89 39.25
C THR G 5 8.73 -31.38 39.20
N GLN G 6 7.69 -30.67 38.83
CA GLN G 6 7.76 -29.26 38.49
C GLN G 6 6.87 -28.50 39.46
N SER G 7 7.36 -27.36 39.92
CA SER G 7 6.60 -26.64 40.93
C SER G 7 6.90 -25.17 40.76
N PRO G 8 5.98 -24.32 41.19
CA PRO G 8 4.68 -24.68 41.74
C PRO G 8 3.72 -25.05 40.61
N ALA G 9 2.55 -25.59 40.91
CA ALA G 9 1.62 -25.93 39.83
C ALA G 9 1.00 -24.68 39.22
N SER G 10 0.73 -23.68 40.06
CA SER G 10 0.21 -22.39 39.65
C SER G 10 0.95 -21.31 40.43
N LEU G 11 1.09 -20.13 39.82
CA LEU G 11 1.70 -19.04 40.56
C LEU G 11 1.36 -17.73 39.88
N SER G 12 1.30 -16.69 40.70
CA SER G 12 0.64 -15.44 40.38
C SER G 12 1.42 -14.30 41.03
N ALA G 13 1.73 -13.24 40.27
CA ALA G 13 2.58 -12.20 40.82
C ALA G 13 2.39 -10.91 40.05
N SER G 14 2.80 -9.80 40.68
CA SER G 14 2.58 -8.49 40.13
C SER G 14 3.58 -8.19 39.02
N VAL G 15 3.21 -7.25 38.15
CA VAL G 15 4.14 -6.78 37.13
C VAL G 15 5.45 -6.39 37.80
N GLY G 16 6.58 -6.77 37.18
CA GLY G 16 7.89 -6.41 37.66
C GLY G 16 8.54 -7.39 38.62
N GLU G 17 7.76 -8.26 39.26
CA GLU G 17 8.32 -9.14 40.26
C GLU G 17 9.05 -10.32 39.62
N THR G 18 9.83 -11.03 40.45
CA THR G 18 10.63 -12.16 40.01
C THR G 18 9.89 -13.43 40.38
N VAL G 19 9.75 -14.33 39.41
CA VAL G 19 9.11 -15.60 39.67
C VAL G 19 10.05 -16.67 39.17
N THR G 20 10.02 -17.79 39.86
CA THR G 20 10.89 -18.90 39.53
C THR G 20 10.07 -20.18 39.59
N ILE G 21 10.17 -20.98 38.55
CA ILE G 21 9.57 -22.32 38.45
C ILE G 21 10.70 -23.30 38.63
N THR G 22 10.47 -24.40 39.34
CA THR G 22 11.56 -25.35 39.51
C THR G 22 11.15 -26.73 39.02
N CYS G 23 12.16 -27.52 38.68
CA CYS G 23 12.01 -28.81 38.02
C CYS G 23 13.09 -29.69 38.65
N ARG G 24 12.67 -30.60 39.52
CA ARG G 24 13.53 -31.60 40.13
C ARG G 24 13.42 -32.91 39.37
N THR G 25 14.52 -33.64 39.25
CA THR G 25 14.50 -34.86 38.45
C THR G 25 14.94 -36.06 39.26
N SER G 26 14.55 -37.23 38.74
CA SER G 26 14.71 -38.45 39.52
C SER G 26 16.14 -38.97 39.46
N GLY G 27 16.86 -38.69 38.36
CA GLY G 27 18.30 -38.88 38.30
C GLY G 27 18.97 -37.69 37.63
N ASN G 28 20.30 -37.73 37.61
CA ASN G 28 21.07 -36.63 37.03
C ASN G 28 20.85 -36.58 35.52
N ILE G 29 20.42 -35.43 34.99
CA ILE G 29 20.17 -35.28 33.56
C ILE G 29 21.22 -34.43 32.87
N HIS G 30 22.22 -33.95 33.58
CA HIS G 30 23.42 -33.40 32.96
C HIS G 30 23.10 -32.25 32.02
N ASN G 31 22.13 -31.43 32.41
CA ASN G 31 21.78 -30.21 31.70
C ASN G 31 21.05 -30.46 30.37
N TYR G 32 20.68 -31.70 30.06
CA TYR G 32 19.87 -31.99 28.85
C TYR G 32 18.40 -31.68 29.13
N LEU G 33 18.09 -30.39 29.25
CA LEU G 33 16.77 -29.93 29.67
C LEU G 33 16.34 -28.74 28.82
N ALA G 34 15.07 -28.71 28.45
CA ALA G 34 14.44 -27.59 27.74
C ALA G 34 13.26 -27.07 28.55
N TRP G 35 12.92 -25.79 28.37
CA TRP G 35 11.70 -25.22 28.93
C TRP G 35 10.83 -24.69 27.81
N TYR G 36 9.52 -24.91 27.90
CA TYR G 36 8.63 -24.36 26.90
C TYR G 36 7.61 -23.41 27.51
N GLN G 37 7.14 -22.49 26.70
CA GLN G 37 6.00 -21.68 27.07
C GLN G 37 4.88 -22.08 26.11
N GLN G 38 3.66 -22.20 26.65
CA GLN G 38 2.49 -22.50 25.84
C GLN G 38 1.42 -21.48 26.17
N LYS G 39 1.14 -20.59 25.22
CA LYS G 39 0.05 -19.65 25.41
C LYS G 39 -1.24 -20.42 25.14
N GLN G 40 -2.27 -20.07 25.90
CA GLN G 40 -3.45 -20.92 25.97
C GLN G 40 -4.08 -21.10 24.58
N GLY G 41 -4.29 -22.35 24.19
CA GLY G 41 -4.69 -22.61 22.82
C GLY G 41 -3.62 -22.31 21.78
N ARG G 42 -2.42 -22.85 21.96
CA ARG G 42 -1.34 -22.54 21.04
C ARG G 42 -0.28 -23.62 21.18
N SER G 43 0.59 -23.70 20.21
CA SER G 43 1.67 -24.69 20.31
C SER G 43 2.72 -24.26 21.34
N PRO G 44 3.25 -25.20 22.13
CA PRO G 44 4.38 -24.88 23.00
C PRO G 44 5.55 -24.28 22.24
N GLN G 45 6.20 -23.30 22.84
CA GLN G 45 7.33 -22.62 22.23
C GLN G 45 8.57 -22.78 23.09
N LEU G 46 9.69 -23.10 22.45
CA LEU G 46 10.92 -23.36 23.20
C LEU G 46 11.48 -22.06 23.73
N LEU G 47 11.71 -21.99 25.06
CA LEU G 47 12.32 -20.81 25.67
C LEU G 47 13.81 -20.98 25.94
N VAL G 48 14.20 -22.09 26.56
CA VAL G 48 15.56 -22.34 27.01
C VAL G 48 15.96 -23.73 26.51
N ASN G 49 17.13 -23.84 25.90
CA ASN G 49 17.68 -25.14 25.57
C ASN G 49 18.91 -25.43 26.40
N ASN G 50 19.21 -26.72 26.53
CA ASN G 50 20.37 -27.19 27.29
C ASN G 50 20.46 -26.52 28.66
N ALA G 51 19.32 -26.43 29.35
CA ALA G 51 19.17 -25.88 30.70
C ALA G 51 19.42 -24.37 30.80
N LYS G 52 20.38 -23.81 30.05
CA LYS G 52 20.76 -22.42 30.31
C LYS G 52 20.74 -21.52 29.08
N THR G 53 20.51 -22.02 27.87
CA THR G 53 20.64 -21.19 26.68
C THR G 53 19.28 -20.68 26.20
N LEU G 54 19.06 -19.37 26.32
CA LEU G 54 17.86 -18.77 25.75
C LEU G 54 17.81 -19.06 24.28
N ALA G 55 16.62 -19.32 23.77
CA ALA G 55 16.35 -19.49 22.35
C ALA G 55 16.21 -18.14 21.65
N ASP G 56 16.13 -18.19 20.33
CA ASP G 56 15.99 -16.98 19.51
C ASP G 56 14.69 -16.23 19.82
N GLY G 57 14.82 -14.91 19.99
CA GLY G 57 13.69 -14.03 20.21
C GLY G 57 13.12 -14.05 21.60
N VAL G 58 13.76 -14.75 22.54
CA VAL G 58 13.21 -14.77 23.89
C VAL G 58 13.81 -13.60 24.66
N PRO G 59 12.98 -12.76 25.30
CA PRO G 59 13.49 -11.54 25.94
C PRO G 59 14.41 -11.87 27.12
N SER G 60 15.14 -10.86 27.57
CA SER G 60 16.22 -11.13 28.50
C SER G 60 15.75 -11.47 29.90
N ARG G 61 14.51 -11.09 30.28
CA ARG G 61 14.05 -11.38 31.63
C ARG G 61 13.95 -12.86 31.92
N PHE G 62 14.00 -13.73 30.89
CA PHE G 62 14.02 -15.18 31.07
C PHE G 62 15.46 -15.64 31.24
N SER G 63 15.70 -16.48 32.25
CA SER G 63 16.98 -17.17 32.43
C SER G 63 16.69 -18.61 32.78
N GLY G 64 17.58 -19.50 32.39
CA GLY G 64 17.61 -20.86 32.91
C GLY G 64 18.85 -21.09 33.75
N SER G 65 18.75 -22.02 34.68
CA SER G 65 19.86 -22.35 35.55
C SER G 65 19.59 -23.72 36.15
N GLY G 66 20.67 -24.40 36.51
CA GLY G 66 20.56 -25.58 37.33
C GLY G 66 21.76 -26.46 37.12
N SER G 67 21.69 -27.67 37.69
CA SER G 67 22.78 -28.61 37.64
C SER G 67 22.31 -29.94 38.24
N GLY G 68 22.72 -31.02 37.59
CA GLY G 68 22.45 -32.35 38.09
C GLY G 68 21.00 -32.75 38.07
N THR G 69 20.30 -32.55 39.18
CA THR G 69 18.90 -32.93 39.26
C THR G 69 17.95 -31.79 39.58
N GLN G 70 18.42 -30.55 39.62
CA GLN G 70 17.61 -29.42 40.08
C GLN G 70 17.79 -28.24 39.14
N TYR G 71 16.66 -27.76 38.59
CA TYR G 71 16.67 -26.77 37.51
C TYR G 71 15.59 -25.74 37.76
N SER G 72 15.87 -24.50 37.42
CA SER G 72 14.90 -23.44 37.61
C SER G 72 14.88 -22.60 36.35
N LEU G 73 13.68 -22.30 35.89
CA LEU G 73 13.41 -21.19 35.01
C LEU G 73 13.07 -19.98 35.85
N LYS G 74 13.57 -18.82 35.46
CA LYS G 74 13.31 -17.58 36.18
C LYS G 74 12.91 -16.49 35.20
N ILE G 75 11.91 -15.71 35.60
CA ILE G 75 11.54 -14.47 34.97
C ILE G 75 11.83 -13.37 35.97
N ASN G 76 12.83 -12.53 35.68
CA ASN G 76 13.27 -11.58 36.69
C ASN G 76 12.48 -10.27 36.68
N SER G 77 11.47 -10.13 35.81
CA SER G 77 10.69 -8.91 35.68
C SER G 77 9.35 -9.20 35.00
N LEU G 78 8.39 -9.78 35.74
CA LEU G 78 7.21 -10.40 35.12
C LEU G 78 6.40 -9.39 34.34
N GLN G 79 6.07 -9.73 33.09
CA GLN G 79 5.25 -8.91 32.19
C GLN G 79 3.95 -9.61 31.79
N PRO G 80 2.88 -8.86 31.54
CA PRO G 80 1.61 -9.51 31.14
C PRO G 80 1.76 -10.46 29.98
N GLU G 81 2.69 -10.21 29.05
CA GLU G 81 2.89 -11.09 27.92
C GLU G 81 3.37 -12.48 28.34
N ASP G 82 3.79 -12.64 29.59
CA ASP G 82 4.29 -13.89 30.10
C ASP G 82 3.20 -14.75 30.71
N ILE G 83 1.94 -14.29 30.70
CA ILE G 83 0.82 -15.12 31.12
C ILE G 83 0.83 -16.37 30.26
N GLY G 84 0.74 -17.52 30.90
CA GLY G 84 0.58 -18.77 30.18
C GLY G 84 1.05 -19.94 31.02
N SER G 85 1.44 -21.00 30.34
CA SER G 85 1.87 -22.22 31.00
C SER G 85 3.31 -22.52 30.62
N TYR G 86 4.03 -23.13 31.54
CA TYR G 86 5.42 -23.48 31.30
C TYR G 86 5.65 -24.94 31.64
N TYR G 87 6.47 -25.58 30.83
CA TYR G 87 6.80 -26.99 30.94
C TYR G 87 8.30 -27.15 30.80
N CYS G 88 8.85 -28.08 31.59
CA CYS G 88 10.21 -28.57 31.44
C CYS G 88 10.20 -29.92 30.72
N GLN G 89 11.32 -30.26 30.07
CA GLN G 89 11.45 -31.50 29.32
C GLN G 89 12.87 -31.99 29.43
N HIS G 90 13.07 -33.20 29.92
CA HIS G 90 14.43 -33.69 29.76
C HIS G 90 14.57 -34.42 28.43
N PHE G 91 15.82 -34.55 28.00
CA PHE G 91 16.14 -35.39 26.87
C PHE G 91 17.47 -36.10 27.12
N TRP G 92 17.67 -36.53 28.38
CA TRP G 92 18.88 -37.24 28.79
C TRP G 92 18.90 -38.67 28.26
N ILE G 93 17.74 -39.32 28.20
CA ILE G 93 17.66 -40.72 27.82
C ILE G 93 16.22 -40.99 27.40
N THR G 94 16.03 -41.74 26.32
CA THR G 94 14.67 -42.12 25.94
C THR G 94 14.11 -43.03 27.02
N PRO G 95 12.80 -42.97 27.30
CA PRO G 95 11.78 -42.01 26.81
C PRO G 95 11.85 -40.66 27.50
N TYR G 96 11.75 -39.56 26.74
CA TYR G 96 11.65 -38.22 27.32
C TYR G 96 10.34 -38.08 28.13
N THR G 97 10.33 -37.19 29.11
CA THR G 97 9.12 -36.90 29.84
C THR G 97 9.01 -35.40 30.06
N PHE G 98 7.80 -34.94 30.40
CA PHE G 98 7.56 -33.54 30.74
C PHE G 98 7.16 -33.38 32.20
N GLY G 99 7.57 -32.28 32.79
CA GLY G 99 6.98 -31.90 34.05
C GLY G 99 5.51 -31.62 33.91
N GLY G 100 4.81 -31.62 35.05
CA GLY G 100 3.38 -31.44 35.09
C GLY G 100 2.89 -30.08 34.64
N GLY G 101 3.76 -29.09 34.56
CA GLY G 101 3.36 -27.79 34.05
C GLY G 101 3.13 -26.79 35.17
N THR G 102 3.30 -25.51 34.84
CA THR G 102 3.06 -24.42 35.78
C THR G 102 2.22 -23.35 35.09
N LYS G 103 1.12 -22.95 35.71
CA LYS G 103 0.31 -21.89 35.12
C LYS G 103 0.65 -20.54 35.77
N LEU G 104 0.80 -19.52 34.95
CA LEU G 104 1.29 -18.21 35.36
C LEU G 104 0.25 -17.11 35.10
N GLU G 105 -0.10 -16.36 36.13
CA GLU G 105 -1.00 -15.23 35.96
C GLU G 105 -0.42 -14.00 36.65
N ILE G 106 -1.03 -12.84 36.37
CA ILE G 106 -0.62 -11.53 36.84
C ILE G 106 -1.60 -11.06 37.91
N LYS G 107 -1.09 -10.41 38.95
CA LYS G 107 -1.94 -9.63 39.87
C LYS G 107 -1.95 -8.16 39.42
N ARG G 108 -3.14 -7.56 39.39
CA ARG G 108 -3.27 -6.16 39.01
C ARG G 108 -4.31 -5.50 39.91
N THR G 109 -4.56 -4.21 39.67
CA THR G 109 -5.57 -3.52 40.45
C THR G 109 -6.95 -3.99 40.02
N VAL G 110 -7.90 -3.87 40.96
CA VAL G 110 -9.28 -4.26 40.71
C VAL G 110 -9.83 -3.47 39.53
N ALA G 111 -10.55 -4.16 38.65
CA ALA G 111 -11.20 -3.54 37.50
C ALA G 111 -12.62 -4.08 37.43
N ALA G 112 -13.61 -3.17 37.36
CA ALA G 112 -14.97 -3.70 37.35
C ALA G 112 -15.37 -4.13 35.93
N PRO G 113 -16.20 -5.16 35.81
CA PRO G 113 -16.67 -5.55 34.48
C PRO G 113 -17.63 -4.52 33.90
N SER G 114 -17.78 -4.54 32.59
CA SER G 114 -18.79 -3.76 31.90
C SER G 114 -19.81 -4.76 31.42
N VAL G 115 -21.07 -4.53 31.72
CA VAL G 115 -22.08 -5.56 31.57
C VAL G 115 -22.90 -5.25 30.32
N PHE G 116 -23.13 -6.27 29.51
CA PHE G 116 -23.96 -6.14 28.32
C PHE G 116 -24.88 -7.34 28.30
N ILE G 117 -26.16 -7.14 27.95
CA ILE G 117 -27.10 -8.23 27.79
C ILE G 117 -27.62 -8.20 26.35
N PHE G 118 -27.91 -9.39 25.83
CA PHE G 118 -28.30 -9.54 24.43
C PHE G 118 -29.51 -10.46 24.33
N PRO G 119 -30.68 -9.94 23.97
CA PRO G 119 -31.87 -10.78 23.77
C PRO G 119 -31.66 -11.76 22.63
N PRO G 120 -32.42 -12.85 22.57
CA PRO G 120 -32.20 -13.81 21.48
C PRO G 120 -32.61 -13.19 20.15
N SER G 121 -32.06 -13.73 19.08
CA SER G 121 -32.30 -13.21 17.75
C SER G 121 -33.55 -13.84 17.16
N ASP G 122 -34.19 -13.12 16.21
CA ASP G 122 -35.37 -13.69 15.54
C ASP G 122 -35.00 -14.92 14.72
N GLU G 123 -33.79 -14.93 14.15
CA GLU G 123 -33.29 -16.09 13.44
C GLU G 123 -33.32 -17.33 14.33
N GLN G 124 -33.00 -17.16 15.61
CA GLN G 124 -32.97 -18.32 16.49
C GLN G 124 -34.38 -18.73 16.94
N LEU G 125 -35.23 -17.75 17.25
CA LEU G 125 -36.57 -18.08 17.73
C LEU G 125 -37.32 -19.02 16.78
N LYS G 126 -37.11 -18.86 15.46
CA LYS G 126 -37.58 -19.81 14.44
C LYS G 126 -37.40 -21.27 14.84
N SER G 127 -36.24 -21.60 15.40
CA SER G 127 -35.89 -22.96 15.78
C SER G 127 -36.48 -23.37 17.12
N GLY G 128 -37.41 -22.60 17.66
CA GLY G 128 -38.01 -22.96 18.93
C GLY G 128 -37.15 -22.86 20.17
N THR G 129 -35.96 -22.24 20.10
CA THR G 129 -35.09 -22.14 21.27
C THR G 129 -34.57 -20.71 21.41
N ALA G 130 -34.59 -20.18 22.63
CA ALA G 130 -34.14 -18.83 22.91
C ALA G 130 -32.86 -18.87 23.74
N SER G 131 -31.83 -18.12 23.31
CA SER G 131 -30.60 -17.93 24.08
C SER G 131 -30.50 -16.46 24.45
N VAL G 132 -30.35 -16.18 25.74
CA VAL G 132 -30.06 -14.84 26.23
C VAL G 132 -28.62 -14.88 26.70
N VAL G 133 -27.85 -13.84 26.38
CA VAL G 133 -26.44 -13.83 26.71
C VAL G 133 -26.11 -12.60 27.55
N CYS G 134 -25.48 -12.82 28.70
CA CYS G 134 -24.91 -11.78 29.54
C CYS G 134 -23.39 -11.78 29.32
N LEU G 135 -22.83 -10.64 28.91
CA LEU G 135 -21.38 -10.48 28.74
C LEU G 135 -20.84 -9.59 29.84
N LEU G 136 -19.73 -10.04 30.46
CA LEU G 136 -19.00 -9.29 31.49
C LEU G 136 -17.59 -9.08 30.97
N ASN G 137 -17.28 -7.85 30.58
CA ASN G 137 -16.06 -7.56 29.84
C ASN G 137 -14.99 -6.96 30.73
N ASN G 138 -13.76 -7.50 30.63
CA ASN G 138 -12.52 -6.87 31.09
C ASN G 138 -12.53 -6.56 32.57
N PHE G 139 -12.65 -7.58 33.40
CA PHE G 139 -12.68 -7.36 34.83
C PHE G 139 -11.51 -8.09 35.46
N TYR G 140 -11.18 -7.65 36.67
CA TYR G 140 -10.22 -8.33 37.52
C TYR G 140 -10.60 -7.96 38.94
N PRO G 141 -10.52 -8.90 39.89
CA PRO G 141 -10.09 -10.29 39.73
C PRO G 141 -11.15 -11.14 39.05
N ARG G 142 -10.85 -12.44 38.90
CA ARG G 142 -11.62 -13.38 38.09
C ARG G 142 -12.99 -13.70 38.67
N GLU G 143 -13.17 -13.58 40.00
CA GLU G 143 -14.38 -14.06 40.64
C GLU G 143 -15.52 -13.11 40.34
N ALA G 144 -16.59 -13.65 39.78
CA ALA G 144 -17.72 -12.85 39.42
C ALA G 144 -18.96 -13.72 39.57
N LYS G 145 -19.97 -13.20 40.25
CA LYS G 145 -21.24 -13.88 40.40
C LYS G 145 -22.21 -13.32 39.38
N VAL G 146 -22.90 -14.21 38.66
CA VAL G 146 -23.92 -13.86 37.67
C VAL G 146 -25.23 -14.52 38.07
N GLN G 147 -26.26 -13.71 38.32
CA GLN G 147 -27.61 -14.21 38.58
C GLN G 147 -28.54 -13.81 37.44
N TRP G 148 -29.38 -14.74 37.00
CA TRP G 148 -30.37 -14.47 35.97
C TRP G 148 -31.73 -14.30 36.61
N LYS G 149 -32.49 -13.31 36.17
CA LYS G 149 -33.86 -13.14 36.66
C LYS G 149 -34.81 -13.05 35.49
N VAL G 150 -35.99 -13.67 35.63
CA VAL G 150 -37.02 -13.65 34.59
C VAL G 150 -38.30 -13.22 35.27
N ASP G 151 -38.84 -12.07 34.84
CA ASP G 151 -39.95 -11.40 35.56
C ASP G 151 -39.70 -11.39 37.06
N ASN G 152 -38.45 -11.07 37.43
CA ASN G 152 -37.87 -10.88 38.78
C ASN G 152 -37.61 -12.16 39.55
N ALA G 153 -37.92 -13.33 39.01
CA ALA G 153 -37.74 -14.59 39.72
C ALA G 153 -36.41 -15.25 39.31
N LEU G 154 -35.65 -15.70 40.31
CA LEU G 154 -34.31 -16.20 40.10
C LEU G 154 -34.24 -17.54 39.37
N GLN G 155 -33.51 -17.58 38.25
CA GLN G 155 -33.36 -18.82 37.48
C GLN G 155 -32.32 -19.77 38.10
N SER G 156 -32.45 -21.06 37.79
CA SER G 156 -31.47 -22.06 38.22
C SER G 156 -31.44 -23.22 37.25
N GLY G 157 -30.24 -23.77 37.04
CA GLY G 157 -30.06 -24.92 36.18
C GLY G 157 -30.22 -24.68 34.69
N ASN G 158 -30.48 -23.48 34.26
CA ASN G 158 -30.75 -23.25 32.85
C ASN G 158 -29.77 -22.23 32.27
N SER G 159 -28.55 -22.17 32.81
CA SER G 159 -27.55 -21.24 32.31
C SER G 159 -26.18 -21.87 32.41
N GLN G 160 -25.27 -21.47 31.51
CA GLN G 160 -23.88 -21.92 31.55
C GLN G 160 -22.98 -20.72 31.32
N GLU G 161 -21.85 -20.69 32.01
CA GLU G 161 -20.82 -19.66 31.93
C GLU G 161 -19.57 -20.19 31.26
N SER G 162 -18.69 -19.26 30.91
CA SER G 162 -17.41 -19.57 30.30
C SER G 162 -16.53 -18.34 30.48
N VAL G 163 -15.23 -18.55 30.71
CA VAL G 163 -14.31 -17.46 31.00
C VAL G 163 -13.09 -17.60 30.10
N THR G 164 -12.70 -16.49 29.46
CA THR G 164 -11.44 -16.37 28.75
C THR G 164 -10.25 -16.51 29.69
N GLU G 165 -9.10 -16.76 29.10
CA GLU G 165 -7.89 -16.69 29.90
C GLU G 165 -7.48 -15.24 30.02
N GLN G 166 -6.58 -14.98 30.98
CA GLN G 166 -6.21 -13.60 31.25
C GLN G 166 -5.60 -12.97 30.01
N ASP G 167 -5.89 -11.69 29.82
CA ASP G 167 -5.48 -10.93 28.66
C ASP G 167 -4.13 -10.23 28.87
N SER G 168 -3.19 -10.42 27.96
CA SER G 168 -1.92 -9.70 28.07
C SER G 168 -2.10 -8.19 27.92
N LYS G 169 -3.03 -7.75 27.10
CA LYS G 169 -3.13 -6.30 26.92
C LYS G 169 -3.52 -5.60 28.21
N ASP G 170 -4.28 -6.24 29.11
CA ASP G 170 -4.59 -5.53 30.35
C ASP G 170 -4.77 -6.44 31.56
N SER G 171 -4.36 -7.70 31.48
CA SER G 171 -4.37 -8.61 32.60
C SER G 171 -5.77 -8.82 33.18
N THR G 172 -6.82 -8.73 32.36
CA THR G 172 -8.18 -8.95 32.85
C THR G 172 -8.80 -10.19 32.23
N TYR G 173 -9.98 -10.51 32.73
CA TYR G 173 -10.81 -11.63 32.31
C TYR G 173 -12.11 -11.11 31.69
N SER G 174 -12.77 -11.98 30.93
CA SER G 174 -14.08 -11.71 30.37
C SER G 174 -14.90 -12.97 30.56
N LEU G 175 -16.17 -12.80 30.87
CA LEU G 175 -17.05 -13.92 31.16
C LEU G 175 -18.31 -13.80 30.30
N SER G 176 -18.76 -14.93 29.76
CA SER G 176 -20.02 -14.97 29.05
C SER G 176 -20.92 -16.03 29.68
N SER G 177 -22.18 -15.65 29.93
CA SER G 177 -23.19 -16.51 30.53
C SER G 177 -24.41 -16.59 29.61
N THR G 178 -24.89 -17.82 29.35
CA THR G 178 -26.00 -18.03 28.42
C THR G 178 -27.19 -18.70 29.12
N LEU G 179 -28.31 -17.99 29.17
CA LEU G 179 -29.58 -18.54 29.65
C LEU G 179 -30.34 -19.14 28.47
N THR G 180 -30.73 -20.41 28.59
CA THR G 180 -31.43 -21.12 27.53
C THR G 180 -32.87 -21.41 27.95
N LEU G 181 -33.83 -20.80 27.24
CA LEU G 181 -35.23 -21.13 27.38
C LEU G 181 -35.72 -21.82 26.11
N SER G 182 -36.94 -22.35 26.20
CA SER G 182 -37.67 -22.68 24.98
C SER G 182 -38.30 -21.40 24.44
N LYS G 183 -38.72 -21.45 23.16
CA LYS G 183 -39.38 -20.27 22.61
C LYS G 183 -40.69 -19.99 23.33
N ALA G 184 -41.48 -21.02 23.64
CA ALA G 184 -42.74 -20.76 24.35
C ALA G 184 -42.47 -20.09 25.68
N ASP G 185 -41.61 -20.68 26.51
CA ASP G 185 -41.31 -20.09 27.81
C ASP G 185 -40.73 -18.67 27.66
N TYR G 186 -39.85 -18.45 26.69
CA TYR G 186 -39.34 -17.10 26.46
C TYR G 186 -40.48 -16.12 26.21
N GLU G 187 -41.44 -16.51 25.36
CA GLU G 187 -42.57 -15.65 25.04
C GLU G 187 -43.50 -15.45 26.21
N LYS G 188 -43.52 -16.38 27.17
CA LYS G 188 -44.40 -16.25 28.32
C LYS G 188 -43.99 -15.16 29.29
N HIS G 189 -42.82 -14.52 29.14
CA HIS G 189 -42.33 -13.58 30.14
C HIS G 189 -41.84 -12.30 29.50
N LYS G 190 -41.66 -11.27 30.31
CA LYS G 190 -41.38 -9.94 29.78
C LYS G 190 -39.99 -9.41 30.11
N VAL G 191 -39.60 -9.42 31.38
CA VAL G 191 -38.35 -8.80 31.81
C VAL G 191 -37.28 -9.88 31.95
N TYR G 192 -36.13 -9.64 31.33
CA TYR G 192 -35.01 -10.57 31.33
C TYR G 192 -33.81 -9.84 31.88
N ALA G 193 -33.30 -10.29 33.03
CA ALA G 193 -32.22 -9.59 33.71
C ALA G 193 -31.07 -10.52 34.06
N CYS G 194 -29.86 -9.96 34.11
CA CYS G 194 -28.73 -10.62 34.76
C CYS G 194 -28.12 -9.62 35.73
N GLU G 195 -27.84 -10.10 36.94
CA GLU G 195 -27.31 -9.27 37.99
C GLU G 195 -25.87 -9.70 38.25
N VAL G 196 -24.94 -8.76 38.12
CA VAL G 196 -23.51 -9.04 38.23
C VAL G 196 -23.00 -8.49 39.54
N THR G 197 -22.20 -9.30 40.22
CA THR G 197 -21.58 -9.01 41.50
C THR G 197 -20.08 -9.25 41.36
N HIS G 198 -19.28 -8.27 41.78
CA HIS G 198 -17.84 -8.27 41.59
C HIS G 198 -17.20 -7.29 42.56
N GLN G 199 -15.94 -7.55 42.93
CA GLN G 199 -15.24 -6.69 43.89
C GLN G 199 -15.17 -5.23 43.45
N GLY G 200 -15.16 -4.97 42.15
CA GLY G 200 -15.03 -3.62 41.68
C GLY G 200 -16.31 -2.81 41.64
N LEU G 201 -17.43 -3.39 42.08
CA LEU G 201 -18.73 -2.72 42.07
C LEU G 201 -19.17 -2.47 43.50
N SER G 202 -19.36 -1.21 43.87
CA SER G 202 -19.94 -0.89 45.17
C SER G 202 -21.27 -1.61 45.41
N SER G 203 -22.12 -1.69 44.38
CA SER G 203 -23.40 -2.40 44.45
C SER G 203 -23.59 -3.22 43.19
N PRO G 204 -24.31 -4.34 43.26
CA PRO G 204 -24.54 -5.15 42.06
C PRO G 204 -25.15 -4.34 40.92
N VAL G 205 -24.63 -4.56 39.73
CA VAL G 205 -25.07 -3.89 38.51
C VAL G 205 -26.06 -4.82 37.82
N THR G 206 -27.18 -4.28 37.37
CA THR G 206 -28.15 -5.10 36.68
C THR G 206 -28.39 -4.57 35.27
N LYS G 207 -28.54 -5.49 34.33
CA LYS G 207 -28.78 -5.15 32.94
C LYS G 207 -30.00 -5.94 32.53
N SER G 208 -31.03 -5.26 32.02
CA SER G 208 -32.26 -5.94 31.63
C SER G 208 -32.72 -5.43 30.29
N PHE G 209 -33.66 -6.18 29.71
CA PHE G 209 -34.44 -5.79 28.55
C PHE G 209 -35.84 -6.38 28.67
N ASN G 210 -36.79 -5.82 27.91
CA ASN G 210 -38.18 -6.24 27.93
C ASN G 210 -38.49 -6.89 26.60
N ARG G 211 -38.95 -8.15 26.63
CA ARG G 211 -39.27 -8.81 25.37
C ARG G 211 -40.27 -7.97 24.59
N GLY G 212 -39.94 -7.70 23.32
CA GLY G 212 -40.63 -6.66 22.56
C GLY G 212 -39.77 -5.44 22.23
N GLN H 1 12.54 -20.89 6.09
CA GLN H 1 11.86 -20.88 7.39
C GLN H 1 11.13 -22.21 7.62
N ILE H 2 11.39 -22.80 8.78
CA ILE H 2 10.97 -24.17 9.05
C ILE H 2 9.50 -24.20 9.44
N GLN H 3 8.75 -25.13 8.85
CA GLN H 3 7.34 -25.27 9.11
C GLN H 3 6.94 -26.73 9.12
N LEU H 4 6.14 -27.09 10.11
CA LEU H 4 5.50 -28.40 10.19
C LEU H 4 4.00 -28.15 10.10
N GLN H 5 3.40 -28.56 8.98
CA GLN H 5 1.96 -28.44 8.78
C GLN H 5 1.30 -29.77 9.07
N GLN H 6 0.44 -29.77 10.09
CA GLN H 6 -0.31 -30.94 10.52
C GLN H 6 -1.72 -30.91 9.96
N SER H 7 -2.30 -32.09 9.85
CA SER H 7 -3.57 -32.32 9.20
C SER H 7 -4.74 -31.83 10.07
N GLY H 8 -5.95 -31.82 9.46
CA GLY H 8 -7.10 -31.21 10.07
C GLY H 8 -7.70 -31.99 11.23
N ALA H 9 -8.53 -31.28 12.00
CA ALA H 9 -9.29 -31.83 13.12
C ALA H 9 -10.14 -33.03 12.72
N GLU H 10 -10.11 -34.06 13.56
CA GLU H 10 -10.65 -35.37 13.27
C GLU H 10 -11.73 -35.74 14.26
N LEU H 11 -12.68 -36.55 13.77
CA LEU H 11 -13.60 -37.32 14.60
C LEU H 11 -13.44 -38.77 14.21
N ALA H 12 -13.53 -39.65 15.20
CA ALA H 12 -13.20 -41.04 14.99
C ALA H 12 -14.03 -41.88 15.95
N ARG H 13 -14.55 -42.97 15.44
CA ARG H 13 -15.43 -43.76 16.28
C ARG H 13 -14.61 -44.57 17.29
N PRO H 14 -15.16 -44.83 18.46
CA PRO H 14 -14.49 -45.75 19.40
C PRO H 14 -14.09 -47.02 18.67
N GLY H 15 -12.92 -47.57 19.04
CA GLY H 15 -12.35 -48.72 18.38
C GLY H 15 -11.82 -48.50 16.97
N ALA H 16 -12.03 -47.32 16.39
CA ALA H 16 -11.49 -47.08 15.06
C ALA H 16 -10.01 -46.72 15.14
N SER H 17 -9.50 -46.27 14.00
CA SER H 17 -8.13 -45.84 13.86
C SER H 17 -8.15 -44.45 13.24
N VAL H 18 -7.05 -43.71 13.47
CA VAL H 18 -6.85 -42.43 12.81
C VAL H 18 -5.36 -42.29 12.52
N LYS H 19 -5.06 -41.58 11.43
CA LYS H 19 -3.69 -41.43 10.93
C LYS H 19 -3.42 -39.95 10.75
N LEU H 20 -2.59 -39.40 11.64
CA LEU H 20 -2.29 -37.96 11.64
C LEU H 20 -1.05 -37.71 10.80
N SER H 21 -1.03 -36.58 10.12
CA SER H 21 0.01 -36.24 9.16
C SER H 21 0.81 -35.01 9.62
N CYS H 22 2.11 -35.01 9.32
CA CYS H 22 2.98 -33.89 9.67
C CYS H 22 3.87 -33.64 8.45
N LYS H 23 3.53 -32.63 7.65
CA LYS H 23 4.29 -32.31 6.46
C LYS H 23 5.34 -31.24 6.76
N ALA H 24 6.61 -31.54 6.53
CA ALA H 24 7.68 -30.63 6.89
C ALA H 24 8.08 -29.77 5.70
N SER H 25 8.74 -28.64 6.00
CA SER H 25 9.33 -27.80 4.97
C SER H 25 10.37 -26.86 5.57
N GLY H 26 11.33 -26.46 4.74
CA GLY H 26 12.32 -25.49 5.12
C GLY H 26 13.59 -26.05 5.71
N TYR H 27 13.79 -27.37 5.65
CA TYR H 27 14.95 -28.02 6.25
C TYR H 27 15.07 -29.42 5.66
N THR H 28 16.19 -30.08 5.92
CA THR H 28 16.44 -31.39 5.31
C THR H 28 15.80 -32.49 6.14
N PHE H 29 14.73 -33.06 5.58
CA PHE H 29 13.81 -33.89 6.34
C PHE H 29 14.50 -35.15 6.88
N ILE H 30 15.43 -35.73 6.11
CA ILE H 30 15.94 -37.06 6.49
C ILE H 30 16.98 -37.04 7.58
N THR H 31 17.56 -35.88 7.94
CA THR H 31 18.64 -35.90 8.91
C THR H 31 18.22 -35.39 10.29
N TYR H 32 16.92 -35.21 10.52
CA TYR H 32 16.43 -34.70 11.80
C TYR H 32 15.25 -35.53 12.32
N TRP H 33 15.28 -35.87 13.61
CA TRP H 33 14.17 -36.62 14.21
C TRP H 33 12.89 -35.79 14.25
N ILE H 34 11.74 -36.47 14.16
CA ILE H 34 10.42 -35.89 14.45
C ILE H 34 9.91 -36.47 15.77
N GLN H 35 9.35 -35.61 16.63
CA GLN H 35 8.79 -36.00 17.91
C GLN H 35 7.31 -35.66 17.94
N TRP H 36 6.56 -36.40 18.77
CA TRP H 36 5.10 -36.38 18.76
C TRP H 36 4.62 -36.35 20.21
N VAL H 37 3.67 -35.48 20.51
CA VAL H 37 3.32 -35.18 21.89
C VAL H 37 1.82 -35.14 22.00
N LYS H 38 1.29 -35.67 23.10
CA LYS H 38 -0.15 -35.70 23.35
C LYS H 38 -0.53 -34.64 24.37
N GLN H 39 -1.67 -33.98 24.17
CA GLN H 39 -2.18 -33.04 25.18
C GLN H 39 -3.68 -33.21 25.34
N ARG H 40 -4.09 -33.88 26.42
CA ARG H 40 -5.51 -33.99 26.70
C ARG H 40 -6.09 -32.62 27.07
N PRO H 41 -7.37 -32.34 26.65
CA PRO H 41 -8.03 -31.06 26.98
C PRO H 41 -7.79 -30.55 28.38
N GLY H 42 -7.26 -29.34 28.47
CA GLY H 42 -6.99 -28.80 29.78
C GLY H 42 -5.86 -29.43 30.54
N GLN H 43 -5.03 -30.28 29.92
CA GLN H 43 -4.01 -31.01 30.70
C GLN H 43 -2.60 -30.76 30.16
N GLY H 44 -1.63 -31.57 30.64
CA GLY H 44 -0.25 -31.36 30.29
C GLY H 44 0.23 -32.13 29.06
N LEU H 45 1.48 -31.88 28.71
CA LEU H 45 2.16 -32.54 27.59
C LEU H 45 2.67 -33.93 27.99
N GLU H 46 2.41 -34.93 27.13
CA GLU H 46 3.02 -36.24 27.24
C GLU H 46 3.86 -36.52 26.01
N TRP H 47 5.05 -37.07 26.22
CA TRP H 47 5.88 -37.51 25.11
C TRP H 47 5.36 -38.85 24.64
N ILE H 48 5.02 -38.94 23.35
CA ILE H 48 4.66 -40.21 22.74
C ILE H 48 5.89 -40.91 22.19
N GLY H 49 6.58 -40.29 21.25
CA GLY H 49 7.74 -40.94 20.70
C GLY H 49 8.36 -40.11 19.60
N ALA H 50 9.31 -40.74 18.91
CA ALA H 50 10.11 -40.05 17.90
C ALA H 50 10.43 -41.01 16.74
N ILE H 51 10.56 -40.45 15.55
CA ILE H 51 10.98 -41.22 14.38
C ILE H 51 12.15 -40.51 13.71
N TYR H 52 13.15 -41.27 13.31
CA TYR H 52 14.14 -40.67 12.43
C TYR H 52 13.81 -41.00 10.99
N PRO H 53 13.38 -40.02 10.18
CA PRO H 53 13.02 -40.32 8.78
C PRO H 53 14.14 -40.95 7.97
N GLY H 54 15.40 -40.66 8.32
CA GLY H 54 16.53 -41.19 7.56
C GLY H 54 16.50 -42.71 7.38
N ASP H 55 16.08 -43.44 8.41
CA ASP H 55 15.99 -44.88 8.35
C ASP H 55 14.73 -45.45 9.01
N GLY H 56 13.83 -44.60 9.48
CA GLY H 56 12.66 -45.14 10.16
C GLY H 56 12.89 -45.74 11.53
N ASP H 57 14.08 -45.60 12.13
CA ASP H 57 14.25 -45.96 13.53
C ASP H 57 13.23 -45.18 14.39
N THR H 58 12.82 -45.77 15.52
CA THR H 58 11.79 -45.14 16.34
C THR H 58 12.05 -45.38 17.82
N ARG H 59 11.40 -44.57 18.65
CA ARG H 59 11.50 -44.59 20.10
C ARG H 59 10.15 -44.15 20.67
N TYR H 60 9.64 -44.90 21.64
CA TYR H 60 8.30 -44.73 22.19
C TYR H 60 8.34 -44.77 23.70
N THR H 61 7.45 -44.02 24.32
CA THR H 61 7.04 -44.27 25.70
C THR H 61 6.32 -45.61 25.74
N GLN H 62 6.66 -46.45 26.72
CA GLN H 62 6.11 -47.79 26.81
C GLN H 62 4.59 -47.83 26.58
N LYS H 63 3.83 -47.06 27.38
CA LYS H 63 2.36 -47.08 27.35
C LYS H 63 1.79 -46.73 25.97
N PHE H 64 2.55 -46.05 25.11
CA PHE H 64 2.10 -45.68 23.78
C PHE H 64 2.52 -46.68 22.70
N LYS H 65 3.43 -47.61 23.00
CA LYS H 65 3.53 -48.74 22.11
C LYS H 65 2.17 -49.41 22.14
N ALA H 66 1.82 -50.06 21.03
CA ALA H 66 0.51 -50.73 20.94
C ALA H 66 -0.61 -49.75 20.65
N LYS H 67 -0.46 -48.49 21.05
CA LYS H 67 -1.44 -47.47 20.69
C LYS H 67 -1.03 -46.68 19.45
N ALA H 68 0.28 -46.53 19.19
CA ALA H 68 0.76 -45.55 18.23
C ALA H 68 1.87 -46.10 17.35
N THR H 69 1.87 -45.72 16.08
CA THR H 69 2.85 -46.25 15.13
C THR H 69 3.36 -45.13 14.26
N LEU H 70 4.64 -44.77 14.47
CA LEU H 70 5.28 -43.66 13.79
C LEU H 70 5.89 -44.11 12.47
N THR H 71 5.56 -43.40 11.40
CA THR H 71 6.11 -43.64 10.08
C THR H 71 6.53 -42.31 9.48
N ALA H 72 7.32 -42.40 8.41
CA ALA H 72 7.73 -41.23 7.67
C ALA H 72 7.84 -41.59 6.19
N ASP H 73 7.61 -40.60 5.33
CA ASP H 73 7.74 -40.73 3.89
C ASP H 73 8.79 -39.73 3.45
N LYS H 74 9.94 -40.24 2.97
CA LYS H 74 11.07 -39.36 2.62
C LYS H 74 10.76 -38.47 1.43
N SER H 75 9.93 -38.94 0.50
CA SER H 75 9.66 -38.18 -0.71
C SER H 75 8.64 -37.08 -0.47
N SER H 76 7.63 -37.32 0.39
CA SER H 76 6.67 -36.27 0.73
C SER H 76 7.09 -35.43 1.93
N SER H 77 8.27 -35.67 2.51
CA SER H 77 8.71 -35.01 3.73
C SER H 77 7.58 -34.93 4.77
N THR H 78 6.89 -36.05 4.96
CA THR H 78 5.72 -36.10 5.80
C THR H 78 5.91 -37.22 6.82
N ALA H 79 5.75 -36.89 8.08
CA ALA H 79 5.70 -37.87 9.15
C ALA H 79 4.23 -38.23 9.42
N TYR H 80 3.99 -39.48 9.79
CA TYR H 80 2.65 -39.96 10.00
C TYR H 80 2.60 -40.65 11.36
N MET H 81 1.53 -40.41 12.09
CA MET H 81 1.28 -41.20 13.30
C MET H 81 -0.10 -41.84 13.25
N GLN H 82 -0.16 -43.12 13.61
CA GLN H 82 -1.40 -43.87 13.52
C GLN H 82 -1.84 -44.23 14.94
N LEU H 83 -3.08 -43.90 15.27
CA LEU H 83 -3.62 -44.22 16.59
C LEU H 83 -4.67 -45.31 16.40
N SER H 84 -4.62 -46.33 17.24
CA SER H 84 -5.39 -47.54 17.00
C SER H 84 -6.19 -47.90 18.23
N THR H 85 -7.31 -48.60 18.00
CA THR H 85 -8.33 -48.99 19.01
C THR H 85 -8.70 -47.81 19.89
N LEU H 86 -9.24 -46.78 19.24
CA LEU H 86 -9.42 -45.49 19.88
C LEU H 86 -10.44 -45.57 21.00
N THR H 87 -10.08 -45.09 22.19
CA THR H 87 -11.02 -44.84 23.29
C THR H 87 -11.11 -43.35 23.58
N SER H 88 -11.99 -43.01 24.53
CA SER H 88 -12.15 -41.63 24.98
C SER H 88 -10.84 -41.04 25.49
N GLU H 89 -10.00 -41.87 26.12
CA GLU H 89 -8.73 -41.37 26.62
C GLU H 89 -7.85 -40.80 25.51
N ASP H 90 -7.97 -41.31 24.28
CA ASP H 90 -7.20 -40.78 23.16
C ASP H 90 -7.78 -39.49 22.58
N SER H 91 -8.86 -38.95 23.14
CA SER H 91 -9.31 -37.63 22.73
C SER H 91 -8.35 -36.59 23.27
N ALA H 92 -7.78 -35.77 22.40
CA ALA H 92 -6.65 -34.94 22.78
C ALA H 92 -6.17 -34.19 21.55
N VAL H 93 -5.35 -33.15 21.79
CA VAL H 93 -4.59 -32.51 20.72
C VAL H 93 -3.23 -33.21 20.59
N TYR H 94 -2.84 -33.55 19.36
CA TYR H 94 -1.58 -34.21 19.08
C TYR H 94 -0.64 -33.26 18.34
N PHE H 95 0.56 -33.06 18.89
CA PHE H 95 1.59 -32.22 18.32
C PHE H 95 2.71 -33.04 17.68
N CYS H 96 3.27 -32.52 16.60
CA CYS H 96 4.54 -33.03 16.08
C CYS H 96 5.55 -31.89 16.16
N ALA H 97 6.83 -32.24 16.31
CA ALA H 97 7.86 -31.19 16.35
C ALA H 97 9.18 -31.71 15.81
N LYS H 98 10.00 -30.80 15.28
CA LYS H 98 11.33 -31.14 14.78
C LYS H 98 12.35 -31.19 15.92
N GLY H 99 13.12 -32.27 15.99
CA GLY H 99 14.24 -32.38 16.92
C GLY H 99 15.59 -32.16 16.27
N ASP H 100 16.61 -32.84 16.82
CA ASP H 100 17.99 -32.72 16.28
C ASP H 100 18.43 -34.05 15.64
N THR H 101 19.74 -34.25 15.51
CA THR H 101 20.30 -35.53 15.01
C THR H 101 19.99 -36.55 16.10
N TYR H 102 19.99 -36.12 17.35
CA TYR H 102 19.47 -36.97 18.46
C TYR H 102 18.18 -36.26 18.75
N PRO H 103 17.07 -36.91 19.16
CA PRO H 103 15.76 -36.20 19.24
C PRO H 103 15.84 -34.91 20.02
N ALA H 104 16.42 -34.93 21.21
CA ALA H 104 16.79 -33.68 21.88
C ALA H 104 15.54 -32.86 22.18
N ALA H 105 15.65 -31.53 22.18
CA ALA H 105 14.48 -30.69 22.44
C ALA H 105 13.74 -30.42 21.14
N MET H 106 12.59 -29.76 21.22
CA MET H 106 11.78 -29.49 20.03
C MET H 106 11.74 -27.99 19.79
N ASP H 107 12.33 -27.52 18.67
CA ASP H 107 12.35 -26.07 18.50
C ASP H 107 11.18 -25.55 17.68
N TYR H 108 10.78 -26.26 16.63
CA TYR H 108 9.66 -25.83 15.80
C TYR H 108 8.57 -26.87 15.93
N TRP H 109 7.36 -26.41 16.23
CA TRP H 109 6.23 -27.29 16.47
C TRP H 109 5.14 -27.07 15.45
N GLY H 110 4.41 -28.15 15.15
CA GLY H 110 3.17 -28.05 14.41
C GLY H 110 2.09 -27.33 15.20
N GLN H 111 1.00 -27.02 14.49
CA GLN H 111 -0.11 -26.28 15.06
C GLN H 111 -0.99 -27.17 15.91
N GLY H 112 -0.78 -28.49 15.89
CA GLY H 112 -1.56 -29.52 16.58
C GLY H 112 -2.76 -30.01 15.77
N THR H 113 -3.12 -31.28 16.00
CA THR H 113 -4.32 -31.90 15.42
C THR H 113 -5.24 -32.37 16.54
N SER H 114 -6.46 -31.82 16.57
CA SER H 114 -7.44 -32.25 17.57
C SER H 114 -8.12 -33.56 17.13
N VAL H 115 -8.14 -34.54 18.01
CA VAL H 115 -8.78 -35.81 17.73
C VAL H 115 -9.81 -36.03 18.81
N THR H 116 -11.07 -36.11 18.41
CA THR H 116 -12.17 -36.44 19.32
C THR H 116 -12.64 -37.86 19.03
N VAL H 117 -12.73 -38.67 20.08
CA VAL H 117 -13.19 -40.05 19.96
C VAL H 117 -14.62 -40.10 20.50
N SER H 118 -15.56 -40.43 19.62
CA SER H 118 -16.97 -40.29 19.91
C SER H 118 -17.79 -41.11 18.92
N SER H 119 -18.89 -41.66 19.42
CA SER H 119 -19.86 -42.31 18.56
C SER H 119 -20.84 -41.32 17.94
N ALA H 120 -20.96 -40.13 18.51
CA ALA H 120 -21.83 -39.13 17.91
C ALA H 120 -21.33 -38.79 16.52
N SER H 121 -22.11 -37.96 15.84
CA SER H 121 -21.88 -37.68 14.43
C SER H 121 -21.56 -36.21 14.24
N THR H 122 -20.81 -35.94 13.18
CA THR H 122 -20.43 -34.56 12.89
C THR H 122 -21.70 -33.73 12.69
N LYS H 123 -21.67 -32.49 13.20
CA LYS H 123 -22.79 -31.56 13.07
C LYS H 123 -22.27 -30.12 13.09
N GLY H 124 -22.53 -29.36 12.03
CA GLY H 124 -22.03 -28.01 11.91
C GLY H 124 -22.86 -26.94 12.62
N PRO H 125 -22.27 -25.78 12.85
CA PRO H 125 -22.89 -24.78 13.73
C PRO H 125 -24.02 -23.98 13.10
N SER H 126 -24.90 -23.49 13.97
CA SER H 126 -25.80 -22.39 13.69
C SER H 126 -25.19 -21.12 14.25
N VAL H 127 -25.19 -20.06 13.46
CA VAL H 127 -24.56 -18.81 13.87
C VAL H 127 -25.63 -17.72 13.89
N PHE H 128 -26.03 -17.34 15.08
CA PHE H 128 -26.95 -16.26 15.39
C PHE H 128 -26.19 -15.03 15.87
N PRO H 129 -26.64 -13.82 15.50
CA PRO H 129 -25.98 -12.60 15.96
C PRO H 129 -26.37 -12.23 17.39
N LEU H 130 -25.47 -11.48 18.01
CA LEU H 130 -25.70 -10.78 19.27
C LEU H 130 -25.71 -9.29 18.91
N ALA H 131 -26.89 -8.83 18.44
CA ALA H 131 -27.05 -7.46 17.95
C ALA H 131 -26.62 -6.44 18.98
N PRO H 132 -25.87 -5.41 18.58
CA PRO H 132 -25.50 -4.34 19.52
C PRO H 132 -26.73 -3.57 19.96
N SER H 133 -26.73 -3.15 21.22
CA SER H 133 -27.76 -2.24 21.72
C SER H 133 -27.78 -0.91 20.99
N GLY H 139 -17.21 3.19 27.44
CA GLY H 139 -17.94 4.45 27.49
C GLY H 139 -18.77 4.69 26.24
N GLY H 140 -18.15 5.28 25.22
CA GLY H 140 -18.72 5.40 23.89
C GLY H 140 -18.50 4.13 23.10
N THR H 141 -18.52 3.01 23.82
CA THR H 141 -18.25 1.71 23.24
C THR H 141 -19.51 0.85 23.33
N ALA H 142 -19.77 0.12 22.28
CA ALA H 142 -20.80 -0.89 22.22
C ALA H 142 -20.16 -2.26 22.11
N ALA H 143 -20.91 -3.29 22.48
CA ALA H 143 -20.48 -4.67 22.39
C ALA H 143 -21.42 -5.41 21.45
N LEU H 144 -20.86 -6.19 20.52
CA LEU H 144 -21.68 -6.99 19.64
C LEU H 144 -21.00 -8.35 19.46
N GLY H 145 -21.70 -9.31 18.88
CA GLY H 145 -21.08 -10.61 18.86
C GLY H 145 -21.84 -11.63 18.05
N CYS H 146 -21.25 -12.81 17.97
CA CYS H 146 -21.82 -13.98 17.34
C CYS H 146 -21.98 -15.08 18.38
N LEU H 147 -23.10 -15.81 18.32
CA LEU H 147 -23.30 -17.04 19.07
C LEU H 147 -23.26 -18.23 18.12
N VAL H 148 -22.33 -19.14 18.36
CA VAL H 148 -22.05 -20.30 17.52
C VAL H 148 -22.57 -21.52 18.28
N LYS H 149 -23.73 -22.03 17.84
CA LYS H 149 -24.50 -22.97 18.62
C LYS H 149 -24.65 -24.32 17.92
N ASP H 150 -24.47 -25.39 18.70
CA ASP H 150 -24.92 -26.76 18.41
C ASP H 150 -24.06 -27.49 17.36
N TYR H 151 -22.74 -27.45 17.56
CA TYR H 151 -21.82 -28.17 16.70
C TYR H 151 -21.15 -29.31 17.44
N PHE H 152 -20.54 -30.19 16.66
CA PHE H 152 -19.78 -31.29 17.19
C PHE H 152 -18.96 -31.79 16.03
N PRO H 153 -17.70 -32.20 16.25
CA PRO H 153 -16.99 -32.13 17.52
C PRO H 153 -16.33 -30.77 17.70
N GLU H 154 -15.47 -30.61 18.69
CA GLU H 154 -14.65 -29.42 18.71
C GLU H 154 -13.45 -29.62 17.77
N PRO H 155 -12.93 -28.57 17.16
CA PRO H 155 -13.10 -27.15 17.45
C PRO H 155 -13.83 -26.34 16.38
N VAL H 156 -13.88 -25.04 16.60
CA VAL H 156 -14.53 -24.07 15.73
C VAL H 156 -13.58 -22.87 15.65
N THR H 157 -13.49 -22.24 14.50
CA THR H 157 -12.65 -21.06 14.37
C THR H 157 -13.54 -19.86 14.10
N VAL H 158 -13.31 -18.77 14.81
CA VAL H 158 -14.10 -17.57 14.66
C VAL H 158 -13.17 -16.40 14.41
N SER H 159 -13.50 -15.60 13.41
CA SER H 159 -12.70 -14.43 13.06
C SER H 159 -13.68 -13.28 12.77
N TRP H 160 -13.19 -12.06 12.90
CA TRP H 160 -14.03 -10.90 12.67
C TRP H 160 -13.50 -10.10 11.49
N ASN H 161 -14.39 -9.80 10.53
CA ASN H 161 -14.06 -9.04 9.32
C ASN H 161 -12.82 -9.63 8.64
N SER H 162 -12.79 -10.97 8.56
CA SER H 162 -11.74 -11.69 7.86
C SER H 162 -10.35 -11.31 8.38
N GLY H 163 -10.26 -11.07 9.68
CA GLY H 163 -8.99 -10.78 10.29
C GLY H 163 -8.75 -9.31 10.52
N ALA H 164 -9.41 -8.45 9.74
CA ALA H 164 -9.17 -7.03 9.90
C ALA H 164 -9.40 -6.57 11.33
N LEU H 165 -10.40 -7.14 12.02
CA LEU H 165 -10.79 -6.72 13.37
C LEU H 165 -10.17 -7.67 14.39
N THR H 166 -9.35 -7.13 15.26
CA THR H 166 -8.66 -7.93 16.27
C THR H 166 -8.74 -7.33 17.66
N SER H 167 -8.49 -6.04 17.78
CA SER H 167 -8.67 -5.39 19.06
C SER H 167 -10.14 -5.45 19.51
N GLY H 168 -10.33 -5.73 20.81
CA GLY H 168 -11.63 -5.80 21.41
C GLY H 168 -12.24 -7.19 21.41
N VAL H 169 -11.62 -8.15 20.73
CA VAL H 169 -12.27 -9.41 20.43
C VAL H 169 -11.98 -10.42 21.54
N HIS H 170 -13.04 -10.97 22.11
CA HIS H 170 -12.96 -12.06 23.08
C HIS H 170 -13.75 -13.24 22.49
N THR H 171 -13.08 -14.37 22.26
CA THR H 171 -13.77 -15.61 21.92
C THR H 171 -13.69 -16.59 23.07
N PHE H 172 -14.85 -17.06 23.52
CA PHE H 172 -14.92 -17.80 24.76
C PHE H 172 -14.77 -19.30 24.51
N PRO H 173 -14.26 -20.01 25.52
CA PRO H 173 -14.28 -21.48 25.48
C PRO H 173 -15.68 -22.03 25.23
N ALA H 174 -15.77 -23.06 24.42
CA ALA H 174 -17.05 -23.70 24.18
C ALA H 174 -17.52 -24.42 25.43
N VAL H 175 -18.84 -24.49 25.58
CA VAL H 175 -19.46 -25.22 26.66
C VAL H 175 -20.23 -26.38 26.05
N LEU H 176 -20.04 -27.55 26.64
CA LEU H 176 -20.74 -28.76 26.25
C LEU H 176 -22.15 -28.67 26.78
N GLN H 177 -23.12 -28.36 25.92
CA GLN H 177 -24.52 -28.32 26.30
C GLN H 177 -24.98 -29.71 26.75
N SER H 178 -26.07 -29.73 27.53
CA SER H 178 -26.67 -30.98 27.96
C SER H 178 -27.06 -31.89 26.78
N SER H 179 -27.18 -31.33 25.57
CA SER H 179 -27.53 -32.09 24.37
C SER H 179 -26.39 -32.94 23.84
N GLY H 180 -25.19 -32.81 24.40
CA GLY H 180 -24.00 -33.34 23.76
C GLY H 180 -23.46 -32.50 22.63
N LEU H 181 -23.93 -31.28 22.47
CA LEU H 181 -23.43 -30.40 21.43
C LEU H 181 -22.68 -29.22 22.05
N TYR H 182 -21.76 -28.67 21.27
CA TYR H 182 -20.94 -27.59 21.78
C TYR H 182 -21.56 -26.27 21.40
N SER H 183 -21.26 -25.27 22.21
CA SER H 183 -21.73 -23.93 21.95
C SER H 183 -20.64 -22.95 22.38
N LEU H 184 -20.45 -21.88 21.61
CA LEU H 184 -19.52 -20.84 22.04
C LEU H 184 -19.99 -19.49 21.56
N SER H 185 -19.41 -18.46 22.13
CA SER H 185 -19.68 -17.07 21.77
C SER H 185 -18.39 -16.36 21.38
N SER H 186 -18.55 -15.36 20.53
CA SER H 186 -17.45 -14.43 20.27
C SER H 186 -18.00 -13.02 20.35
N VAL H 187 -17.31 -12.15 21.09
CA VAL H 187 -17.78 -10.78 21.21
C VAL H 187 -16.66 -9.84 20.78
N VAL H 188 -17.07 -8.62 20.43
CA VAL H 188 -16.15 -7.54 20.12
C VAL H 188 -16.73 -6.26 20.66
N THR H 189 -15.88 -5.40 21.22
CA THR H 189 -16.27 -4.05 21.55
C THR H 189 -15.72 -3.09 20.51
N VAL H 190 -16.56 -2.17 20.08
CA VAL H 190 -16.21 -1.28 18.98
C VAL H 190 -16.73 0.08 19.38
N PRO H 191 -16.32 1.16 18.72
CA PRO H 191 -16.90 2.47 19.02
C PRO H 191 -18.34 2.52 18.56
N SER H 192 -19.24 2.96 19.45
CA SER H 192 -20.65 3.07 19.08
C SER H 192 -20.85 4.05 17.91
N SER H 193 -19.96 5.05 17.79
CA SER H 193 -19.95 5.94 16.64
C SER H 193 -19.91 5.22 15.30
N SER H 194 -19.29 4.03 15.24
CA SER H 194 -19.07 3.34 13.97
C SER H 194 -20.16 2.33 13.60
N LEU H 195 -21.31 2.34 14.27
CA LEU H 195 -22.25 1.22 14.18
C LEU H 195 -22.98 1.17 12.84
N GLY H 196 -23.45 2.30 12.35
CA GLY H 196 -24.06 2.28 11.03
C GLY H 196 -23.02 2.34 9.93
N THR H 197 -21.95 3.09 10.13
CA THR H 197 -20.96 3.23 9.06
C THR H 197 -20.15 1.93 8.90
N GLN H 198 -19.48 1.48 9.95
CA GLN H 198 -18.66 0.27 9.85
C GLN H 198 -19.53 -0.99 9.76
N THR H 199 -19.06 -1.96 9.00
CA THR H 199 -19.78 -3.21 8.78
C THR H 199 -19.01 -4.38 9.38
N TYR H 200 -19.69 -5.14 10.25
CA TYR H 200 -19.08 -6.19 11.04
C TYR H 200 -19.65 -7.55 10.63
N ILE H 201 -18.77 -8.45 10.22
CA ILE H 201 -19.14 -9.81 9.87
C ILE H 201 -18.22 -10.75 10.64
N CYS H 202 -18.78 -11.84 11.17
CA CYS H 202 -17.97 -12.82 11.89
C CYS H 202 -17.88 -14.10 11.06
N ASN H 203 -16.66 -14.66 10.98
CA ASN H 203 -16.35 -15.75 10.05
C ASN H 203 -16.17 -17.02 10.87
N VAL H 204 -17.13 -17.92 10.72
CA VAL H 204 -17.15 -19.15 11.51
C VAL H 204 -16.77 -20.28 10.59
N ASN H 205 -15.90 -21.15 11.09
CA ASN H 205 -15.31 -22.20 10.28
C ASN H 205 -15.23 -23.43 11.15
N HIS H 206 -15.96 -24.47 10.76
CA HIS H 206 -16.01 -25.72 11.49
C HIS H 206 -15.62 -26.83 10.53
N LYS H 207 -14.35 -26.84 10.17
CA LYS H 207 -13.67 -27.83 9.31
C LYS H 207 -14.10 -29.30 9.51
N PRO H 208 -14.44 -29.78 10.72
CA PRO H 208 -14.84 -31.20 10.81
C PRO H 208 -16.08 -31.53 10.03
N SER H 209 -16.97 -30.56 9.78
CA SER H 209 -18.13 -30.75 8.93
C SER H 209 -18.09 -29.87 7.69
N ASN H 210 -16.93 -29.27 7.39
CA ASN H 210 -16.71 -28.48 6.19
C ASN H 210 -17.78 -27.40 6.04
N THR H 211 -18.03 -26.70 7.14
CA THR H 211 -18.97 -25.59 7.19
C THR H 211 -18.23 -24.28 7.29
N LYS H 212 -18.65 -23.30 6.51
CA LYS H 212 -18.15 -21.95 6.57
C LYS H 212 -19.38 -21.06 6.61
N VAL H 213 -19.42 -20.14 7.57
CA VAL H 213 -20.55 -19.24 7.73
C VAL H 213 -20.00 -17.85 7.95
N ASP H 214 -20.29 -16.95 7.04
CA ASP H 214 -20.11 -15.53 7.30
C ASP H 214 -21.45 -15.02 7.77
N LYS H 215 -21.44 -14.17 8.79
CA LYS H 215 -22.67 -13.71 9.40
C LYS H 215 -22.51 -12.26 9.79
N ARG H 216 -23.39 -11.41 9.26
CA ARG H 216 -23.35 -9.98 9.49
C ARG H 216 -24.14 -9.64 10.75
N VAL H 217 -23.58 -8.77 11.58
CA VAL H 217 -24.16 -8.44 12.88
C VAL H 217 -24.46 -6.96 12.89
N GLU H 218 -25.73 -6.60 12.78
CA GLU H 218 -26.06 -5.19 12.64
C GLU H 218 -27.16 -4.80 13.63
N PRO H 219 -27.23 -3.50 14.01
CA PRO H 219 -28.11 -2.93 15.06
C PRO H 219 -29.57 -3.36 15.00
N ALA I 4 57.73 -39.70 28.56
CA ALA I 4 57.77 -40.90 29.37
C ALA I 4 57.58 -42.08 28.44
N ALA I 5 58.66 -42.85 28.29
CA ALA I 5 58.52 -44.19 27.75
C ALA I 5 57.39 -44.91 28.45
N SER I 6 57.18 -44.61 29.73
CA SER I 6 56.19 -45.34 30.51
C SER I 6 54.81 -45.11 29.94
N ILE I 7 54.38 -43.85 29.86
CA ILE I 7 53.11 -43.52 29.23
C ILE I 7 53.03 -44.14 27.84
N GLN I 8 54.04 -43.88 27.00
CA GLN I 8 53.95 -44.31 25.61
C GLN I 8 53.81 -45.82 25.51
N THR I 9 54.49 -46.55 26.39
CA THR I 9 54.36 -48.00 26.40
C THR I 9 52.95 -48.40 26.77
N THR I 10 52.40 -47.77 27.81
CA THR I 10 51.05 -48.09 28.23
C THR I 10 50.02 -47.75 27.16
N VAL I 11 50.15 -46.63 26.46
CA VAL I 11 49.10 -46.37 25.49
C VAL I 11 49.20 -47.37 24.33
N ASN I 12 50.44 -47.67 23.91
CA ASN I 12 50.63 -48.71 22.90
C ASN I 12 49.93 -50.00 23.31
N THR I 13 50.19 -50.50 24.51
CA THR I 13 49.53 -51.71 24.99
C THR I 13 48.02 -51.56 24.98
N LEU I 14 47.53 -50.39 25.37
CA LEU I 14 46.08 -50.18 25.40
C LEU I 14 45.49 -50.25 23.98
N SER I 15 46.18 -49.66 22.99
CA SER I 15 45.70 -49.76 21.61
C SER I 15 45.63 -51.20 21.13
N GLU I 16 46.66 -52.00 21.39
CA GLU I 16 46.65 -53.31 20.79
C GLU I 16 45.59 -54.18 21.43
N ARG I 17 45.42 -54.04 22.75
CA ARG I 17 44.40 -54.82 23.44
C ARG I 17 43.01 -54.42 22.95
N ILE I 18 42.76 -53.13 22.72
CA ILE I 18 41.47 -52.71 22.17
C ILE I 18 41.24 -53.34 20.80
N SER I 19 42.26 -53.37 19.93
CA SER I 19 42.06 -54.01 18.63
C SER I 19 41.88 -55.51 18.76
N SER I 20 42.69 -56.19 19.57
CA SER I 20 42.49 -57.62 19.74
C SER I 20 41.10 -57.90 20.29
N LYS I 21 40.73 -57.23 21.38
CA LYS I 21 39.43 -57.49 21.98
C LYS I 21 38.31 -57.20 21.00
N LEU I 22 38.43 -56.12 20.21
CA LEU I 22 37.41 -55.86 19.20
C LEU I 22 37.35 -56.97 18.15
N GLU I 23 38.50 -57.53 17.76
CA GLU I 23 38.45 -58.68 16.86
C GLU I 23 37.84 -59.87 17.55
N GLN I 24 38.30 -60.18 18.76
CA GLN I 24 37.89 -61.44 19.39
C GLN I 24 36.43 -61.42 19.83
N GLU I 25 35.98 -60.32 20.45
CA GLU I 25 34.66 -60.28 21.07
C GLU I 25 33.58 -59.65 20.22
N ALA I 26 33.91 -58.69 19.35
CA ALA I 26 32.93 -57.98 18.54
C ALA I 26 33.05 -58.29 17.06
N ASN I 27 33.95 -59.19 16.66
CA ASN I 27 34.16 -59.53 15.25
C ASN I 27 34.56 -58.33 14.39
N ALA I 28 35.21 -57.33 14.98
CA ALA I 28 35.69 -56.23 14.15
C ALA I 28 36.83 -56.70 13.26
N SER I 29 37.15 -55.85 12.30
CA SER I 29 38.19 -56.10 11.32
C SER I 29 38.55 -54.77 10.68
N ALA I 30 39.77 -54.68 10.14
CA ALA I 30 40.16 -53.47 9.42
C ALA I 30 39.41 -53.28 8.11
N GLN I 31 38.80 -54.35 7.56
CA GLN I 31 38.07 -54.25 6.30
C GLN I 31 36.56 -54.08 6.47
N THR I 32 36.07 -54.16 7.68
CA THR I 32 34.64 -54.04 7.88
C THR I 32 34.15 -52.62 7.57
N LYS I 33 33.02 -52.51 6.87
CA LYS I 33 32.41 -51.20 6.63
C LYS I 33 32.11 -50.47 7.93
N CYS I 34 32.26 -49.15 7.92
CA CYS I 34 32.01 -48.34 9.11
C CYS I 34 30.67 -47.63 8.96
N ASP I 35 29.77 -47.86 9.94
CA ASP I 35 28.50 -47.14 10.00
C ASP I 35 28.76 -45.69 10.34
N ILE I 36 29.69 -45.43 11.25
CA ILE I 36 30.04 -44.09 11.72
C ILE I 36 31.51 -43.86 11.43
N GLU I 37 31.85 -42.74 10.80
CA GLU I 37 33.23 -42.40 10.48
C GLU I 37 33.67 -41.19 11.28
N ILE I 38 34.98 -41.09 11.49
CA ILE I 38 35.55 -39.98 12.25
C ILE I 38 35.90 -38.88 11.27
N GLY I 39 35.31 -37.71 11.47
CA GLY I 39 35.58 -36.58 10.60
C GLY I 39 36.90 -35.94 10.92
N ASN I 40 36.90 -34.75 11.49
CA ASN I 40 38.15 -34.12 11.87
C ASN I 40 38.53 -34.52 13.28
N PHE I 41 39.84 -34.59 13.53
CA PHE I 41 40.37 -35.07 14.81
C PHE I 41 41.33 -33.99 15.30
N TYR I 42 40.78 -33.05 16.07
CA TYR I 42 41.40 -31.76 16.35
C TYR I 42 41.96 -31.71 17.77
N ILE I 43 43.22 -31.30 17.87
CA ILE I 43 43.96 -31.14 19.12
C ILE I 43 44.21 -29.63 19.26
N ARG I 44 43.61 -29.01 20.28
CA ARG I 44 43.65 -27.55 20.37
C ARG I 44 45.04 -27.06 20.74
N GLN I 45 45.69 -27.71 21.70
CA GLN I 45 47.02 -27.34 22.16
C GLN I 45 47.90 -28.57 21.97
N ASN I 46 48.46 -28.72 20.78
CA ASN I 46 49.35 -29.84 20.50
C ASN I 46 50.76 -29.44 20.87
N HIS I 47 51.33 -30.12 21.86
CA HIS I 47 52.75 -29.98 22.16
C HIS I 47 53.49 -31.28 21.96
N GLY I 48 53.31 -31.91 20.80
CA GLY I 48 54.11 -33.07 20.47
C GLY I 48 53.35 -34.37 20.51
N CYS I 49 52.23 -34.42 19.81
CA CYS I 49 51.44 -35.63 19.76
C CYS I 49 51.11 -35.98 18.32
N ASN I 50 51.37 -37.22 17.94
CA ASN I 50 50.90 -37.76 16.67
C ASN I 50 49.60 -38.54 16.90
N ILE I 51 48.52 -38.07 16.31
CA ILE I 51 47.20 -38.62 16.56
C ILE I 51 46.66 -39.21 15.26
N THR I 52 46.28 -40.48 15.29
CA THR I 52 45.79 -41.16 14.10
C THR I 52 44.43 -41.76 14.41
N VAL I 53 43.63 -41.93 13.35
CA VAL I 53 42.38 -42.67 13.39
C VAL I 53 42.61 -43.99 12.70
N LYS I 54 42.31 -45.09 13.38
CA LYS I 54 42.38 -46.42 12.79
C LYS I 54 40.98 -47.03 12.82
N ASN I 55 40.43 -47.33 11.64
CA ASN I 55 39.12 -48.02 11.58
C ASN I 55 39.25 -49.48 12.02
N MET I 56 38.39 -49.86 12.93
CA MET I 56 38.33 -51.22 13.43
C MET I 56 36.86 -51.48 13.80
N CYS I 57 36.00 -51.56 12.77
CA CYS I 57 34.55 -51.44 12.87
C CYS I 57 33.89 -52.80 12.95
N SER I 58 32.63 -52.81 13.41
CA SER I 58 31.90 -54.07 13.64
C SER I 58 30.42 -53.77 13.78
N ALA I 59 29.65 -54.81 14.06
CA ALA I 59 28.20 -54.85 13.98
C ALA I 59 27.47 -54.34 15.23
N ASP I 60 27.81 -54.85 16.41
CA ASP I 60 27.04 -54.62 17.64
C ASP I 60 27.76 -53.66 18.58
N ALA I 61 27.10 -52.54 18.92
CA ALA I 61 27.73 -51.54 19.77
C ALA I 61 27.99 -52.05 21.17
N ASP I 62 27.06 -52.83 21.75
CA ASP I 62 27.27 -53.37 23.09
C ASP I 62 28.50 -54.26 23.16
N ALA I 63 28.67 -55.14 22.17
CA ALA I 63 29.89 -55.93 22.11
C ALA I 63 31.11 -55.03 22.04
N GLN I 64 31.00 -53.91 21.33
CA GLN I 64 32.07 -52.93 21.25
C GLN I 64 32.36 -52.34 22.63
N LEU I 65 31.32 -51.88 23.31
CA LEU I 65 31.51 -51.36 24.66
C LEU I 65 32.19 -52.39 25.56
N ASP I 66 31.77 -53.65 25.51
CA ASP I 66 32.42 -54.65 26.34
C ASP I 66 33.88 -54.81 25.96
N ALA I 67 34.18 -54.95 24.67
CA ALA I 67 35.55 -55.17 24.24
C ALA I 67 36.47 -54.05 24.70
N VAL I 68 36.02 -52.81 24.53
CA VAL I 68 36.74 -51.63 24.97
C VAL I 68 36.94 -51.66 26.48
N LEU I 69 35.87 -51.92 27.24
CA LEU I 69 36.02 -51.90 28.70
C LEU I 69 36.93 -53.04 29.16
N SER I 70 36.82 -54.22 28.54
CA SER I 70 37.72 -55.34 28.87
C SER I 70 39.16 -54.94 28.67
N ALA I 71 39.48 -54.42 27.47
CA ALA I 71 40.84 -53.99 27.20
C ALA I 71 41.31 -53.02 28.26
N ALA I 72 40.46 -52.06 28.62
CA ALA I 72 40.89 -51.08 29.59
C ALA I 72 41.15 -51.75 30.93
N THR I 73 40.28 -52.68 31.31
CA THR I 73 40.42 -53.37 32.59
C THR I 73 41.70 -54.20 32.62
N GLU I 74 41.99 -54.94 31.54
CA GLU I 74 43.24 -55.69 31.51
C GLU I 74 44.45 -54.75 31.58
N THR I 75 44.39 -53.60 30.90
CA THR I 75 45.53 -52.70 30.88
C THR I 75 45.75 -52.10 32.26
N TYR I 76 44.70 -51.49 32.81
CA TYR I 76 44.79 -50.97 34.16
C TYR I 76 45.32 -52.05 35.13
N SER I 77 44.73 -53.25 35.10
CA SER I 77 45.17 -54.31 36.00
C SER I 77 46.65 -54.60 35.88
N GLY I 78 47.23 -54.48 34.68
CA GLY I 78 48.60 -54.83 34.47
C GLY I 78 49.56 -53.70 34.78
N LEU I 79 49.05 -52.57 35.25
CA LEU I 79 49.92 -51.46 35.62
C LEU I 79 50.61 -51.83 36.92
N THR I 80 51.89 -51.47 37.02
CA THR I 80 52.59 -51.58 38.29
C THR I 80 51.90 -50.76 39.38
N PRO I 81 52.22 -51.02 40.66
CA PRO I 81 51.63 -50.17 41.71
C PRO I 81 52.01 -48.71 41.53
N GLU I 82 53.26 -48.46 41.15
CA GLU I 82 53.73 -47.10 40.95
C GLU I 82 52.94 -46.38 39.85
N GLN I 83 52.65 -47.07 38.73
CA GLN I 83 51.85 -46.47 37.67
C GLN I 83 50.39 -46.27 38.08
N LYS I 84 49.76 -47.28 38.66
CA LYS I 84 48.39 -47.12 39.14
C LYS I 84 48.23 -45.87 40.00
N ALA I 85 49.32 -45.44 40.65
CA ALA I 85 49.20 -44.35 41.59
C ALA I 85 48.92 -43.01 40.91
N TYR I 86 49.33 -42.85 39.64
CA TYR I 86 49.03 -41.62 38.89
C TYR I 86 47.63 -41.62 38.30
N VAL I 87 46.94 -42.74 38.27
CA VAL I 87 45.69 -42.77 37.52
C VAL I 87 44.59 -41.98 38.21
N PRO I 88 44.47 -41.98 39.54
CA PRO I 88 43.38 -41.17 40.15
C PRO I 88 43.46 -39.70 39.81
N ALA I 89 44.64 -39.11 39.71
CA ALA I 89 44.71 -37.70 39.31
C ALA I 89 44.26 -37.51 37.87
N MET I 90 44.58 -38.45 36.99
CA MET I 90 44.10 -38.34 35.61
C MET I 90 42.58 -38.32 35.57
N PHE I 91 41.92 -39.15 36.37
CA PHE I 91 40.46 -39.20 36.35
C PHE I 91 39.85 -37.84 36.69
N THR I 92 40.28 -37.24 37.80
CA THR I 92 39.73 -35.95 38.17
C THR I 92 39.92 -34.95 37.06
N ALA I 93 41.17 -34.76 36.64
CA ALA I 93 41.50 -33.76 35.62
C ALA I 93 40.71 -33.97 34.31
N ALA I 94 40.48 -35.21 33.91
CA ALA I 94 39.97 -35.54 32.58
C ALA I 94 38.46 -35.79 32.52
N LEU I 95 37.89 -36.48 33.50
CA LEU I 95 36.48 -36.82 33.55
C LEU I 95 35.72 -36.13 34.69
N ASN I 96 36.38 -35.34 35.53
CA ASN I 96 35.74 -34.67 36.66
C ASN I 96 35.10 -35.67 37.62
N ILE I 97 35.81 -36.76 37.85
CA ILE I 97 35.37 -37.90 38.65
C ILE I 97 36.50 -38.21 39.63
N GLN I 98 36.15 -38.57 40.86
CA GLN I 98 37.18 -39.06 41.76
C GLN I 98 37.22 -40.58 41.75
N THR I 99 38.36 -41.11 42.20
CA THR I 99 38.53 -42.55 42.22
C THR I 99 39.69 -42.87 43.14
N SER I 100 39.78 -44.13 43.52
CA SER I 100 40.94 -44.62 44.24
C SER I 100 41.59 -45.73 43.42
N VAL I 101 42.85 -46.06 43.73
CA VAL I 101 43.53 -47.10 42.95
C VAL I 101 42.70 -48.37 42.89
N ASN I 102 41.99 -48.70 43.98
CA ASN I 102 41.26 -49.95 44.09
C ASN I 102 39.83 -49.87 43.54
N THR I 103 39.35 -48.72 43.11
CA THR I 103 38.03 -48.67 42.50
C THR I 103 38.03 -48.08 41.10
N VAL I 104 39.21 -47.90 40.48
CA VAL I 104 39.31 -47.28 39.16
C VAL I 104 38.44 -48.02 38.14
N VAL I 105 38.58 -49.34 38.06
CA VAL I 105 37.79 -50.07 37.08
C VAL I 105 36.30 -49.85 37.32
N ARG I 106 35.87 -49.91 38.59
CA ARG I 106 34.44 -49.70 38.88
C ARG I 106 33.99 -48.28 38.53
N ASP I 107 34.77 -47.30 38.94
CA ASP I 107 34.41 -45.92 38.66
C ASP I 107 34.40 -45.63 37.18
N PHE I 108 35.36 -46.19 36.44
CA PHE I 108 35.41 -45.94 35.00
C PHE I 108 34.20 -46.58 34.31
N GLU I 109 33.79 -47.76 34.77
CA GLU I 109 32.66 -48.43 34.15
C GLU I 109 31.34 -47.70 34.43
N ASN I 110 31.16 -47.18 35.65
CA ASN I 110 29.94 -46.41 35.92
C ASN I 110 29.94 -45.15 35.10
N TYR I 111 31.12 -44.52 34.96
CA TYR I 111 31.21 -43.34 34.11
C TYR I 111 30.84 -43.68 32.67
N VAL I 112 31.37 -44.78 32.16
CA VAL I 112 31.06 -45.13 30.78
C VAL I 112 29.60 -45.52 30.64
N LYS I 113 29.10 -46.38 31.54
CA LYS I 113 27.72 -46.84 31.46
C LYS I 113 26.73 -45.66 31.46
N GLN I 114 26.98 -44.65 32.27
CA GLN I 114 26.06 -43.52 32.30
C GLN I 114 26.24 -42.64 31.06
N THR I 115 27.47 -42.22 30.77
CA THR I 115 27.74 -41.30 29.66
C THR I 115 27.38 -41.88 28.30
N CYS I 116 27.59 -43.18 28.10
CA CYS I 116 27.49 -43.72 26.75
C CYS I 116 26.12 -44.33 26.45
N ASN I 117 25.20 -44.28 27.40
CA ASN I 117 23.83 -44.69 27.12
C ASN I 117 22.91 -43.49 27.01
N SER I 118 23.44 -42.28 27.20
CA SER I 118 22.69 -41.06 26.99
C SER I 118 22.11 -41.02 25.58
N SER I 119 20.95 -40.37 25.45
CA SER I 119 20.33 -40.16 24.15
C SER I 119 21.26 -39.46 23.16
N ALA I 120 22.05 -38.50 23.65
CA ALA I 120 22.96 -37.78 22.77
C ALA I 120 23.96 -38.73 22.11
N VAL I 121 24.22 -39.87 22.74
CA VAL I 121 25.10 -40.83 22.12
C VAL I 121 24.32 -41.90 21.36
N VAL I 122 23.56 -42.76 22.06
CA VAL I 122 22.97 -43.93 21.38
C VAL I 122 21.92 -43.55 20.34
N ASP I 123 21.32 -42.37 20.45
CA ASP I 123 20.24 -41.98 19.55
C ASP I 123 20.70 -41.01 18.47
N ASN I 124 21.98 -40.70 18.43
CA ASN I 124 22.48 -39.75 17.47
C ASN I 124 22.78 -40.42 16.15
N LYS I 125 22.14 -39.93 15.10
CA LYS I 125 22.19 -40.51 13.75
C LYS I 125 23.24 -39.85 12.86
N LEU I 126 24.09 -38.98 13.40
CA LEU I 126 25.19 -38.36 12.64
C LEU I 126 26.21 -39.41 12.18
N LYS I 127 26.40 -39.56 10.87
CA LYS I 127 27.31 -40.61 10.41
C LYS I 127 28.78 -40.16 10.38
N ILE I 128 29.04 -38.85 10.36
CA ILE I 128 30.41 -38.32 10.44
C ILE I 128 30.56 -37.55 11.75
N GLN I 129 31.49 -37.99 12.58
CA GLN I 129 31.59 -37.54 13.96
C GLN I 129 33.01 -37.02 14.21
N ASN I 130 33.12 -35.85 14.83
CA ASN I 130 34.40 -35.23 15.12
C ASN I 130 34.88 -35.61 16.50
N VAL I 131 36.17 -35.40 16.75
CA VAL I 131 36.77 -35.69 18.06
C VAL I 131 37.72 -34.57 18.45
N ILE I 132 37.50 -34.00 19.63
CA ILE I 132 38.22 -32.84 20.15
C ILE I 132 38.97 -33.24 21.41
N ILE I 133 40.28 -32.96 21.46
CA ILE I 133 41.04 -33.06 22.70
C ILE I 133 41.66 -31.71 23.03
N ASP I 134 41.73 -31.37 24.32
CA ASP I 134 42.24 -30.07 24.70
C ASP I 134 43.75 -30.02 24.55
N GLU I 135 44.49 -30.75 25.38
CA GLU I 135 45.93 -30.66 25.43
C GLU I 135 46.55 -32.04 25.26
N CYS I 136 47.78 -32.06 24.76
CA CYS I 136 48.54 -33.29 24.61
C CYS I 136 50.02 -32.94 24.49
N TYR I 137 50.89 -33.66 25.20
CA TYR I 137 52.33 -33.38 25.17
C TYR I 137 53.13 -34.61 24.77
N GLY I 138 54.24 -34.37 24.10
CA GLY I 138 55.26 -35.37 23.88
C GLY I 138 56.55 -34.89 24.53
N ALA I 139 57.61 -35.71 24.35
CA ALA I 139 58.95 -35.23 24.64
C ALA I 139 59.52 -34.46 23.44
N PRO I 140 60.47 -33.52 23.70
CA PRO I 140 61.19 -32.83 22.63
C PRO I 140 61.65 -33.72 21.47
N GLY I 141 62.22 -34.91 21.76
CA GLY I 141 62.60 -35.80 20.68
C GLY I 141 61.65 -36.95 20.35
N SER I 142 60.74 -37.27 21.26
CA SER I 142 59.86 -38.43 21.14
C SER I 142 58.41 -37.98 21.28
N PRO I 143 57.75 -37.63 20.18
CA PRO I 143 56.35 -37.21 20.27
C PRO I 143 55.48 -38.40 20.67
N THR I 144 54.48 -38.13 21.51
CA THR I 144 53.57 -39.17 21.97
C THR I 144 52.71 -39.65 20.82
N ASN I 145 52.72 -40.95 20.57
CA ASN I 145 51.96 -41.53 19.46
C ASN I 145 50.65 -42.13 19.96
N LEU I 146 49.54 -41.55 19.53
CA LEU I 146 48.21 -41.89 20.00
C LEU I 146 47.32 -42.31 18.84
N GLU I 147 46.48 -43.30 19.08
CA GLU I 147 45.65 -43.86 18.02
C GLU I 147 44.22 -43.96 18.51
N PHE I 148 43.32 -43.22 17.89
CA PHE I 148 41.88 -43.35 18.12
C PHE I 148 41.35 -44.49 17.24
N ILE I 149 40.89 -45.57 17.89
CA ILE I 149 40.21 -46.67 17.20
C ILE I 149 38.75 -46.30 16.99
N ASN I 150 38.35 -46.14 15.73
CA ASN I 150 36.94 -45.95 15.43
C ASN I 150 36.23 -47.30 15.52
N THR I 151 35.22 -47.39 16.36
CA THR I 151 34.47 -48.64 16.50
C THR I 151 33.34 -48.78 15.49
N GLY I 152 32.95 -47.71 14.81
CA GLY I 152 31.77 -47.70 13.98
C GLY I 152 30.47 -47.32 14.67
N SER I 153 30.48 -47.18 16.00
CA SER I 153 29.28 -46.85 16.75
C SER I 153 29.57 -45.71 17.72
N SER I 154 28.58 -44.83 17.88
CA SER I 154 28.67 -43.76 18.88
C SER I 154 28.91 -44.33 20.27
N LYS I 155 28.19 -45.41 20.62
CA LYS I 155 28.35 -45.98 21.95
C LYS I 155 29.79 -46.44 22.16
N GLY I 156 30.33 -47.22 21.22
CA GLY I 156 31.74 -47.60 21.29
C GLY I 156 32.68 -46.41 21.31
N ASN I 157 32.48 -45.45 20.39
CA ASN I 157 33.41 -44.34 20.32
C ASN I 157 33.36 -43.48 21.57
N CYS I 158 32.21 -43.40 22.22
CA CYS I 158 32.11 -42.66 23.47
C CYS I 158 33.05 -43.27 24.52
N ALA I 159 33.23 -44.59 24.51
CA ALA I 159 34.16 -45.14 25.48
C ALA I 159 35.61 -45.02 25.01
N ILE I 160 35.87 -45.17 23.70
CA ILE I 160 37.19 -44.83 23.17
C ILE I 160 37.53 -43.37 23.50
N LYS I 161 36.57 -42.45 23.35
CA LYS I 161 36.86 -41.05 23.61
C LYS I 161 37.16 -40.80 25.08
N ALA I 162 36.56 -41.60 25.99
CA ALA I 162 36.86 -41.47 27.41
C ALA I 162 38.30 -41.91 27.72
N LEU I 163 38.73 -43.07 27.17
CA LEU I 163 40.13 -43.46 27.32
C LEU I 163 41.07 -42.42 26.71
N MET I 164 40.69 -41.79 25.58
CA MET I 164 41.53 -40.77 24.94
C MET I 164 41.77 -39.58 25.88
N GLN I 165 40.77 -39.20 26.67
CA GLN I 165 40.94 -38.11 27.61
C GLN I 165 41.85 -38.48 28.77
N LEU I 166 41.70 -39.70 29.30
CA LEU I 166 42.61 -40.14 30.35
C LEU I 166 44.05 -40.16 29.84
N THR I 167 44.23 -40.72 28.63
CA THR I 167 45.56 -40.89 28.08
C THR I 167 46.25 -39.56 27.81
N THR I 168 45.57 -38.64 27.10
CA THR I 168 46.19 -37.36 26.80
C THR I 168 46.44 -36.57 28.09
N LYS I 169 45.59 -36.74 29.10
CA LYS I 169 45.84 -36.01 30.33
C LYS I 169 47.07 -36.54 31.03
N ALA I 170 47.39 -37.83 30.84
CA ALA I 170 48.60 -38.39 31.43
C ALA I 170 49.84 -37.78 30.80
N THR I 171 49.77 -37.31 29.57
CA THR I 171 50.98 -36.77 28.96
C THR I 171 51.49 -35.49 29.66
N THR I 172 50.79 -34.99 30.66
CA THR I 172 51.22 -33.78 31.38
C THR I 172 52.08 -34.03 32.64
N ASP J 1 4.43 27.29 12.06
CA ASP J 1 5.08 25.96 12.09
C ASP J 1 5.33 25.42 13.49
N ILE J 2 4.48 24.46 13.92
CA ILE J 2 4.58 23.85 15.25
C ILE J 2 5.95 23.22 15.45
N GLN J 3 6.66 23.63 16.49
CA GLN J 3 7.89 22.93 16.83
C GLN J 3 7.64 22.05 18.06
N MET J 4 8.57 21.14 18.30
CA MET J 4 8.33 20.12 19.30
C MET J 4 9.56 19.89 20.15
N THR J 5 9.38 20.02 21.44
CA THR J 5 10.48 19.95 22.39
C THR J 5 10.29 18.66 23.18
N GLN J 6 11.25 17.75 23.02
CA GLN J 6 11.24 16.45 23.66
C GLN J 6 12.22 16.48 24.81
N SER J 7 11.95 15.68 25.82
CA SER J 7 12.82 15.68 26.98
C SER J 7 12.51 14.45 27.78
N PRO J 8 13.52 13.83 28.40
CA PRO J 8 14.93 14.28 28.37
C PRO J 8 15.58 13.92 27.04
N ALA J 9 16.74 14.46 26.67
CA ALA J 9 17.47 13.92 25.52
C ALA J 9 18.03 12.52 25.81
N SER J 10 18.32 12.21 27.08
CA SER J 10 18.81 10.89 27.46
C SER J 10 18.24 10.47 28.79
N LEU J 11 18.09 9.17 28.93
CA LEU J 11 17.52 8.58 30.12
C LEU J 11 18.21 7.25 30.29
N SER J 12 18.74 7.02 31.50
CA SER J 12 19.28 5.72 31.92
C SER J 12 18.49 5.29 33.14
N ALA J 13 17.97 4.06 33.14
CA ALA J 13 17.11 3.66 34.25
C ALA J 13 17.28 2.17 34.46
N SER J 14 16.87 1.69 35.61
CA SER J 14 17.06 0.27 35.86
C SER J 14 15.94 -0.55 35.22
N VAL J 15 16.25 -1.84 34.98
CA VAL J 15 15.19 -2.77 34.68
C VAL J 15 14.07 -2.62 35.68
N GLY J 16 12.83 -2.51 35.21
CA GLY J 16 11.68 -2.50 36.03
C GLY J 16 11.14 -1.13 36.36
N GLU J 17 11.95 -0.08 36.24
CA GLU J 17 11.52 1.27 36.62
C GLU J 17 10.51 1.85 35.62
N THR J 18 9.75 2.83 36.10
CA THR J 18 8.88 3.60 35.23
C THR J 18 9.67 4.76 34.64
N VAL J 19 9.56 4.96 33.32
CA VAL J 19 10.24 6.10 32.70
C VAL J 19 9.27 6.86 31.80
N THR J 20 9.51 8.16 31.65
CA THR J 20 8.58 9.09 31.00
C THR J 20 9.35 10.03 30.10
N ILE J 21 9.13 9.89 28.80
CA ILE J 21 9.52 10.87 27.79
C ILE J 21 8.34 11.82 27.57
N THR J 22 8.63 13.11 27.45
CA THR J 22 7.55 14.08 27.28
C THR J 22 7.80 14.93 26.06
N CYS J 23 6.70 15.38 25.48
CA CYS J 23 6.73 16.13 24.23
C CYS J 23 5.84 17.35 24.47
N ARG J 24 6.46 18.53 24.51
CA ARG J 24 5.71 19.78 24.58
C ARG J 24 5.64 20.44 23.20
N THR J 25 4.44 20.89 22.82
CA THR J 25 4.21 21.54 21.55
C THR J 25 3.84 23.02 21.74
N SER J 26 4.25 23.84 20.78
CA SER J 26 3.98 25.28 20.84
C SER J 26 2.52 25.62 20.56
N GLY J 27 1.77 24.68 19.97
CA GLY J 27 0.36 24.87 19.71
C GLY J 27 -0.42 23.65 20.12
N ASN J 28 -1.70 23.85 20.39
CA ASN J 28 -2.56 22.71 20.67
C ASN J 28 -2.59 21.81 19.43
N ILE J 29 -2.11 20.57 19.57
CA ILE J 29 -2.17 19.63 18.42
C ILE J 29 -3.32 18.63 18.54
N HIS J 30 -4.12 18.73 19.60
CA HIS J 30 -5.40 18.04 19.68
C HIS J 30 -5.26 16.54 19.53
N ASN J 31 -4.19 15.99 20.10
CA ASN J 31 -3.87 14.57 20.13
C ASN J 31 -3.51 14.01 18.77
N TYR J 32 -3.22 14.84 17.78
CA TYR J 32 -2.72 14.33 16.51
C TYR J 32 -1.20 14.12 16.63
N LEU J 33 -0.84 13.05 17.33
CA LEU J 33 0.55 12.79 17.71
C LEU J 33 0.84 11.29 17.72
N ALA J 34 2.01 10.92 17.23
CA ALA J 34 2.46 9.54 17.24
C ALA J 34 3.81 9.43 17.98
N TRP J 35 4.08 8.26 18.54
CA TRP J 35 5.36 7.99 19.17
C TRP J 35 6.07 6.88 18.41
N TYR J 36 7.38 7.00 18.20
CA TYR J 36 8.08 6.01 17.40
C TYR J 36 9.24 5.44 18.19
N GLN J 37 9.53 4.16 17.98
CA GLN J 37 10.73 3.59 18.53
C GLN J 37 11.68 3.26 17.40
N GLN J 38 12.97 3.49 17.61
CA GLN J 38 13.97 3.12 16.63
C GLN J 38 15.11 2.39 17.29
N LYS J 39 15.23 1.11 16.97
CA LYS J 39 16.35 0.27 17.41
C LYS J 39 17.54 0.56 16.48
N GLN J 40 18.75 0.36 16.98
CA GLN J 40 19.93 0.82 16.25
C GLN J 40 20.03 0.14 14.89
N GLY J 41 20.32 0.94 13.86
CA GLY J 41 20.43 0.42 12.50
C GLY J 41 19.15 -0.25 12.06
N ARG J 42 18.04 0.48 12.12
CA ARG J 42 16.75 -0.10 11.80
C ARG J 42 15.77 1.04 11.56
N SER J 43 14.72 0.73 10.81
CA SER J 43 13.68 1.71 10.60
C SER J 43 12.90 1.94 11.88
N PRO J 44 12.34 3.13 12.05
CA PRO J 44 11.52 3.36 13.23
C PRO J 44 10.25 2.52 13.16
N GLN J 45 9.59 2.42 14.30
CA GLN J 45 8.41 1.60 14.45
C GLN J 45 7.36 2.40 15.23
N LEU J 46 6.13 2.44 14.74
CA LEU J 46 5.09 3.17 15.43
C LEU J 46 4.77 2.46 16.74
N LEU J 47 4.81 3.18 17.87
CA LEU J 47 4.34 2.63 19.13
C LEU J 47 2.94 3.10 19.49
N VAL J 48 2.66 4.38 19.32
CA VAL J 48 1.44 5.00 19.81
C VAL J 48 0.94 5.95 18.73
N ASN J 49 -0.30 5.80 18.35
CA ASN J 49 -0.93 6.65 17.35
C ASN J 49 -2.06 7.43 18.02
N ASN J 50 -2.34 8.63 17.51
CA ASN J 50 -3.41 9.48 18.06
C ASN J 50 -3.27 9.68 19.56
N ALA J 51 -2.04 9.97 20.01
CA ALA J 51 -1.72 10.29 21.40
C ALA J 51 -1.75 9.10 22.36
N LYS J 52 -2.82 8.29 22.31
CA LYS J 52 -3.01 7.30 23.36
C LYS J 52 -3.30 5.87 22.91
N THR J 53 -3.40 5.58 21.61
CA THR J 53 -3.76 4.24 21.14
C THR J 53 -2.50 3.42 20.86
N LEU J 54 -2.25 2.39 21.66
CA LEU J 54 -1.14 1.48 21.37
C LEU J 54 -1.33 0.79 20.02
N ALA J 55 -0.25 0.68 19.25
CA ALA J 55 -0.23 -0.05 18.00
C ALA J 55 -0.19 -1.55 18.25
N ASP J 56 -0.43 -2.33 17.19
CA ASP J 56 -0.55 -3.77 17.31
C ASP J 56 0.81 -4.40 17.41
N GLY J 57 0.98 -5.24 18.43
CA GLY J 57 2.26 -5.84 18.74
C GLY J 57 2.99 -5.16 19.86
N VAL J 58 2.59 -3.96 20.24
CA VAL J 58 3.33 -3.22 21.27
C VAL J 58 2.96 -3.80 22.64
N PRO J 59 3.93 -4.12 23.49
CA PRO J 59 3.57 -4.70 24.79
C PRO J 59 2.95 -3.66 25.70
N SER J 60 2.26 -4.17 26.73
CA SER J 60 1.45 -3.33 27.60
C SER J 60 2.23 -2.38 28.49
N ARG J 61 3.55 -2.52 28.65
CA ARG J 61 4.26 -1.55 29.49
C ARG J 61 4.35 -0.20 28.82
N PHE J 62 4.01 -0.10 27.54
CA PHE J 62 4.01 1.15 26.81
C PHE J 62 2.64 1.79 26.91
N SER J 63 2.60 3.07 27.23
CA SER J 63 1.34 3.79 27.11
C SER J 63 1.59 5.26 26.80
N GLY J 64 0.70 5.85 26.04
CA GLY J 64 0.72 7.28 25.77
C GLY J 64 -0.49 7.96 26.37
N SER J 65 -0.31 9.22 26.75
CA SER J 65 -1.38 10.06 27.28
C SER J 65 -1.02 11.51 27.02
N GLY J 66 -1.96 12.40 27.34
CA GLY J 66 -1.76 13.82 27.19
C GLY J 66 -2.87 14.48 26.43
N SER J 67 -2.71 15.78 26.21
CA SER J 67 -3.74 16.62 25.62
C SER J 67 -3.14 18.00 25.43
N GLY J 68 -3.74 18.75 24.50
CA GLY J 68 -3.34 20.11 24.28
C GLY J 68 -1.96 20.20 23.72
N THR J 69 -0.99 20.60 24.54
CA THR J 69 0.38 20.83 24.08
C THR J 69 1.42 20.04 24.89
N GLN J 70 0.99 19.13 25.76
CA GLN J 70 1.91 18.31 26.56
C GLN J 70 1.47 16.86 26.44
N TYR J 71 2.36 16.00 25.96
CA TYR J 71 2.08 14.58 25.75
C TYR J 71 3.20 13.74 26.36
N SER J 72 2.85 12.54 26.79
CA SER J 72 3.78 11.63 27.44
C SER J 72 3.75 10.22 26.87
N LEU J 73 4.95 9.66 26.83
CA LEU J 73 5.16 8.25 26.57
C LEU J 73 5.68 7.66 27.87
N LYS J 74 5.07 6.57 28.31
CA LYS J 74 5.42 5.96 29.58
C LYS J 74 5.75 4.49 29.35
N ILE J 75 6.79 4.03 30.03
CA ILE J 75 7.11 2.60 30.14
C ILE J 75 7.01 2.26 31.62
N ASN J 76 5.97 1.53 32.03
CA ASN J 76 5.80 1.27 33.46
C ASN J 76 6.75 0.22 34.01
N SER J 77 7.45 -0.52 33.15
CA SER J 77 8.31 -1.59 33.59
C SER J 77 9.43 -1.75 32.55
N LEU J 78 10.43 -0.87 32.64
CA LEU J 78 11.45 -0.81 31.62
C LEU J 78 12.20 -2.13 31.49
N GLN J 79 12.23 -2.69 30.27
CA GLN J 79 13.00 -3.88 29.90
C GLN J 79 14.22 -3.53 29.04
N PRO J 80 15.26 -4.37 29.02
CA PRO J 80 16.41 -4.09 28.11
C PRO J 80 16.04 -4.04 26.62
N GLU J 81 15.07 -4.83 26.15
CA GLU J 81 14.65 -4.78 24.75
C GLU J 81 14.20 -3.38 24.31
N ASP J 82 14.01 -2.46 25.26
CA ASP J 82 13.53 -1.12 25.01
C ASP J 82 14.64 -0.12 24.77
N ILE J 83 15.92 -0.49 24.95
CA ILE J 83 17.02 0.39 24.60
C ILE J 83 16.79 0.97 23.22
N GLY J 84 17.01 2.27 23.06
CA GLY J 84 16.92 2.83 21.72
C GLY J 84 16.50 4.28 21.71
N SER J 85 16.06 4.71 20.55
CA SER J 85 15.60 6.09 20.42
C SER J 85 14.09 6.17 20.23
N TYR J 86 13.51 7.16 20.88
CA TYR J 86 12.07 7.42 20.83
C TYR J 86 11.86 8.83 20.30
N TYR J 87 10.95 8.94 19.33
CA TYR J 87 10.61 10.20 18.69
C TYR J 87 9.12 10.42 18.74
N CYS J 88 8.71 11.65 19.04
CA CYS J 88 7.34 12.09 18.83
C CYS J 88 7.18 12.73 17.44
N GLN J 89 5.96 12.64 16.91
CA GLN J 89 5.65 13.40 15.72
C GLN J 89 4.22 13.92 15.81
N HIS J 90 4.02 15.18 15.46
CA HIS J 90 2.65 15.61 15.32
C HIS J 90 2.23 15.48 13.87
N PHE J 91 0.93 15.21 13.67
CA PHE J 91 0.31 15.32 12.37
C PHE J 91 -0.95 16.20 12.46
N TRP J 92 -0.80 17.41 13.03
CA TRP J 92 -1.95 18.29 13.15
C TRP J 92 -2.09 19.25 11.99
N ILE J 93 -0.98 19.77 11.51
CA ILE J 93 -0.99 20.64 10.34
C ILE J 93 0.32 20.41 9.62
N THR J 94 0.28 20.39 8.29
CA THR J 94 1.53 20.30 7.54
C THR J 94 2.22 21.66 7.57
N PRO J 95 3.53 21.69 7.50
CA PRO J 95 4.47 20.55 7.52
C PRO J 95 4.56 19.91 8.91
N TYR J 96 4.70 18.58 8.95
CA TYR J 96 4.87 17.80 10.15
C TYR J 96 6.28 17.95 10.69
N THR J 97 6.46 17.66 11.98
CA THR J 97 7.80 17.68 12.56
C THR J 97 7.94 16.61 13.64
N PHE J 98 9.20 16.22 13.85
CA PHE J 98 9.61 15.25 14.84
C PHE J 98 10.29 15.99 15.99
N GLY J 99 10.19 15.44 17.18
CA GLY J 99 11.06 15.90 18.24
C GLY J 99 12.48 15.43 18.02
N GLY J 100 13.36 15.90 18.90
CA GLY J 100 14.78 15.67 18.77
C GLY J 100 15.21 14.26 19.12
N GLY J 101 14.36 13.52 19.82
CA GLY J 101 14.66 12.17 20.23
C GLY J 101 15.09 12.10 21.68
N THR J 102 14.86 10.93 22.28
CA THR J 102 15.36 10.55 23.59
C THR J 102 16.10 9.25 23.34
N LYS J 103 17.36 9.20 23.73
CA LYS J 103 18.08 7.94 23.67
C LYS J 103 17.93 7.25 25.03
N LEU J 104 17.51 5.99 25.03
CA LEU J 104 17.24 5.25 26.26
C LEU J 104 18.28 4.15 26.52
N GLU J 105 18.93 4.20 27.69
CA GLU J 105 19.90 3.19 28.11
C GLU J 105 19.45 2.50 29.40
N ILE J 106 19.86 1.25 29.58
CA ILE J 106 19.65 0.51 30.82
C ILE J 106 20.80 0.80 31.77
N LYS J 107 20.48 1.15 33.02
CA LYS J 107 21.43 1.17 34.12
C LYS J 107 21.48 -0.23 34.73
N ARG J 108 22.66 -0.84 34.73
CA ARG J 108 22.87 -2.18 35.29
C ARG J 108 24.18 -2.18 36.07
N THR J 109 24.47 -3.28 36.79
CA THR J 109 25.71 -3.38 37.56
C THR J 109 26.95 -3.25 36.68
N VAL J 110 28.05 -2.84 37.32
CA VAL J 110 29.35 -2.73 36.67
C VAL J 110 29.85 -4.09 36.23
N ALA J 111 30.29 -4.19 34.98
CA ALA J 111 30.75 -5.43 34.37
C ALA J 111 32.05 -5.10 33.63
N ALA J 112 33.12 -5.80 33.96
CA ALA J 112 34.43 -5.51 33.36
C ALA J 112 34.59 -6.20 32.00
N PRO J 113 35.45 -5.69 31.12
CA PRO J 113 35.58 -6.30 29.80
C PRO J 113 36.28 -7.64 29.84
N SER J 114 36.00 -8.42 28.80
CA SER J 114 36.81 -9.56 28.38
C SER J 114 37.65 -9.06 27.23
N VAL J 115 38.94 -9.28 27.31
CA VAL J 115 39.88 -8.71 26.36
C VAL J 115 40.48 -9.82 25.51
N PHE J 116 40.43 -9.65 24.21
CA PHE J 116 41.05 -10.53 23.25
C PHE J 116 41.87 -9.67 22.31
N ILE J 117 43.01 -10.20 21.88
CA ILE J 117 43.89 -9.53 20.95
C ILE J 117 43.98 -10.41 19.72
N PHE J 118 44.11 -9.76 18.56
CA PHE J 118 44.17 -10.47 17.29
C PHE J 118 45.37 -9.99 16.50
N PRO J 119 46.31 -10.87 16.15
CA PRO J 119 47.46 -10.47 15.31
C PRO J 119 47.04 -10.30 13.87
N PRO J 120 47.84 -9.59 13.06
CA PRO J 120 47.51 -9.43 11.64
C PRO J 120 47.39 -10.77 10.92
N SER J 121 46.55 -10.79 9.89
CA SER J 121 46.38 -12.00 9.11
C SER J 121 47.53 -12.16 8.13
N ASP J 122 47.77 -13.40 7.71
CA ASP J 122 48.81 -13.63 6.72
C ASP J 122 48.46 -12.92 5.42
N GLU J 123 47.21 -13.07 4.97
CA GLU J 123 46.73 -12.38 3.78
C GLU J 123 46.96 -10.88 3.86
N GLN J 124 46.48 -10.26 4.95
CA GLN J 124 46.64 -8.82 5.03
C GLN J 124 48.11 -8.43 4.96
N LEU J 125 48.99 -9.29 5.48
CA LEU J 125 50.42 -8.99 5.42
C LEU J 125 50.93 -9.01 3.98
N LYS J 126 50.58 -10.07 3.21
CA LYS J 126 50.79 -10.11 1.76
C LYS J 126 50.53 -8.77 1.08
N SER J 127 49.41 -8.11 1.39
CA SER J 127 49.09 -6.81 0.80
C SER J 127 49.95 -5.68 1.34
N GLY J 128 50.89 -5.95 2.23
CA GLY J 128 51.76 -4.89 2.71
C GLY J 128 51.14 -3.94 3.71
N THR J 129 50.16 -4.41 4.49
CA THR J 129 49.59 -3.65 5.60
C THR J 129 49.38 -4.58 6.79
N ALA J 130 49.38 -4.00 7.99
CA ALA J 130 49.18 -4.77 9.21
C ALA J 130 48.11 -4.13 10.09
N SER J 131 47.13 -4.93 10.50
CA SER J 131 46.07 -4.49 11.41
C SER J 131 46.06 -5.35 12.67
N VAL J 132 46.37 -4.73 13.80
CA VAL J 132 46.21 -5.37 15.10
C VAL J 132 44.84 -4.96 15.65
N VAL J 133 44.06 -5.95 16.10
CA VAL J 133 42.73 -5.71 16.64
C VAL J 133 42.68 -6.13 18.10
N CYS J 134 42.02 -5.30 18.91
CA CYS J 134 41.82 -5.59 20.32
C CYS J 134 40.32 -5.47 20.59
N LEU J 135 39.74 -6.54 21.13
CA LEU J 135 38.30 -6.64 21.37
C LEU J 135 38.05 -6.55 22.87
N LEU J 136 37.21 -5.58 23.30
CA LEU J 136 36.78 -5.41 24.69
C LEU J 136 35.33 -5.78 24.71
N ASN J 137 35.00 -6.91 25.33
CA ASN J 137 33.70 -7.50 25.16
C ASN J 137 32.84 -7.46 26.42
N ASN J 138 31.61 -6.95 26.28
CA ASN J 138 30.49 -7.13 27.23
C ASN J 138 30.80 -6.51 28.60
N PHE J 139 30.85 -5.19 28.60
CA PHE J 139 31.26 -4.41 29.77
C PHE J 139 30.30 -3.24 29.99
N TYR J 140 30.21 -2.83 31.24
CA TYR J 140 29.38 -1.70 31.57
C TYR J 140 30.05 -1.02 32.75
N PRO J 141 30.09 0.30 32.78
CA PRO J 141 29.53 1.26 31.81
C PRO J 141 30.47 1.50 30.61
N ARG J 142 30.08 2.45 29.74
CA ARG J 142 30.63 2.58 28.40
C ARG J 142 32.09 3.01 28.41
N GLU J 143 32.42 3.96 29.28
CA GLU J 143 33.78 4.47 29.42
C GLU J 143 34.79 3.34 29.53
N ALA J 144 35.74 3.29 28.59
CA ALA J 144 36.88 2.37 28.66
C ALA J 144 38.06 2.95 27.89
N LYS J 145 39.26 2.63 28.36
CA LYS J 145 40.49 3.14 27.77
C LYS J 145 41.31 2.00 27.21
N VAL J 146 41.91 2.20 26.04
CA VAL J 146 42.79 1.20 25.47
C VAL J 146 44.13 1.85 25.14
N GLN J 147 45.21 1.21 25.56
CA GLN J 147 46.56 1.66 25.30
C GLN J 147 47.24 0.59 24.46
N TRP J 148 47.61 0.94 23.26
CA TRP J 148 48.44 0.04 22.50
C TRP J 148 49.90 0.18 22.96
N LYS J 149 50.64 -0.92 22.91
CA LYS J 149 52.03 -0.90 23.33
C LYS J 149 52.83 -1.88 22.47
N VAL J 150 53.74 -1.35 21.67
CA VAL J 150 54.54 -2.14 20.73
C VAL J 150 55.93 -2.26 21.33
N ASP J 151 56.34 -3.49 21.65
CA ASP J 151 57.65 -3.75 22.26
C ASP J 151 57.88 -2.84 23.46
N ASN J 152 56.81 -2.58 24.21
CA ASN J 152 56.81 -1.79 25.43
C ASN J 152 56.88 -0.29 25.14
N ALA J 153 56.44 0.11 23.95
CA ALA J 153 56.40 1.52 23.59
C ALA J 153 54.95 1.95 23.39
N LEU J 154 54.53 2.98 24.12
CA LEU J 154 53.13 3.43 24.09
C LEU J 154 52.85 4.13 22.76
N GLN J 155 52.22 3.41 21.84
CA GLN J 155 51.76 3.96 20.56
C GLN J 155 50.83 5.15 20.75
N SER J 156 50.73 5.97 19.72
CA SER J 156 49.80 7.09 19.78
C SER J 156 49.51 7.56 18.36
N GLY J 157 48.29 8.04 18.15
CA GLY J 157 47.85 8.52 16.87
C GLY J 157 47.50 7.47 15.85
N ASN J 158 47.97 6.22 16.02
CA ASN J 158 47.85 5.21 14.98
C ASN J 158 46.78 4.13 15.27
N SER J 159 45.76 4.45 16.10
CA SER J 159 44.65 3.53 16.39
C SER J 159 43.30 4.19 16.18
N GLN J 160 42.29 3.36 15.89
CA GLN J 160 40.90 3.84 15.82
C GLN J 160 40.02 2.86 16.55
N GLU J 161 38.97 3.39 17.18
CA GLU J 161 38.09 2.66 18.07
C GLU J 161 36.67 2.68 17.54
N SER J 162 35.87 1.71 17.99
CA SER J 162 34.46 1.68 17.66
C SER J 162 33.73 1.02 18.83
N VAL J 163 32.63 1.62 19.26
CA VAL J 163 31.83 1.08 20.36
C VAL J 163 30.45 0.70 19.84
N THR J 164 30.01 -0.52 20.15
CA THR J 164 28.64 -0.89 19.79
C THR J 164 27.64 -0.16 20.67
N GLU J 165 26.39 -0.22 20.27
CA GLU J 165 25.36 0.26 21.16
C GLU J 165 25.00 -0.83 22.18
N GLN J 166 24.35 -0.42 23.27
CA GLN J 166 23.97 -1.35 24.33
C GLN J 166 23.19 -2.54 23.80
N ASP J 167 23.61 -3.74 24.21
CA ASP J 167 22.98 -4.97 23.79
C ASP J 167 21.75 -5.26 24.64
N SER J 168 20.67 -5.73 24.00
CA SER J 168 19.48 -6.08 24.75
C SER J 168 19.58 -7.44 25.42
N LYS J 169 20.57 -8.25 25.11
CA LYS J 169 20.65 -9.53 25.81
C LYS J 169 21.35 -9.45 27.18
N ASP J 170 22.05 -8.34 27.51
CA ASP J 170 22.76 -8.22 28.78
C ASP J 170 23.09 -6.77 29.12
N SER J 171 22.57 -5.83 28.32
CA SER J 171 22.75 -4.41 28.63
C SER J 171 24.21 -3.98 28.72
N THR J 172 25.13 -4.65 28.01
CA THR J 172 26.54 -4.26 28.03
C THR J 172 26.92 -3.59 26.70
N TYR J 173 28.17 -3.10 26.67
CA TYR J 173 28.77 -2.55 25.48
C TYR J 173 29.96 -3.41 25.08
N SER J 174 30.35 -3.25 23.82
CA SER J 174 31.54 -3.88 23.27
C SER J 174 32.32 -2.85 22.46
N LEU J 175 33.64 -2.97 22.48
CA LEU J 175 34.51 -2.02 21.81
C LEU J 175 35.61 -2.77 21.09
N SER J 176 35.87 -2.40 19.84
CA SER J 176 37.03 -2.92 19.13
C SER J 176 37.93 -1.77 18.74
N SER J 177 39.23 -1.99 18.89
CA SER J 177 40.24 -0.99 18.60
C SER J 177 41.22 -1.54 17.57
N THR J 178 41.52 -0.75 16.55
CA THR J 178 42.40 -1.18 15.47
C THR J 178 43.66 -0.34 15.46
N LEU J 179 44.80 -0.99 15.72
CA LEU J 179 46.13 -0.43 15.53
C LEU J 179 46.58 -0.61 14.09
N THR J 180 46.80 0.52 13.39
CA THR J 180 47.23 0.54 12.00
C THR J 180 48.75 0.74 11.93
N LEU J 181 49.46 -0.21 11.34
CA LEU J 181 50.92 -0.20 11.30
C LEU J 181 51.39 -0.57 9.90
N SER J 182 52.54 -0.01 9.50
CA SER J 182 53.24 -0.43 8.29
C SER J 182 53.62 -1.91 8.37
N LYS J 183 53.73 -2.56 7.21
CA LYS J 183 54.33 -3.90 7.18
C LYS J 183 55.73 -3.86 7.77
N ALA J 184 56.48 -2.80 7.47
CA ALA J 184 57.83 -2.58 7.96
C ALA J 184 57.87 -2.71 9.48
N ASP J 185 57.25 -1.73 10.17
CA ASP J 185 57.27 -1.71 11.63
C ASP J 185 56.80 -3.04 12.21
N TYR J 186 55.81 -3.69 11.59
CA TYR J 186 55.28 -4.91 12.20
C TYR J 186 56.33 -6.02 12.26
N GLU J 187 57.33 -5.99 11.38
CA GLU J 187 58.43 -6.94 11.52
C GLU J 187 59.59 -6.38 12.32
N LYS J 188 59.68 -5.05 12.45
CA LYS J 188 60.71 -4.41 13.25
C LYS J 188 60.54 -4.62 14.75
N HIS J 189 59.43 -5.25 15.20
CA HIS J 189 59.14 -5.43 16.60
C HIS J 189 58.48 -6.78 16.82
N LYS J 190 58.33 -7.18 18.10
CA LYS J 190 57.94 -8.56 18.43
C LYS J 190 56.76 -8.67 19.39
N VAL J 191 56.70 -7.81 20.39
CA VAL J 191 55.68 -7.89 21.43
C VAL J 191 54.65 -6.79 21.17
N TYR J 192 53.39 -7.20 21.05
CA TYR J 192 52.28 -6.30 20.75
C TYR J 192 51.24 -6.48 21.85
N ALA J 193 50.87 -5.40 22.53
CA ALA J 193 49.95 -5.51 23.63
C ALA J 193 48.93 -4.39 23.58
N CYS J 194 47.71 -4.69 24.00
CA CYS J 194 46.75 -3.66 24.40
C CYS J 194 46.47 -3.82 25.89
N GLU J 195 46.48 -2.69 26.58
CA GLU J 195 46.27 -2.59 28.02
C GLU J 195 44.92 -1.91 28.19
N VAL J 196 44.00 -2.58 28.89
CA VAL J 196 42.62 -2.12 29.04
C VAL J 196 42.40 -1.64 30.45
N THR J 197 41.69 -0.52 30.57
CA THR J 197 41.33 0.12 31.82
C THR J 197 39.83 0.35 31.81
N HIS J 198 39.19 0.01 32.91
CA HIS J 198 37.75 0.11 33.03
C HIS J 198 37.42 0.13 34.49
N GLN J 199 36.31 0.78 34.82
CA GLN J 199 35.91 0.96 36.22
C GLN J 199 35.81 -0.37 36.97
N GLY J 200 35.33 -1.41 36.32
CA GLY J 200 35.24 -2.73 36.90
C GLY J 200 36.52 -3.53 36.98
N LEU J 201 37.65 -2.97 36.54
CA LEU J 201 38.95 -3.58 36.73
C LEU J 201 39.68 -2.90 37.90
N SER J 202 40.23 -3.68 38.81
CA SER J 202 40.97 -3.11 39.93
C SER J 202 42.45 -2.96 39.62
N SER J 203 42.90 -3.46 38.47
CA SER J 203 44.24 -3.34 37.91
C SER J 203 44.09 -3.49 36.41
N PRO J 204 45.01 -2.94 35.61
CA PRO J 204 44.78 -2.96 34.16
C PRO J 204 44.91 -4.37 33.65
N VAL J 205 44.31 -4.62 32.49
CA VAL J 205 44.34 -5.93 31.88
C VAL J 205 45.04 -5.79 30.54
N THR J 206 46.03 -6.65 30.32
CA THR J 206 46.85 -6.65 29.13
C THR J 206 46.75 -8.00 28.46
N LYS J 207 46.44 -8.01 27.17
CA LYS J 207 46.68 -9.21 26.41
C LYS J 207 47.71 -8.89 25.35
N SER J 208 48.53 -9.88 25.01
CA SER J 208 49.62 -9.62 24.08
C SER J 208 50.03 -10.92 23.40
N PHE J 209 50.69 -10.77 22.26
CA PHE J 209 51.20 -11.90 21.51
C PHE J 209 52.59 -11.54 21.04
N ASN J 210 53.37 -12.57 20.67
CA ASN J 210 54.67 -12.43 20.02
C ASN J 210 54.54 -12.73 18.53
N ARG J 211 55.07 -11.84 17.69
CA ARG J 211 55.19 -12.13 16.26
C ARG J 211 55.81 -13.52 16.09
N GLY J 212 55.06 -14.48 15.55
CA GLY J 212 55.50 -15.88 15.55
C GLY J 212 55.32 -16.57 16.89
N GLN K 1 2.27 -8.16 5.73
CA GLN K 1 1.57 -8.16 4.43
C GLN K 1 1.72 -6.81 3.72
N ILE K 2 1.64 -5.71 4.46
CA ILE K 2 1.94 -4.40 3.89
C ILE K 2 3.45 -4.22 3.87
N GLN K 3 4.01 -3.88 2.71
CA GLN K 3 5.45 -3.84 2.54
C GLN K 3 5.84 -2.70 1.63
N LEU K 4 6.92 -2.01 2.00
CA LEU K 4 7.48 -0.91 1.24
C LEU K 4 8.93 -1.29 0.98
N GLN K 5 9.25 -1.58 -0.24
CA GLN K 5 10.57 -2.05 -0.58
C GLN K 5 11.32 -0.87 -1.18
N GLN K 6 12.41 -0.45 -0.55
CA GLN K 6 13.13 0.72 -1.04
C GLN K 6 14.35 0.34 -1.86
N SER K 7 14.69 1.21 -2.81
CA SER K 7 15.84 1.02 -3.69
C SER K 7 17.15 0.90 -2.89
N GLY K 8 18.18 0.32 -3.52
CA GLY K 8 19.44 0.04 -2.85
C GLY K 8 20.30 1.27 -2.58
N ALA K 9 21.42 1.03 -1.88
CA ALA K 9 22.39 2.08 -1.50
C ALA K 9 23.15 2.65 -2.70
N GLU K 10 23.05 3.97 -2.90
CA GLU K 10 23.64 4.68 -4.04
C GLU K 10 24.86 5.53 -3.65
N LEU K 11 25.80 5.62 -4.58
CA LEU K 11 26.88 6.60 -4.55
C LEU K 11 26.54 7.65 -5.59
N ALA K 12 26.42 8.90 -5.18
CA ALA K 12 25.97 9.98 -6.04
C ALA K 12 27.00 11.09 -6.02
N ARG K 13 27.41 11.53 -7.20
CA ARG K 13 28.49 12.49 -7.31
C ARG K 13 28.00 13.87 -6.87
N PRO K 14 28.90 14.72 -6.37
CA PRO K 14 28.46 16.04 -5.90
C PRO K 14 27.86 16.89 -7.02
N GLY K 15 26.86 17.68 -6.63
CA GLY K 15 26.20 18.56 -7.57
C GLY K 15 25.22 17.88 -8.49
N ALA K 16 25.27 16.55 -8.64
CA ALA K 16 24.31 15.80 -9.45
C ALA K 16 22.95 15.54 -8.76
N SER K 17 22.24 14.52 -9.23
CA SER K 17 20.95 14.13 -8.67
C SER K 17 20.92 12.64 -8.43
N VAL K 18 20.04 12.24 -7.50
CA VAL K 18 19.69 10.82 -7.38
C VAL K 18 18.17 10.68 -7.19
N LYS K 19 17.64 9.58 -7.72
CA LYS K 19 16.23 9.25 -7.65
C LYS K 19 16.04 7.98 -6.85
N LEU K 20 15.28 8.09 -5.76
CA LEU K 20 15.04 7.02 -4.80
C LEU K 20 13.65 6.43 -5.03
N SER K 21 13.53 5.10 -4.89
CA SER K 21 12.25 4.48 -5.17
C SER K 21 11.71 3.72 -3.95
N CYS K 22 10.39 3.66 -3.84
CA CYS K 22 9.72 3.05 -2.70
C CYS K 22 8.54 2.25 -3.26
N LYS K 23 8.77 0.96 -3.48
CA LYS K 23 7.75 0.09 -4.07
C LYS K 23 6.81 -0.44 -2.99
N ALA K 24 5.51 -0.11 -3.10
CA ALA K 24 4.49 -0.50 -2.14
C ALA K 24 3.80 -1.78 -2.58
N SER K 25 3.33 -2.54 -1.59
CA SER K 25 2.63 -3.79 -1.89
C SER K 25 1.79 -4.15 -0.67
N GLY K 26 0.67 -4.85 -0.92
CA GLY K 26 -0.25 -5.27 0.14
C GLY K 26 -1.43 -4.34 0.42
N TYR K 27 -1.62 -3.29 -0.36
CA TYR K 27 -2.70 -2.35 -0.11
C TYR K 27 -2.93 -1.55 -1.38
N THR K 28 -4.05 -0.82 -1.43
CA THR K 28 -4.32 -0.01 -2.62
C THR K 28 -3.46 1.24 -2.59
N PHE K 29 -2.44 1.27 -3.45
CA PHE K 29 -1.38 2.27 -3.39
C PHE K 29 -1.93 3.65 -3.63
N ILE K 30 -2.97 3.73 -4.46
CA ILE K 30 -3.56 5.00 -4.85
C ILE K 30 -4.37 5.67 -3.73
N THR K 31 -4.74 4.93 -2.69
CA THR K 31 -5.62 5.43 -1.62
C THR K 31 -4.88 6.16 -0.49
N TYR K 32 -3.57 5.95 -0.32
CA TYR K 32 -2.91 6.36 0.92
C TYR K 32 -1.68 7.19 0.63
N TRP K 33 -1.37 8.09 1.55
CA TRP K 33 -0.21 8.96 1.36
C TRP K 33 1.07 8.19 1.63
N ILE K 34 2.12 8.47 0.82
CA ILE K 34 3.49 8.07 1.15
C ILE K 34 4.20 9.26 1.78
N GLN K 35 4.91 9.03 2.88
CA GLN K 35 5.70 10.07 3.52
C GLN K 35 7.19 9.74 3.42
N TRP K 36 8.01 10.77 3.40
CA TRP K 36 9.45 10.63 3.30
C TRP K 36 10.15 11.30 4.48
N VAL K 37 11.22 10.68 4.98
CA VAL K 37 11.91 11.17 6.16
C VAL K 37 13.41 11.10 5.90
N LYS K 38 14.17 12.07 6.42
CA LYS K 38 15.62 12.06 6.34
C LYS K 38 16.23 11.83 7.72
N GLN K 39 17.30 11.02 7.75
CA GLN K 39 18.04 10.82 9.00
C GLN K 39 19.54 10.85 8.72
N ARG K 40 20.19 11.96 9.08
CA ARG K 40 21.64 12.02 9.00
C ARG K 40 22.21 11.03 10.01
N PRO K 41 23.39 10.44 9.74
CA PRO K 41 23.93 9.42 10.66
C PRO K 41 24.13 9.95 12.08
N GLY K 42 23.69 9.14 13.05
CA GLY K 42 23.73 9.51 14.45
C GLY K 42 22.92 10.76 14.74
N GLN K 43 21.86 11.00 13.97
CA GLN K 43 21.05 12.19 14.12
C GLN K 43 19.57 11.79 14.17
N GLY K 44 18.73 12.78 14.37
CA GLY K 44 17.31 12.55 14.49
C GLY K 44 16.63 12.40 13.14
N LEU K 45 15.30 12.30 13.21
CA LEU K 45 14.42 12.16 12.05
C LEU K 45 13.97 13.54 11.60
N GLU K 46 14.12 13.83 10.30
CA GLU K 46 13.58 15.05 9.70
C GLU K 46 12.49 14.69 8.68
N TRP K 47 11.35 15.38 8.78
CA TRP K 47 10.24 15.18 7.86
C TRP K 47 10.50 15.88 6.52
N ILE K 48 10.55 15.12 5.43
CA ILE K 48 10.77 15.73 4.12
C ILE K 48 9.44 16.21 3.54
N GLY K 49 8.51 15.29 3.31
CA GLY K 49 7.17 15.67 2.94
C GLY K 49 6.36 14.44 2.60
N ALA K 50 5.21 14.65 1.94
CA ALA K 50 4.33 13.55 1.59
C ALA K 50 3.76 13.73 0.18
N ILE K 51 3.44 12.62 -0.48
CA ILE K 51 2.81 12.66 -1.79
C ILE K 51 1.53 11.83 -1.74
N TYR K 52 0.50 12.27 -2.44
CA TYR K 52 -0.69 11.45 -2.57
C TYR K 52 -0.68 10.78 -3.95
N PRO K 53 -0.44 9.47 -4.03
CA PRO K 53 -0.20 8.86 -5.35
C PRO K 53 -1.41 8.91 -6.27
N GLY K 54 -2.62 9.00 -5.72
CA GLY K 54 -3.79 9.20 -6.57
C GLY K 54 -3.74 10.47 -7.40
N ASP K 55 -2.98 11.48 -6.94
CA ASP K 55 -3.16 12.87 -7.34
C ASP K 55 -1.85 13.50 -7.78
N GLY K 56 -0.75 12.98 -7.27
CA GLY K 56 0.52 13.67 -7.25
C GLY K 56 0.61 14.79 -6.25
N ASP K 57 -0.46 15.05 -5.50
CA ASP K 57 -0.46 16.15 -4.55
C ASP K 57 0.65 15.98 -3.53
N THR K 58 1.29 17.07 -3.14
CA THR K 58 2.49 17.01 -2.32
C THR K 58 2.41 18.00 -1.17
N ARG K 59 3.17 17.71 -0.11
CA ARG K 59 3.40 18.63 1.01
C ARG K 59 4.89 18.58 1.35
N TYR K 60 5.47 19.72 1.70
CA TYR K 60 6.91 19.79 1.89
C TYR K 60 7.23 20.64 3.11
N THR K 61 8.21 20.16 3.88
CA THR K 61 9.01 21.03 4.74
C THR K 61 9.75 22.06 3.89
N GLN K 62 9.61 23.36 4.27
CA GLN K 62 10.20 24.46 3.50
C GLN K 62 11.67 24.25 3.15
N LYS K 63 12.50 23.82 4.11
CA LYS K 63 13.90 23.70 3.72
C LYS K 63 14.17 22.60 2.69
N PHE K 64 13.17 21.84 2.22
CA PHE K 64 13.41 20.77 1.26
C PHE K 64 12.79 21.04 -0.10
N LYS K 65 12.03 22.13 -0.23
CA LYS K 65 11.32 22.41 -1.47
C LYS K 65 12.25 22.42 -2.64
N ALA K 66 13.49 22.86 -2.46
CA ALA K 66 14.38 22.84 -3.61
C ALA K 66 15.25 21.59 -3.69
N LYS K 67 15.26 20.74 -2.65
CA LYS K 67 16.16 19.59 -2.70
C LYS K 67 15.45 18.33 -3.16
N ALA K 68 14.16 18.19 -2.86
CA ALA K 68 13.41 16.98 -3.15
C ALA K 68 12.24 17.26 -4.09
N THR K 69 11.98 16.30 -4.99
CA THR K 69 10.77 16.27 -5.81
C THR K 69 10.09 14.92 -5.67
N LEU K 70 8.89 14.91 -5.09
CA LEU K 70 8.13 13.69 -4.85
C LEU K 70 7.24 13.33 -6.06
N THR K 71 7.39 12.11 -6.56
CA THR K 71 6.55 11.64 -7.66
C THR K 71 6.04 10.22 -7.38
N ALA K 72 5.05 9.78 -8.16
CA ALA K 72 4.52 8.43 -7.98
C ALA K 72 4.11 7.82 -9.32
N ASP K 73 4.38 6.53 -9.50
CA ASP K 73 3.94 5.78 -10.66
C ASP K 73 2.81 4.86 -10.24
N LYS K 74 1.57 5.20 -10.61
CA LYS K 74 0.43 4.39 -10.16
C LYS K 74 0.50 2.96 -10.67
N SER K 75 0.93 2.73 -11.91
CA SER K 75 0.91 1.38 -12.47
C SER K 75 1.86 0.43 -11.74
N SER K 76 3.08 0.88 -11.44
CA SER K 76 4.07 0.04 -10.77
C SER K 76 3.99 0.14 -9.25
N SER K 77 3.02 0.88 -8.72
CA SER K 77 2.84 1.06 -7.27
C SER K 77 4.09 1.60 -6.59
N THR K 78 4.86 2.42 -7.29
CA THR K 78 6.11 2.92 -6.75
C THR K 78 6.05 4.44 -6.57
N ALA K 79 6.47 4.93 -5.42
CA ALA K 79 6.72 6.36 -5.25
C ALA K 79 8.21 6.66 -5.39
N TYR K 80 8.51 7.83 -5.97
CA TYR K 80 9.88 8.30 -6.17
C TYR K 80 10.13 9.58 -5.40
N MET K 81 11.39 9.75 -5.00
CA MET K 81 11.91 11.00 -4.46
C MET K 81 13.21 11.31 -5.19
N GLN K 82 13.21 12.43 -5.92
CA GLN K 82 14.41 12.89 -6.58
C GLN K 82 15.06 13.92 -5.69
N LEU K 83 16.39 13.78 -5.50
CA LEU K 83 17.17 14.71 -4.71
C LEU K 83 18.20 15.32 -5.63
N SER K 84 18.24 16.64 -5.70
CA SER K 84 19.01 17.34 -6.71
C SER K 84 20.04 18.24 -6.05
N THR K 85 20.93 18.81 -6.87
CA THR K 85 21.94 19.75 -6.41
C THR K 85 22.65 19.18 -5.18
N LEU K 86 23.13 17.95 -5.32
CA LEU K 86 23.54 17.18 -4.16
C LEU K 86 24.76 17.83 -3.49
N THR K 87 24.70 17.95 -2.17
CA THR K 87 25.84 18.31 -1.31
C THR K 87 26.10 17.17 -0.32
N SER K 88 27.21 17.23 0.40
CA SER K 88 27.43 16.21 1.42
C SER K 88 26.45 16.32 2.57
N GLU K 89 25.74 17.44 2.69
CA GLU K 89 24.68 17.52 3.68
C GLU K 89 23.50 16.62 3.33
N ASP K 90 23.47 16.06 2.13
CA ASP K 90 22.43 15.14 1.74
C ASP K 90 22.85 13.68 1.92
N SER K 91 24.10 13.45 2.26
CA SER K 91 24.54 12.12 2.63
C SER K 91 23.83 11.74 3.90
N ALA K 92 23.03 10.65 3.84
CA ALA K 92 22.09 10.30 4.90
C ALA K 92 21.25 9.08 4.51
N VAL K 93 20.40 8.60 5.43
CA VAL K 93 19.45 7.53 5.12
C VAL K 93 18.08 8.14 4.91
N TYR K 94 17.39 7.67 3.88
CA TYR K 94 16.08 8.21 3.56
C TYR K 94 15.02 7.11 3.70
N PHE K 95 13.96 7.44 4.42
CA PHE K 95 12.90 6.51 4.72
C PHE K 95 11.63 6.90 3.97
N CYS K 96 10.88 5.91 3.53
CA CYS K 96 9.51 6.12 3.09
C CYS K 96 8.59 5.32 4.00
N ALA K 97 7.38 5.81 4.18
CA ALA K 97 6.45 5.17 5.08
C ALA K 97 5.04 5.43 4.57
N LYS K 98 4.13 4.55 4.96
CA LYS K 98 2.72 4.67 4.58
C LYS K 98 1.98 5.52 5.61
N GLY K 99 1.06 6.36 5.12
CA GLY K 99 0.15 7.13 5.96
C GLY K 99 -1.29 6.70 5.79
N ASP K 100 -2.22 7.64 5.93
CA ASP K 100 -3.67 7.33 5.78
C ASP K 100 -4.26 8.09 4.58
N THR K 101 -5.55 8.44 4.66
CA THR K 101 -6.24 9.25 3.61
C THR K 101 -5.69 10.66 3.78
N TYR K 102 -5.36 11.06 5.00
CA TYR K 102 -4.61 12.31 5.23
C TYR K 102 -3.26 11.76 5.60
N PRO K 103 -2.13 12.47 5.48
CA PRO K 103 -0.81 11.83 5.68
C PRO K 103 -0.69 11.15 7.03
N ALA K 104 -0.94 11.88 8.12
CA ALA K 104 -1.19 11.31 9.45
C ALA K 104 0.08 10.63 9.96
N ALA K 105 -0.04 9.65 10.88
CA ALA K 105 1.11 8.89 11.34
C ALA K 105 1.63 7.96 10.24
N MET K 106 2.76 7.34 10.54
CA MET K 106 3.44 6.41 9.62
C MET K 106 3.48 5.02 10.23
N ASP K 107 2.69 4.10 9.68
CA ASP K 107 2.50 2.79 10.31
C ASP K 107 3.44 1.73 9.77
N TYR K 108 3.88 1.83 8.51
CA TYR K 108 4.77 0.85 7.90
C TYR K 108 5.84 1.64 7.16
N TRP K 109 7.10 1.22 7.29
CA TRP K 109 8.27 1.95 6.86
C TRP K 109 9.14 1.06 5.99
N GLY K 110 9.75 1.65 4.96
CA GLY K 110 10.72 0.93 4.19
C GLY K 110 11.97 0.69 4.99
N GLN K 111 12.85 -0.12 4.42
CA GLN K 111 14.05 -0.49 5.13
C GLN K 111 15.04 0.66 5.16
N GLY K 112 14.82 1.70 4.35
CA GLY K 112 15.64 2.88 4.20
C GLY K 112 16.67 2.74 3.08
N THR K 113 16.97 3.87 2.43
CA THR K 113 18.03 3.94 1.46
C THR K 113 19.13 4.86 1.98
N SER K 114 20.37 4.42 1.86
CA SER K 114 21.52 5.20 2.29
C SER K 114 22.14 5.90 1.07
N VAL K 115 22.36 7.20 1.17
CA VAL K 115 22.91 7.98 0.07
C VAL K 115 24.18 8.65 0.55
N THR K 116 25.27 8.44 -0.19
CA THR K 116 26.56 9.06 0.09
C THR K 116 26.88 9.98 -1.08
N VAL K 117 26.97 11.27 -0.82
CA VAL K 117 27.41 12.20 -1.84
C VAL K 117 28.93 12.33 -1.70
N SER K 118 29.63 11.84 -2.71
CA SER K 118 31.08 11.84 -2.72
C SER K 118 31.55 12.00 -4.15
N SER K 119 32.77 12.48 -4.32
CA SER K 119 33.39 12.43 -5.64
C SER K 119 34.11 11.12 -5.86
N ALA K 120 34.33 10.32 -4.80
CA ALA K 120 35.17 9.14 -4.80
C ALA K 120 34.47 7.96 -5.48
N SER K 121 35.17 6.83 -5.53
CA SER K 121 34.76 5.69 -6.35
C SER K 121 34.56 4.47 -5.49
N THR K 122 33.46 3.76 -5.72
CA THR K 122 33.16 2.57 -4.94
C THR K 122 34.31 1.58 -5.05
N LYS K 123 34.95 1.30 -3.92
CA LYS K 123 35.90 0.21 -3.74
C LYS K 123 35.26 -0.89 -2.91
N GLY K 124 35.56 -2.14 -3.24
CA GLY K 124 35.02 -3.26 -2.52
C GLY K 124 35.93 -3.60 -1.36
N PRO K 125 35.49 -4.48 -0.48
CA PRO K 125 36.22 -4.66 0.78
C PRO K 125 37.10 -5.91 0.77
N SER K 126 38.30 -5.79 1.35
CA SER K 126 39.12 -6.94 1.67
C SER K 126 38.68 -7.47 3.00
N VAL K 127 38.39 -8.77 3.07
CA VAL K 127 37.90 -9.41 4.29
C VAL K 127 39.01 -10.34 4.80
N PHE K 128 39.66 -9.95 5.88
CA PHE K 128 40.65 -10.76 6.55
C PHE K 128 40.09 -11.30 7.87
N PRO K 129 40.48 -12.50 8.28
CA PRO K 129 39.88 -13.07 9.48
C PRO K 129 40.62 -12.61 10.74
N LEU K 130 39.98 -12.86 11.87
CA LEU K 130 40.55 -12.68 13.21
C LEU K 130 40.48 -14.06 13.85
N ALA K 131 41.62 -14.81 13.83
CA ALA K 131 41.52 -16.23 14.13
C ALA K 131 41.51 -16.44 15.64
N PRO K 132 40.68 -17.38 16.12
CA PRO K 132 40.56 -17.58 17.57
C PRO K 132 41.90 -17.99 18.18
N SER K 133 42.15 -17.51 19.38
CA SER K 133 43.39 -17.86 20.08
C SER K 133 43.17 -19.14 20.89
N GLY K 139 37.74 -17.74 30.67
CA GLY K 139 36.89 -18.91 30.72
C GLY K 139 37.04 -19.88 29.54
N GLY K 140 36.01 -20.70 29.31
CA GLY K 140 35.97 -21.59 28.17
C GLY K 140 35.46 -20.95 26.89
N THR K 141 35.36 -19.64 26.83
CA THR K 141 34.84 -18.98 25.65
C THR K 141 35.97 -18.37 24.83
N ALA K 142 35.78 -18.40 23.51
CA ALA K 142 36.78 -17.93 22.57
C ALA K 142 36.14 -16.92 21.63
N ALA K 143 36.96 -16.01 21.12
CA ALA K 143 36.50 -14.91 20.28
C ALA K 143 37.17 -15.03 18.92
N LEU K 144 36.37 -14.99 17.85
CA LEU K 144 36.87 -14.99 16.48
C LEU K 144 36.09 -13.96 15.68
N GLY K 145 36.64 -13.56 14.53
CA GLY K 145 35.99 -12.49 13.80
C GLY K 145 36.55 -12.25 12.43
N CYS K 146 35.98 -11.23 11.80
CA CYS K 146 36.26 -10.84 10.42
C CYS K 146 36.56 -9.36 10.42
N LEU K 147 37.66 -8.97 9.79
CA LEU K 147 38.01 -7.58 9.59
C LEU K 147 37.69 -7.19 8.15
N VAL K 148 36.68 -6.33 7.98
CA VAL K 148 36.22 -5.88 6.67
C VAL K 148 36.87 -4.54 6.38
N LYS K 149 37.88 -4.52 5.51
CA LYS K 149 38.76 -3.36 5.38
C LYS K 149 38.65 -2.70 4.01
N ASP K 150 38.73 -1.38 4.00
CA ASP K 150 39.03 -0.60 2.79
C ASP K 150 37.91 -0.68 1.76
N TYR K 151 36.71 -0.27 2.16
CA TYR K 151 35.59 -0.23 1.25
C TYR K 151 35.01 1.18 1.20
N PHE K 152 34.32 1.47 0.11
CA PHE K 152 33.63 2.73 -0.07
C PHE K 152 32.54 2.48 -1.09
N PRO K 153 31.37 3.08 -0.94
CA PRO K 153 30.92 3.82 0.22
C PRO K 153 30.37 2.79 1.21
N GLU K 154 29.83 3.25 2.27
CA GLU K 154 29.01 2.47 3.18
C GLU K 154 27.64 2.21 2.56
N PRO K 155 26.94 1.12 2.94
CA PRO K 155 27.21 0.18 4.02
C PRO K 155 27.67 -1.20 3.58
N VAL K 156 28.12 -2.03 4.51
CA VAL K 156 28.30 -3.45 4.27
C VAL K 156 27.33 -4.16 5.22
N THR K 157 26.97 -5.38 4.85
CA THR K 157 26.23 -6.26 5.73
C THR K 157 27.16 -7.42 6.08
N VAL K 158 27.18 -7.80 7.34
CA VAL K 158 27.96 -8.96 7.77
C VAL K 158 27.01 -9.92 8.45
N SER K 159 27.12 -11.18 8.11
CA SER K 159 26.39 -12.20 8.82
C SER K 159 27.35 -13.36 9.06
N TRP K 160 26.93 -14.27 9.91
CA TRP K 160 27.76 -15.40 10.30
C TRP K 160 26.99 -16.65 9.97
N ASN K 161 27.62 -17.57 9.24
CA ASN K 161 26.99 -18.83 8.86
C ASN K 161 25.60 -18.56 8.29
N SER K 162 25.54 -17.63 7.33
CA SER K 162 24.33 -17.31 6.56
C SER K 162 23.11 -17.03 7.44
N GLY K 163 23.33 -16.37 8.57
CA GLY K 163 22.25 -16.01 9.46
C GLY K 163 21.92 -17.06 10.50
N ALA K 164 22.48 -18.27 10.37
CA ALA K 164 22.31 -19.30 11.40
C ALA K 164 22.79 -18.78 12.77
N LEU K 165 24.06 -18.39 12.84
CA LEU K 165 24.72 -17.90 14.06
C LEU K 165 24.44 -16.42 14.25
N THR K 166 23.76 -16.07 15.34
CA THR K 166 23.53 -14.66 15.68
C THR K 166 23.88 -14.30 17.11
N SER K 167 24.13 -15.26 17.98
CA SER K 167 24.30 -14.94 19.39
C SER K 167 25.77 -14.69 19.65
N GLY K 168 26.05 -13.67 20.47
CA GLY K 168 27.43 -13.28 20.64
C GLY K 168 28.06 -12.60 19.45
N VAL K 169 27.27 -12.19 18.47
CA VAL K 169 27.78 -11.45 17.32
C VAL K 169 27.86 -9.97 17.69
N HIS K 170 28.98 -9.34 17.36
CA HIS K 170 29.01 -7.87 17.40
C HIS K 170 29.59 -7.36 16.10
N THR K 171 28.79 -6.68 15.30
CA THR K 171 29.34 -5.94 14.19
C THR K 171 29.57 -4.50 14.61
N PHE K 172 30.80 -4.05 14.54
CA PHE K 172 31.04 -2.72 15.04
C PHE K 172 30.72 -1.65 13.99
N PRO K 173 30.42 -0.42 14.43
CA PRO K 173 30.31 0.68 13.46
C PRO K 173 31.60 0.83 12.68
N ALA K 174 31.48 1.21 11.41
CA ALA K 174 32.65 1.45 10.58
C ALA K 174 33.40 2.69 11.03
N VAL K 175 34.71 2.64 10.96
CA VAL K 175 35.52 3.85 11.06
C VAL K 175 35.98 4.27 9.67
N LEU K 176 36.08 5.58 9.49
CA LEU K 176 36.55 6.18 8.23
C LEU K 176 38.05 6.43 8.34
N GLN K 177 38.84 5.60 7.67
CA GLN K 177 40.29 5.79 7.69
C GLN K 177 40.66 7.06 6.93
N SER K 178 41.78 7.67 7.33
CA SER K 178 42.22 8.91 6.69
C SER K 178 42.44 8.72 5.20
N SER K 179 42.73 7.50 4.75
CA SER K 179 42.74 7.20 3.33
C SER K 179 41.38 7.43 2.67
N GLY K 180 40.38 7.90 3.43
CA GLY K 180 39.01 8.05 2.96
C GLY K 180 38.23 6.77 2.73
N LEU K 181 38.78 5.60 3.08
CA LEU K 181 38.06 4.34 2.99
C LEU K 181 37.59 3.88 4.37
N TYR K 182 36.56 3.05 4.37
CA TYR K 182 35.97 2.60 5.61
C TYR K 182 36.62 1.31 6.08
N SER K 183 36.27 0.91 7.31
CA SER K 183 36.72 -0.35 7.89
C SER K 183 35.79 -0.69 9.04
N LEU K 184 35.43 -1.96 9.15
CA LEU K 184 34.72 -2.45 10.34
C LEU K 184 35.09 -3.88 10.64
N SER K 185 34.84 -4.26 11.89
CA SER K 185 34.99 -5.63 12.38
C SER K 185 33.64 -6.21 12.76
N SER K 186 33.52 -7.52 12.56
CA SER K 186 32.47 -8.30 13.16
C SER K 186 33.11 -9.41 13.97
N VAL K 187 32.59 -9.65 15.16
CA VAL K 187 33.17 -10.68 16.03
C VAL K 187 32.04 -11.45 16.67
N VAL K 188 32.28 -12.73 16.85
CA VAL K 188 31.36 -13.58 17.59
C VAL K 188 32.17 -14.32 18.63
N THR K 189 31.56 -14.63 19.76
CA THR K 189 32.17 -15.45 20.79
C THR K 189 31.49 -16.81 20.88
N VAL K 190 32.31 -17.85 20.99
CA VAL K 190 31.86 -19.22 20.90
C VAL K 190 32.49 -20.00 22.05
N PRO K 191 31.85 -21.11 22.45
CA PRO K 191 32.52 -22.08 23.33
C PRO K 191 33.84 -22.56 22.75
N SER K 192 34.87 -22.63 23.61
CA SER K 192 36.15 -23.10 23.14
C SER K 192 36.06 -24.54 22.63
N SER K 193 35.32 -25.39 23.36
CA SER K 193 35.11 -26.78 22.93
C SER K 193 34.56 -26.83 21.51
N SER K 194 33.55 -26.01 21.22
CA SER K 194 32.94 -25.96 19.89
C SER K 194 33.92 -25.58 18.79
N LEU K 195 35.16 -25.21 19.11
CA LEU K 195 36.02 -24.62 18.10
C LEU K 195 36.31 -25.63 16.98
N GLY K 196 36.64 -26.87 17.34
CA GLY K 196 37.05 -27.86 16.34
C GLY K 196 35.92 -28.47 15.54
N THR K 197 34.69 -28.44 16.05
CA THR K 197 33.55 -29.05 15.37
C THR K 197 32.89 -28.10 14.38
N GLN K 198 32.21 -27.06 14.89
CA GLN K 198 31.45 -26.13 14.06
C GLN K 198 32.34 -25.25 13.20
N THR K 199 31.95 -25.08 11.94
CA THR K 199 32.63 -24.18 11.02
C THR K 199 32.00 -22.79 11.13
N TYR K 200 32.85 -21.77 10.99
CA TYR K 200 32.47 -20.37 11.18
C TYR K 200 32.83 -19.56 9.93
N ILE K 201 31.80 -19.18 9.15
CA ILE K 201 31.97 -18.40 7.93
C ILE K 201 31.30 -17.05 8.13
N CYS K 202 32.02 -15.97 7.91
CA CYS K 202 31.40 -14.65 7.91
C CYS K 202 31.04 -14.26 6.48
N ASN K 203 29.78 -13.85 6.28
CA ASN K 203 29.23 -13.53 4.97
C ASN K 203 29.11 -12.01 4.84
N VAL K 204 29.91 -11.43 3.97
CA VAL K 204 30.03 -9.99 3.80
C VAL K 204 29.57 -9.64 2.40
N ASN K 205 28.61 -8.74 2.30
CA ASN K 205 28.09 -8.27 1.03
C ASN K 205 28.21 -6.76 1.02
N HIS K 206 28.58 -6.20 -0.12
CA HIS K 206 28.77 -4.75 -0.28
C HIS K 206 28.06 -4.36 -1.57
N LYS K 207 26.74 -4.25 -1.49
CA LYS K 207 25.93 -3.92 -2.68
C LYS K 207 26.53 -2.81 -3.55
N PRO K 208 27.11 -1.72 -3.01
CA PRO K 208 27.66 -0.67 -3.89
C PRO K 208 28.73 -1.13 -4.86
N SER K 209 29.28 -2.33 -4.71
CA SER K 209 30.24 -2.81 -5.69
C SER K 209 29.98 -4.27 -6.04
N ASN K 210 28.79 -4.78 -5.69
CA ASN K 210 28.39 -6.15 -5.95
C ASN K 210 29.49 -7.12 -5.55
N THR K 211 30.05 -6.88 -4.37
CA THR K 211 31.03 -7.77 -3.78
C THR K 211 30.34 -8.63 -2.74
N LYS K 212 30.35 -9.94 -2.97
CA LYS K 212 29.92 -10.92 -1.98
C LYS K 212 31.10 -11.83 -1.66
N VAL K 213 31.55 -11.79 -0.40
CA VAL K 213 32.71 -12.54 0.07
C VAL K 213 32.27 -13.55 1.12
N ASP K 214 32.98 -14.66 1.18
CA ASP K 214 32.79 -15.61 2.27
C ASP K 214 34.18 -16.07 2.71
N LYS K 215 34.57 -15.66 3.91
CA LYS K 215 35.88 -15.97 4.47
C LYS K 215 35.75 -16.93 5.64
N ARG K 216 36.49 -18.03 5.56
CA ARG K 216 36.54 -19.00 6.64
C ARG K 216 37.42 -18.49 7.77
N VAL K 217 37.01 -18.77 9.00
CA VAL K 217 37.82 -18.47 10.18
C VAL K 217 38.10 -19.78 10.90
N GLU K 218 39.37 -20.01 11.20
CA GLU K 218 39.84 -21.26 11.77
C GLU K 218 41.02 -20.96 12.68
N PRO K 219 41.37 -21.87 13.62
CA PRO K 219 42.56 -21.81 14.48
C PRO K 219 43.76 -21.08 13.85
N THR L 10 -37.94 26.93 11.65
CA THR L 10 -37.06 27.83 12.38
C THR L 10 -35.65 27.81 11.77
N VAL L 11 -35.19 26.62 11.37
CA VAL L 11 -33.79 26.42 11.00
C VAL L 11 -33.53 26.84 9.57
N ASN L 12 -34.46 26.50 8.66
CA ASN L 12 -34.29 26.67 7.22
C ASN L 12 -33.80 28.05 6.85
N THR L 13 -33.95 29.04 7.73
CA THR L 13 -33.34 30.33 7.51
C THR L 13 -31.83 30.19 7.25
N LEU L 14 -31.13 29.45 8.12
CA LEU L 14 -29.69 29.33 8.00
C LEU L 14 -29.29 28.73 6.65
N SER L 15 -29.93 27.62 6.27
CA SER L 15 -29.57 26.93 5.05
C SER L 15 -29.87 27.77 3.81
N GLU L 16 -30.93 28.59 3.85
CA GLU L 16 -31.14 29.58 2.80
C GLU L 16 -29.97 30.56 2.76
N ARG L 17 -29.56 31.06 3.93
CA ARG L 17 -28.44 32.00 4.02
C ARG L 17 -27.16 31.40 3.43
N ILE L 18 -26.74 30.24 3.95
CA ILE L 18 -25.53 29.58 3.45
C ILE L 18 -25.56 29.49 1.93
N SER L 19 -26.71 29.14 1.36
CA SER L 19 -26.76 28.82 -0.05
C SER L 19 -26.55 30.07 -0.91
N SER L 20 -27.15 31.19 -0.50
CA SER L 20 -26.91 32.44 -1.22
C SER L 20 -25.46 32.86 -1.10
N LYS L 21 -24.88 32.78 0.11
CA LYS L 21 -23.50 33.19 0.32
C LYS L 21 -22.55 32.42 -0.58
N LEU L 22 -22.81 31.13 -0.80
CA LEU L 22 -21.93 30.32 -1.64
C LEU L 22 -22.02 30.74 -3.11
N GLU L 23 -23.17 31.29 -3.54
CA GLU L 23 -23.28 31.86 -4.89
C GLU L 23 -22.59 33.21 -4.95
N GLN L 24 -23.02 34.16 -4.12
CA GLN L 24 -22.39 35.46 -4.01
C GLN L 24 -20.87 35.35 -3.98
N GLU L 25 -20.33 34.64 -2.99
CA GLU L 25 -18.90 34.60 -2.68
C GLU L 25 -18.12 33.53 -3.45
N ALA L 26 -18.67 32.33 -3.58
CA ALA L 26 -17.89 31.20 -4.06
C ALA L 26 -18.17 30.81 -5.51
N ASN L 27 -19.15 31.45 -6.18
CA ASN L 27 -19.55 31.07 -7.54
C ASN L 27 -20.00 29.61 -7.60
N ALA L 28 -20.66 29.17 -6.54
CA ALA L 28 -21.21 27.83 -6.48
C ALA L 28 -22.62 27.82 -7.05
N SER L 29 -22.91 26.81 -7.86
CA SER L 29 -24.27 26.56 -8.32
C SER L 29 -24.60 25.11 -8.04
N ALA L 30 -25.89 24.78 -8.14
CA ALA L 30 -26.32 23.41 -7.92
C ALA L 30 -25.86 22.45 -9.02
N GLN L 31 -25.22 22.93 -10.09
CA GLN L 31 -24.79 22.05 -11.17
C GLN L 31 -23.31 22.19 -11.50
N THR L 32 -22.49 22.69 -10.57
CA THR L 32 -21.05 22.49 -10.68
C THR L 32 -20.70 21.12 -10.12
N LYS L 33 -19.77 20.44 -10.79
CA LYS L 33 -19.31 19.13 -10.31
C LYS L 33 -18.76 19.25 -8.89
N CYS L 34 -19.13 18.31 -8.04
CA CYS L 34 -18.61 18.25 -6.69
C CYS L 34 -17.32 17.47 -6.66
N ASP L 35 -16.33 18.00 -5.93
CA ASP L 35 -15.11 17.26 -5.66
C ASP L 35 -15.33 16.22 -4.58
N ILE L 36 -15.83 16.66 -3.44
CA ILE L 36 -16.22 15.79 -2.34
C ILE L 36 -17.72 15.55 -2.47
N GLU L 37 -18.12 14.28 -2.44
CA GLU L 37 -19.52 13.93 -2.41
C GLU L 37 -19.83 13.29 -1.06
N ILE L 38 -21.11 13.35 -0.68
CA ILE L 38 -21.59 12.72 0.55
C ILE L 38 -22.13 11.36 0.17
N GLY L 39 -21.53 10.31 0.71
CA GLY L 39 -22.12 9.02 0.46
C GLY L 39 -23.24 8.72 1.43
N ASN L 40 -22.88 8.15 2.58
CA ASN L 40 -23.83 7.73 3.59
C ASN L 40 -23.99 8.84 4.63
N PHE L 41 -25.21 9.30 4.81
CA PHE L 41 -25.59 10.27 5.83
C PHE L 41 -26.52 9.52 6.77
N TYR L 42 -26.04 9.19 7.97
CA TYR L 42 -26.70 8.22 8.83
C TYR L 42 -26.77 8.72 10.27
N ILE L 43 -27.91 8.49 10.92
CA ILE L 43 -28.18 8.92 12.30
C ILE L 43 -28.40 7.69 13.16
N ARG L 44 -27.56 7.52 14.18
CA ARG L 44 -27.62 6.33 15.03
C ARG L 44 -28.98 6.18 15.71
N GLN L 45 -29.48 7.24 16.33
CA GLN L 45 -30.87 7.32 16.76
C GLN L 45 -31.64 8.19 15.77
N ASN L 46 -32.97 8.09 15.81
CA ASN L 46 -33.79 8.84 14.86
C ASN L 46 -35.19 8.99 15.42
N HIS L 47 -35.52 10.19 15.88
CA HIS L 47 -36.84 10.48 16.43
C HIS L 47 -37.48 11.58 15.57
N GLY L 48 -37.85 11.21 14.36
CA GLY L 48 -38.58 12.09 13.47
C GLY L 48 -37.73 12.85 12.48
N CYS L 49 -36.47 12.48 12.30
CA CYS L 49 -35.52 13.24 11.51
C CYS L 49 -35.46 12.69 10.08
N ASN L 50 -35.69 13.55 9.10
CA ASN L 50 -35.56 13.20 7.70
C ASN L 50 -34.22 13.68 7.14
N ILE L 51 -33.60 12.84 6.32
CA ILE L 51 -32.24 13.01 5.86
C ILE L 51 -32.24 13.44 4.40
N THR L 52 -31.62 14.58 4.12
CA THR L 52 -31.44 15.01 2.74
C THR L 52 -30.08 15.71 2.60
N VAL L 53 -29.63 15.87 1.36
CA VAL L 53 -28.34 16.47 1.06
C VAL L 53 -28.49 17.38 -0.15
N LYS L 54 -27.93 18.59 -0.08
CA LYS L 54 -28.00 19.58 -1.15
C LYS L 54 -26.59 19.91 -1.61
N ASN L 55 -26.30 19.75 -2.90
CA ASN L 55 -24.95 19.91 -3.41
C ASN L 55 -24.83 21.31 -4.00
N MET L 56 -24.44 22.27 -3.16
CA MET L 56 -24.14 23.63 -3.67
C MET L 56 -22.62 23.69 -3.74
N CYS L 57 -22.03 22.98 -4.71
CA CYS L 57 -20.56 22.82 -4.72
C CYS L 57 -19.84 23.97 -5.45
N SER L 58 -18.67 24.35 -4.95
CA SER L 58 -17.83 25.38 -5.59
C SER L 58 -16.43 24.81 -5.76
N ALA L 59 -15.40 25.64 -5.67
CA ALA L 59 -14.01 25.13 -5.74
C ALA L 59 -13.08 26.06 -4.95
N ASP L 60 -13.66 26.94 -4.13
CA ASP L 60 -12.82 27.82 -3.27
C ASP L 60 -13.17 27.52 -1.82
N ALA L 61 -12.47 26.57 -1.20
CA ALA L 61 -12.75 26.15 0.19
C ALA L 61 -12.71 27.37 1.12
N ASP L 62 -11.68 28.19 0.99
CA ASP L 62 -11.55 29.39 1.84
C ASP L 62 -12.86 30.17 1.73
N ALA L 63 -13.36 30.34 0.51
CA ALA L 63 -14.61 31.09 0.30
C ALA L 63 -15.79 30.35 0.94
N GLN L 64 -15.91 29.05 0.68
CA GLN L 64 -17.00 28.26 1.30
C GLN L 64 -16.93 28.45 2.82
N LEU L 65 -15.75 28.24 3.39
CA LEU L 65 -15.57 28.42 4.85
C LEU L 65 -16.09 29.80 5.21
N ASP L 66 -15.66 30.80 4.47
CA ASP L 66 -16.07 32.20 4.76
C ASP L 66 -17.60 32.28 4.71
N ALA L 67 -18.22 31.75 3.66
CA ALA L 67 -19.68 31.82 3.50
C ALA L 67 -20.38 31.17 4.70
N VAL L 68 -20.02 29.94 5.03
CA VAL L 68 -20.75 29.23 6.11
C VAL L 68 -20.66 30.09 7.36
N LEU L 69 -19.52 30.75 7.55
CA LEU L 69 -19.33 31.60 8.76
C LEU L 69 -20.22 32.84 8.61
N SER L 70 -20.07 33.54 7.50
CA SER L 70 -20.89 34.76 7.25
C SER L 70 -22.36 34.45 7.53
N ALA L 71 -22.85 33.32 7.04
CA ALA L 71 -24.30 33.01 7.18
C ALA L 71 -24.66 32.71 8.64
N ALA L 72 -23.86 31.91 9.31
CA ALA L 72 -24.16 31.54 10.71
C ALA L 72 -23.95 32.76 11.60
N THR L 73 -23.32 33.80 11.07
CA THR L 73 -23.10 35.04 11.84
C THR L 73 -23.96 36.16 11.24
N VAL L 104 -19.76 34.51 20.99
CA VAL L 104 -19.99 33.24 20.32
C VAL L 104 -19.37 33.23 18.94
N VAL L 105 -19.57 34.33 18.19
CA VAL L 105 -19.01 34.44 16.85
C VAL L 105 -17.53 34.08 16.84
N ARG L 106 -16.75 34.68 17.75
CA ARG L 106 -15.33 34.34 17.87
C ARG L 106 -15.15 32.90 18.36
N ASP L 107 -15.88 32.52 19.42
CA ASP L 107 -15.77 31.17 19.94
C ASP L 107 -16.08 30.13 18.88
N PHE L 108 -17.08 30.36 18.05
CA PHE L 108 -17.33 29.52 16.89
C PHE L 108 -16.21 29.64 15.87
N GLU L 109 -15.93 30.87 15.43
CA GLU L 109 -14.86 31.11 14.46
C GLU L 109 -13.56 30.43 14.89
N ASN L 110 -13.32 30.35 16.19
CA ASN L 110 -12.17 29.65 16.73
C ASN L 110 -12.22 28.19 16.31
N TYR L 111 -13.17 27.44 16.87
CA TYR L 111 -13.36 26.03 16.57
C TYR L 111 -13.34 25.76 15.06
N VAL L 112 -14.04 26.57 14.28
CA VAL L 112 -14.07 26.35 12.84
C VAL L 112 -12.69 26.57 12.24
N LYS L 113 -12.13 27.77 12.43
CA LYS L 113 -10.84 28.05 11.80
C LYS L 113 -9.73 27.13 12.31
N GLN L 114 -9.93 26.45 13.45
CA GLN L 114 -8.95 25.47 13.92
C GLN L 114 -9.19 24.11 13.26
N THR L 115 -10.30 23.47 13.58
CA THR L 115 -10.55 22.11 13.12
C THR L 115 -10.60 22.02 11.60
N CYS L 116 -11.22 23.00 10.95
CA CYS L 116 -11.40 22.93 9.51
C CYS L 116 -10.15 23.32 8.74
N ASN L 117 -9.06 23.65 9.45
CA ASN L 117 -7.77 23.90 8.82
C ASN L 117 -6.75 22.83 9.15
N SER L 118 -7.15 21.80 9.89
CA SER L 118 -6.24 20.76 10.31
C SER L 118 -5.98 19.77 9.18
N SER L 119 -4.86 19.06 9.28
CA SER L 119 -4.50 18.07 8.26
C SER L 119 -5.56 16.98 8.13
N ALA L 120 -6.18 16.57 9.23
CA ALA L 120 -7.20 15.52 9.13
C ALA L 120 -8.35 15.95 8.23
N VAL L 121 -8.63 17.25 8.16
CA VAL L 121 -9.66 17.74 7.26
C VAL L 121 -9.04 18.08 5.91
N VAL L 122 -8.10 19.04 5.87
CA VAL L 122 -7.77 19.66 4.58
C VAL L 122 -6.88 18.79 3.71
N ASP L 123 -6.25 17.76 4.28
CA ASP L 123 -5.41 16.85 3.50
C ASP L 123 -6.09 15.52 3.24
N ASN L 124 -7.36 15.40 3.59
CA ASN L 124 -8.05 14.14 3.41
C ASN L 124 -8.52 14.00 1.97
N LYS L 125 -8.10 12.92 1.31
CA LYS L 125 -8.38 12.70 -0.10
C LYS L 125 -9.54 11.75 -0.31
N LEU L 126 -10.19 11.34 0.75
CA LEU L 126 -11.47 10.66 0.64
C LEU L 126 -12.43 11.50 -0.20
N LYS L 127 -12.79 11.03 -1.40
CA LYS L 127 -13.75 11.71 -2.26
C LYS L 127 -15.19 11.34 -1.94
N ILE L 128 -15.44 10.48 -0.96
CA ILE L 128 -16.80 10.16 -0.55
C ILE L 128 -16.83 10.09 0.95
N GLN L 129 -17.46 11.05 1.59
CA GLN L 129 -17.38 11.20 3.02
C GLN L 129 -18.74 10.96 3.63
N ASN L 130 -18.75 10.34 4.82
CA ASN L 130 -19.98 9.96 5.50
C ASN L 130 -20.28 10.94 6.62
N VAL L 131 -21.55 11.26 6.79
CA VAL L 131 -22.04 12.06 7.89
C VAL L 131 -22.77 11.15 8.88
N ILE L 132 -22.26 11.07 10.10
CA ILE L 132 -22.85 10.23 11.15
C ILE L 132 -23.24 11.12 12.32
N ILE L 133 -24.40 10.83 12.92
CA ILE L 133 -24.92 11.59 14.05
C ILE L 133 -25.53 10.62 15.06
N ASP L 134 -26.13 11.18 16.10
CA ASP L 134 -26.81 10.46 17.15
C ASP L 134 -28.02 11.32 17.53
N GLU L 135 -28.85 10.82 18.45
CA GLU L 135 -30.12 11.47 18.79
C GLU L 135 -30.94 11.72 17.53
N CYS L 136 -30.94 12.95 17.02
CA CYS L 136 -31.60 13.30 15.76
C CYS L 136 -31.44 14.79 15.56
N THR L 144 -38.78 16.47 11.39
CA THR L 144 -37.88 17.61 11.15
C THR L 144 -36.94 17.38 9.94
N ASN L 145 -37.00 18.29 8.97
CA ASN L 145 -36.11 18.24 7.80
C ASN L 145 -34.66 18.56 8.23
N LEU L 146 -33.70 17.80 7.71
CA LEU L 146 -32.29 17.95 8.11
C LEU L 146 -31.45 18.11 6.85
N GLU L 147 -31.49 19.29 6.25
CA GLU L 147 -30.82 19.52 4.98
C GLU L 147 -29.33 19.70 5.21
N PHE L 148 -28.52 18.84 4.59
CA PHE L 148 -27.06 18.95 4.65
C PHE L 148 -26.57 19.56 3.36
N ILE L 149 -25.74 20.58 3.48
CA ILE L 149 -25.18 21.28 2.34
C ILE L 149 -23.77 20.74 2.12
N ASN L 150 -23.55 20.15 0.94
CA ASN L 150 -22.23 19.69 0.55
C ASN L 150 -21.55 20.82 -0.24
N THR L 151 -20.45 21.35 0.30
CA THR L 151 -19.73 22.43 -0.33
C THR L 151 -18.77 21.96 -1.40
N GLY L 152 -18.53 20.66 -1.50
CA GLY L 152 -17.56 20.16 -2.43
C GLY L 152 -16.17 19.97 -1.87
N SER L 153 -15.87 20.53 -0.69
CA SER L 153 -14.55 20.45 -0.10
C SER L 153 -14.65 20.03 1.36
N SER L 154 -13.64 19.29 1.86
CA SER L 154 -13.64 18.89 3.26
C SER L 154 -13.59 20.09 4.18
N LYS L 155 -12.88 21.16 3.78
CA LYS L 155 -12.87 22.39 4.57
C LYS L 155 -14.27 22.96 4.74
N GLY L 156 -14.95 23.23 3.63
CA GLY L 156 -16.32 23.71 3.72
C GLY L 156 -17.23 22.76 4.46
N ASN L 157 -17.11 21.45 4.15
CA ASN L 157 -18.03 20.50 4.76
C ASN L 157 -17.74 20.27 6.23
N CYS L 158 -16.55 20.64 6.70
CA CYS L 158 -16.28 20.55 8.12
C CYS L 158 -17.00 21.68 8.85
N ALA L 159 -17.04 22.85 8.22
CA ALA L 159 -17.88 23.92 8.72
C ALA L 159 -19.34 23.49 8.77
N ILE L 160 -19.89 23.11 7.60
CA ILE L 160 -21.27 22.62 7.51
C ILE L 160 -21.53 21.56 8.58
N LYS L 161 -20.66 20.56 8.68
CA LYS L 161 -20.86 19.50 9.67
C LYS L 161 -21.02 20.04 11.09
N ALA L 162 -20.24 21.08 11.45
CA ALA L 162 -20.25 21.58 12.83
C ALA L 162 -21.52 22.36 13.18
N LEU L 163 -22.01 23.22 12.27
CA LEU L 163 -23.36 23.75 12.45
C LEU L 163 -24.39 22.63 12.43
N MET L 164 -24.27 21.71 11.47
CA MET L 164 -25.13 20.53 11.42
C MET L 164 -24.99 19.69 12.69
N GLN L 165 -23.79 19.66 13.30
CA GLN L 165 -23.63 19.01 14.58
C GLN L 165 -24.41 19.76 15.65
N LEU L 166 -24.43 21.09 15.53
CA LEU L 166 -25.08 21.95 16.51
C LEU L 166 -26.60 21.83 16.43
N THR L 167 -27.16 22.01 15.23
CA THR L 167 -28.60 22.03 15.03
C THR L 167 -29.30 20.77 15.56
N THR L 168 -28.57 19.71 15.87
CA THR L 168 -29.23 18.58 16.51
C THR L 168 -29.52 18.93 17.98
#